data_3ECD
#
_entry.id   3ECD
#
_cell.length_a   58.212
_cell.length_b   61.865
_cell.length_c   117.577
_cell.angle_alpha   97.790
_cell.angle_beta   89.970
_cell.angle_gamma   110.240
#
_symmetry.space_group_name_H-M   'P 1'
#
loop_
_entity.id
_entity.type
_entity.pdbx_description
1 polymer 'Serine hydroxymethyltransferase 2'
2 non-polymer GLYCEROL
3 water water
#
_entity_poly.entity_id   1
_entity_poly.type   'polypeptide(L)'
_entity_poly.pdbx_seq_one_letter_code
;SMSNANPFFSQSLAERDASVRGAILKELERQQSQVELIASENIVSRAVLDAQGSVLTNKYAEGYPGKRYYGGCEFADEVE
ALAIERVKRLFNAGHANVQPHSGAQANGAVMLALAKPGDTVLGMSLDAGGHLTHGAKPALSGKWFNALQYGVSRDTMLID
YDQVEALAQQHKPSLIIAGFSAYPRKLDFARFRAIADSVGAKLMVDMAHIAGVIAAGRHANPVEHAHVVTSTTHKTLRGP
RGGFVLTNDEEIAKKINSAVFPGLQGGPLMHVIAGKAVAFGEALTDDFKTYIDRVLANAQALGDVLKAGGVDLVTGGTDN
HLLLVDLRPKGLKGAQVEQALERAGITCNKNGIPFDPEKPTITSGIRLGTPAGTTRGFGAAEFREVGRLILEVFEALRTN
PEGDHATEQRVRREIFALCERFPIY
;
_entity_poly.pdbx_strand_id   A,B,C,D
#
loop_
_chem_comp.id
_chem_comp.type
_chem_comp.name
_chem_comp.formula
GOL non-polymer GLYCEROL 'C3 H8 O3'
#
# COMPACT_ATOMS: atom_id res chain seq x y z
N ASN A 4 38.55 24.04 -14.18
CA ASN A 4 39.16 24.13 -15.51
C ASN A 4 39.42 25.57 -15.84
N ALA A 5 40.46 25.86 -16.61
CA ALA A 5 40.86 27.23 -16.96
C ALA A 5 39.95 27.91 -17.98
N ASN A 6 39.11 27.14 -18.62
CA ASN A 6 38.40 27.60 -19.78
C ASN A 6 36.98 27.86 -19.36
N PRO A 7 36.44 29.06 -19.52
CA PRO A 7 35.13 29.36 -18.98
C PRO A 7 34.03 28.49 -19.59
N PHE A 8 34.32 27.97 -20.77
CA PHE A 8 33.39 27.07 -21.47
C PHE A 8 33.10 25.89 -20.56
N PHE A 9 34.13 25.49 -19.82
CA PHE A 9 34.07 24.31 -18.98
C PHE A 9 33.82 24.65 -17.52
N SER A 10 34.27 25.83 -17.12
CA SER A 10 34.36 26.18 -15.70
C SER A 10 33.15 26.96 -15.20
N GLN A 11 32.54 27.71 -16.09
CA GLN A 11 31.44 28.60 -15.70
C GLN A 11 30.08 27.97 -15.84
N SER A 12 29.24 28.30 -14.88
CA SER A 12 27.85 27.84 -14.85
C SER A 12 26.94 28.60 -15.79
N LEU A 13 25.78 28.02 -16.02
CA LEU A 13 24.73 28.67 -16.78
C LEU A 13 24.39 29.99 -16.10
N ALA A 14 24.32 29.94 -14.78
CA ALA A 14 23.95 31.13 -13.99
C ALA A 14 24.89 32.30 -14.28
N GLU A 15 26.15 31.97 -14.52
CA GLU A 15 27.20 32.97 -14.73
C GLU A 15 27.26 33.43 -16.18
N ARG A 16 26.81 32.56 -17.09
CA ARG A 16 27.03 32.75 -18.52
C ARG A 16 25.81 33.28 -19.29
N ASP A 17 24.63 32.87 -18.85
CA ASP A 17 23.40 33.13 -19.59
C ASP A 17 22.29 33.65 -18.69
N ALA A 18 22.28 34.96 -18.52
CA ALA A 18 21.40 35.60 -17.55
C ALA A 18 19.94 35.33 -17.88
N SER A 19 19.64 35.34 -19.18
CA SER A 19 18.25 35.27 -19.60
C SER A 19 17.71 33.87 -19.34
N VAL A 20 18.52 32.86 -19.62
CA VAL A 20 18.04 31.48 -19.43
C VAL A 20 18.00 31.19 -17.95
N ARG A 21 18.96 31.75 -17.23
CA ARG A 21 19.04 31.53 -15.77
C ARG A 21 17.79 32.10 -15.14
N GLY A 22 17.34 33.23 -15.67
CA GLY A 22 16.17 33.93 -15.12
C GLY A 22 14.94 33.08 -15.33
N ALA A 23 14.92 32.42 -16.48
CA ALA A 23 13.77 31.63 -16.89
C ALA A 23 13.72 30.43 -15.96
N ILE A 24 14.89 29.93 -15.63
CA ILE A 24 15.02 28.72 -14.81
C ILE A 24 14.58 29.06 -13.39
N LEU A 25 14.98 30.23 -12.93
CA LEU A 25 14.62 30.69 -11.58
C LEU A 25 13.12 30.90 -11.44
N LYS A 26 12.52 31.43 -12.50
CA LYS A 26 11.07 31.65 -12.52
C LYS A 26 10.34 30.32 -12.45
N GLU A 27 10.87 29.34 -13.16
CA GLU A 27 10.27 28.00 -13.16
C GLU A 27 10.40 27.39 -11.79
N LEU A 28 11.55 27.60 -11.16
CA LEU A 28 11.78 27.04 -9.83
C LEU A 28 10.75 27.63 -8.88
N GLU A 29 10.47 28.92 -9.05
CA GLU A 29 9.59 29.63 -8.12
C GLU A 29 8.17 29.11 -8.30
N ARG A 30 7.86 28.74 -9.53
CA ARG A 30 6.52 28.25 -9.85
C ARG A 30 6.32 26.95 -9.11
N GLN A 31 7.36 26.12 -9.14
CA GLN A 31 7.29 24.78 -8.55
C GLN A 31 7.32 24.89 -7.04
N GLN A 32 8.00 25.93 -6.57
CA GLN A 32 8.24 26.10 -5.13
C GLN A 32 7.01 26.61 -4.42
N SER A 33 6.28 27.51 -5.07
CA SER A 33 5.25 28.31 -4.38
C SER A 33 3.82 27.97 -4.78
N GLN A 34 3.67 27.00 -5.68
CA GLN A 34 2.34 26.49 -6.01
C GLN A 34 2.22 25.03 -5.63
N VAL A 35 0.98 24.62 -5.39
CA VAL A 35 0.66 23.21 -5.17
C VAL A 35 0.25 22.54 -6.48
N GLU A 36 1.07 21.57 -6.86
CA GLU A 36 0.86 20.81 -8.10
C GLU A 36 0.02 19.58 -7.82
N LEU A 37 -1.17 19.55 -8.40
CA LEU A 37 -2.10 18.43 -8.24
C LEU A 37 -2.40 17.71 -9.57
N ILE A 38 -1.72 18.12 -10.63
CA ILE A 38 -1.80 17.38 -11.89
C ILE A 38 -1.26 15.97 -11.64
N ALA A 39 -2.07 14.98 -11.92
CA ALA A 39 -1.83 13.62 -11.41
C ALA A 39 -0.59 12.98 -12.04
N SER A 40 -0.18 13.51 -13.17
CA SER A 40 0.97 12.95 -13.89
C SER A 40 2.25 13.72 -13.62
N GLU A 41 2.13 14.77 -12.82
CA GLU A 41 3.29 15.61 -12.52
C GLU A 41 4.00 15.09 -11.29
N ASN A 42 5.30 15.35 -11.25
CA ASN A 42 6.12 15.02 -10.09
C ASN A 42 7.35 15.91 -10.04
N ILE A 43 8.14 15.65 -9.02
CA ILE A 43 9.35 16.42 -8.74
C ILE A 43 10.51 15.45 -8.56
N VAL A 44 11.44 15.47 -9.50
CA VAL A 44 12.54 14.50 -9.49
C VAL A 44 13.62 14.86 -8.50
N SER A 45 14.34 13.82 -8.07
CA SER A 45 15.43 13.96 -7.11
C SER A 45 16.58 14.73 -7.70
N ARG A 46 17.40 15.28 -6.82
CA ARG A 46 18.65 15.94 -7.22
C ARG A 46 19.51 14.95 -8.03
N ALA A 47 19.46 13.69 -7.61
CA ALA A 47 20.25 12.62 -8.26
C ALA A 47 19.80 12.49 -9.72
N VAL A 48 18.50 12.56 -9.96
CA VAL A 48 17.99 12.41 -11.33
C VAL A 48 18.43 13.61 -12.18
N LEU A 49 18.44 14.77 -11.54
CA LEU A 49 18.87 16.00 -12.20
C LEU A 49 20.34 15.87 -12.58
N ASP A 50 21.11 15.29 -11.67
CA ASP A 50 22.56 15.14 -11.89
C ASP A 50 22.78 14.26 -13.10
N ALA A 51 21.95 13.23 -13.22
CA ALA A 51 22.11 12.31 -14.33
C ALA A 51 21.78 12.97 -15.65
N GLN A 52 20.67 13.71 -15.64
CA GLN A 52 20.21 14.34 -16.85
C GLN A 52 21.15 15.44 -17.31
N GLY A 53 21.85 15.97 -16.35
CA GLY A 53 22.84 16.99 -16.58
C GLY A 53 24.25 16.48 -16.65
N SER A 54 24.38 15.20 -16.87
CA SER A 54 25.70 14.55 -16.96
C SER A 54 26.31 14.59 -18.35
N VAL A 55 27.59 14.27 -18.36
CA VAL A 55 28.39 14.27 -19.59
C VAL A 55 27.96 13.17 -20.55
N LEU A 56 27.02 12.36 -20.12
CA LEU A 56 26.53 11.24 -20.96
C LEU A 56 25.86 11.76 -22.23
N THR A 57 25.62 13.05 -22.24
CA THR A 57 24.95 13.69 -23.39
C THR A 57 25.87 13.67 -24.61
N ASN A 58 27.17 13.59 -24.33
CA ASN A 58 28.23 13.66 -25.36
C ASN A 58 28.54 12.27 -25.90
N LYS A 59 27.51 11.60 -26.36
CA LYS A 59 27.64 10.26 -26.91
C LYS A 59 26.56 9.93 -27.92
N TYR A 60 26.94 9.10 -28.89
CA TYR A 60 26.02 8.56 -29.89
C TYR A 60 25.31 9.65 -30.70
N ALA A 61 26.10 10.63 -31.12
CA ALA A 61 25.57 11.76 -31.89
C ALA A 61 25.02 11.31 -33.23
N GLU A 62 25.50 10.17 -33.69
CA GLU A 62 25.18 9.63 -35.01
C GLU A 62 24.13 8.54 -34.85
N GLY A 63 23.73 8.40 -33.60
CA GLY A 63 22.69 7.44 -33.21
C GLY A 63 23.27 6.08 -32.92
N ALA A 76 24.70 -4.39 -23.14
CA ALA A 76 24.87 -3.07 -23.75
C ALA A 76 25.70 -2.15 -22.89
N ASP A 77 25.38 -0.87 -23.06
CA ASP A 77 26.01 0.23 -22.35
C ASP A 77 25.73 0.14 -20.87
N GLU A 78 26.71 0.49 -20.05
CA GLU A 78 26.64 0.24 -18.60
C GLU A 78 25.39 0.84 -17.94
N VAL A 79 25.07 2.09 -18.28
CA VAL A 79 23.94 2.75 -17.64
C VAL A 79 22.66 2.09 -18.09
N GLU A 80 22.67 1.60 -19.31
CA GLU A 80 21.46 0.97 -19.87
C GLU A 80 21.28 -0.39 -19.20
N ALA A 81 22.39 -1.08 -19.00
CA ALA A 81 22.35 -2.40 -18.36
C ALA A 81 21.84 -2.26 -16.93
N LEU A 82 22.25 -1.17 -16.30
CA LEU A 82 21.83 -0.89 -14.92
C LEU A 82 20.33 -0.64 -14.90
N ALA A 83 19.86 0.15 -15.85
CA ALA A 83 18.44 0.49 -15.90
C ALA A 83 17.65 -0.79 -16.07
N ILE A 84 18.13 -1.62 -16.99
CA ILE A 84 17.44 -2.87 -17.31
C ILE A 84 17.37 -3.79 -16.09
N GLU A 85 18.51 -3.97 -15.43
CA GLU A 85 18.61 -4.88 -14.28
C GLU A 85 17.63 -4.41 -13.22
N ARG A 86 17.60 -3.11 -13.05
CA ARG A 86 16.86 -2.50 -11.95
C ARG A 86 15.36 -2.60 -12.17
N VAL A 87 14.91 -2.29 -13.37
CA VAL A 87 13.47 -2.28 -13.66
C VAL A 87 12.93 -3.70 -13.67
N LYS A 88 13.78 -4.63 -14.09
CA LYS A 88 13.43 -6.06 -14.06
C LYS A 88 13.19 -6.53 -12.64
N ARG A 89 14.08 -6.13 -11.75
CA ARG A 89 13.96 -6.49 -10.33
C ARG A 89 12.74 -5.81 -9.71
N LEU A 90 12.49 -4.59 -10.15
CA LEU A 90 11.46 -3.74 -9.55
C LEU A 90 10.08 -4.31 -9.83
N PHE A 91 9.93 -4.85 -11.02
CA PHE A 91 8.62 -5.33 -11.50
C PHE A 91 8.60 -6.84 -11.70
N ASN A 92 9.66 -7.50 -11.25
CA ASN A 92 9.76 -8.94 -11.34
C ASN A 92 9.48 -9.41 -12.76
N ALA A 93 10.09 -8.70 -13.70
CA ALA A 93 9.97 -8.98 -15.13
C ALA A 93 11.20 -9.68 -15.69
N GLY A 94 10.98 -10.61 -16.61
CA GLY A 94 12.07 -11.41 -17.16
C GLY A 94 12.85 -10.62 -18.19
N HIS A 95 12.19 -9.62 -18.76
CA HIS A 95 12.77 -8.82 -19.85
C HIS A 95 12.31 -7.38 -19.84
N ALA A 96 13.20 -6.51 -20.25
CA ALA A 96 12.92 -5.06 -20.30
C ALA A 96 13.62 -4.38 -21.45
N ASN A 97 12.93 -3.36 -21.96
CA ASN A 97 13.48 -2.42 -22.94
C ASN A 97 13.24 -1.01 -22.39
N VAL A 98 14.30 -0.25 -22.25
CA VAL A 98 14.24 1.05 -21.56
C VAL A 98 14.55 2.19 -22.51
N GLN A 99 14.43 1.89 -23.79
CA GLN A 99 14.78 2.82 -24.85
C GLN A 99 13.74 3.86 -25.25
N PRO A 100 12.46 3.52 -25.20
CA PRO A 100 11.44 4.47 -25.65
C PRO A 100 11.58 5.86 -25.05
N HIS A 101 11.35 6.86 -25.89
CA HIS A 101 11.52 8.27 -25.49
C HIS A 101 10.28 8.77 -24.80
N SER A 102 9.24 7.97 -24.90
CA SER A 102 7.95 8.31 -24.29
C SER A 102 7.06 7.10 -24.11
N GLY A 103 6.02 7.34 -23.35
CA GLY A 103 5.04 6.31 -23.07
C GLY A 103 4.30 5.94 -24.34
N ALA A 104 4.04 6.97 -25.15
CA ALA A 104 3.26 6.80 -26.37
C ALA A 104 4.10 5.98 -27.35
N GLN A 105 5.40 6.22 -27.30
CA GLN A 105 6.34 5.54 -28.22
C GLN A 105 6.42 4.07 -27.83
N ALA A 106 6.32 3.82 -26.53
CA ALA A 106 6.37 2.46 -26.00
C ALA A 106 5.11 1.75 -26.43
N ASN A 107 3.99 2.43 -26.27
CA ASN A 107 2.69 1.86 -26.61
C ASN A 107 2.67 1.54 -28.09
N GLY A 108 3.25 2.46 -28.84
CA GLY A 108 3.17 2.39 -30.30
C GLY A 108 3.91 1.18 -30.79
N ALA A 109 5.03 0.92 -30.14
CA ALA A 109 5.94 -0.15 -30.56
C ALA A 109 5.28 -1.50 -30.27
N VAL A 110 4.62 -1.55 -29.13
CA VAL A 110 4.02 -2.81 -28.68
C VAL A 110 2.84 -3.14 -29.57
N MET A 111 2.15 -2.09 -30.01
CA MET A 111 0.96 -2.27 -30.83
C MET A 111 1.36 -2.85 -32.19
N LEU A 112 2.54 -2.46 -32.64
CA LEU A 112 3.05 -2.91 -33.94
C LEU A 112 3.64 -4.30 -33.80
N ALA A 113 4.12 -4.59 -32.60
CA ALA A 113 4.68 -5.90 -32.31
C ALA A 113 3.58 -6.93 -32.42
N LEU A 114 2.52 -6.63 -31.68
CA LEU A 114 1.48 -7.61 -31.35
C LEU A 114 0.27 -7.61 -32.27
N ALA A 115 0.10 -6.52 -33.01
CA ALA A 115 -1.09 -6.35 -33.84
C ALA A 115 -0.73 -6.09 -35.29
N LYS A 116 -1.58 -6.60 -36.17
CA LYS A 116 -1.42 -6.44 -37.61
C LYS A 116 -2.31 -5.30 -38.13
N PRO A 117 -1.87 -4.61 -39.19
CA PRO A 117 -2.76 -3.57 -39.70
C PRO A 117 -4.11 -4.14 -40.08
N GLY A 118 -5.14 -3.42 -39.67
CA GLY A 118 -6.51 -3.77 -39.99
C GLY A 118 -7.14 -4.52 -38.84
N ASP A 119 -6.29 -4.99 -37.94
CA ASP A 119 -6.76 -5.66 -36.72
C ASP A 119 -7.64 -4.74 -35.91
N THR A 120 -8.57 -5.36 -35.19
CA THR A 120 -9.40 -4.68 -34.20
C THR A 120 -8.67 -4.74 -32.87
N VAL A 121 -8.56 -3.57 -32.25
CA VAL A 121 -7.92 -3.43 -30.94
C VAL A 121 -8.93 -2.83 -29.97
N LEU A 122 -9.03 -3.46 -28.82
CA LEU A 122 -10.03 -3.09 -27.82
C LEU A 122 -9.34 -2.54 -26.60
N GLY A 123 -9.55 -1.26 -26.35
CA GLY A 123 -8.86 -0.53 -25.27
C GLY A 123 -9.77 0.33 -24.42
N MET A 124 -9.28 0.66 -23.24
CA MET A 124 -10.05 1.49 -22.32
C MET A 124 -10.07 2.95 -22.71
N SER A 125 -11.25 3.51 -22.54
CA SER A 125 -11.44 4.96 -22.61
C SER A 125 -12.45 5.39 -21.55
N LEU A 126 -12.10 6.46 -20.84
CA LEU A 126 -12.98 7.04 -19.82
C LEU A 126 -13.77 8.21 -20.40
N PHE A 145 -5.29 0.37 -37.43
CA PHE A 145 -6.14 -0.44 -36.55
C PHE A 145 -7.57 0.04 -36.51
N ASN A 146 -8.45 -0.93 -36.29
CA ASN A 146 -9.85 -0.67 -35.96
C ASN A 146 -9.93 -0.55 -34.45
N ALA A 147 -9.89 0.69 -33.98
CA ALA A 147 -9.84 0.99 -32.55
C ALA A 147 -11.23 1.03 -31.95
N LEU A 148 -11.44 0.11 -31.03
CA LEU A 148 -12.68 0.01 -30.28
C LEU A 148 -12.42 0.27 -28.81
N GLN A 149 -13.44 0.81 -28.15
CA GLN A 149 -13.31 1.22 -26.75
C GLN A 149 -14.28 0.53 -25.83
N TYR A 150 -13.79 0.29 -24.63
CA TYR A 150 -14.66 -0.02 -23.50
C TYR A 150 -14.43 1.02 -22.42
N GLY A 151 -15.44 1.22 -21.60
CA GLY A 151 -15.35 2.14 -20.48
C GLY A 151 -15.90 1.54 -19.21
N VAL A 152 -16.47 2.38 -18.38
CA VAL A 152 -17.10 1.94 -17.14
C VAL A 152 -18.59 1.78 -17.36
N SER A 153 -19.20 1.10 -16.40
CA SER A 153 -20.65 0.84 -16.42
C SER A 153 -21.42 2.11 -16.07
N ARG A 154 -22.47 2.38 -16.82
CA ARG A 154 -23.30 3.54 -16.56
C ARG A 154 -23.99 3.34 -15.23
N ASP A 155 -23.96 2.10 -14.80
CA ASP A 155 -24.67 1.68 -13.60
C ASP A 155 -23.81 1.93 -12.38
N THR A 156 -22.68 1.24 -12.38
CA THR A 156 -21.78 1.16 -11.21
C THR A 156 -20.64 2.16 -11.29
N MET A 157 -20.38 2.64 -12.50
CA MET A 157 -19.35 3.63 -12.72
C MET A 157 -17.99 2.95 -12.56
N LEU A 158 -18.05 1.63 -12.56
CA LEU A 158 -16.85 0.78 -12.54
C LEU A 158 -16.75 -0.05 -13.81
N ILE A 159 -15.54 -0.55 -14.10
CA ILE A 159 -15.39 -1.54 -15.16
C ILE A 159 -16.28 -2.73 -14.87
N ASP A 160 -17.05 -3.12 -15.87
CA ASP A 160 -17.86 -4.34 -15.81
C ASP A 160 -17.20 -5.36 -16.71
N TYR A 161 -16.58 -6.36 -16.11
CA TYR A 161 -15.72 -7.29 -16.86
C TYR A 161 -16.53 -8.18 -17.78
N ASP A 162 -17.77 -8.40 -17.41
CA ASP A 162 -18.66 -9.21 -18.24
C ASP A 162 -19.04 -8.41 -19.48
N GLN A 163 -19.21 -7.11 -19.30
CA GLN A 163 -19.53 -6.22 -20.40
C GLN A 163 -18.36 -6.17 -21.36
N VAL A 164 -17.17 -6.14 -20.79
CA VAL A 164 -15.95 -6.05 -21.59
C VAL A 164 -15.77 -7.35 -22.36
N GLU A 165 -16.09 -8.44 -21.68
CA GLU A 165 -15.93 -9.77 -22.28
C GLU A 165 -16.88 -9.92 -23.46
N ALA A 166 -18.08 -9.40 -23.28
CA ALA A 166 -19.09 -9.47 -24.34
C ALA A 166 -18.64 -8.68 -25.56
N LEU A 167 -17.98 -7.56 -25.31
CA LEU A 167 -17.46 -6.71 -26.40
C LEU A 167 -16.39 -7.48 -27.16
N ALA A 168 -15.56 -8.17 -26.41
CA ALA A 168 -14.46 -8.95 -26.99
C ALA A 168 -15.02 -10.07 -27.85
N GLN A 169 -16.06 -10.71 -27.35
CA GLN A 169 -16.63 -11.87 -28.02
C GLN A 169 -17.26 -11.42 -29.32
N GLN A 170 -17.78 -10.20 -29.31
CA GLN A 170 -18.55 -9.73 -30.46
C GLN A 170 -17.62 -9.24 -31.56
N HIS A 171 -16.55 -8.58 -31.14
CA HIS A 171 -15.71 -7.83 -32.08
C HIS A 171 -14.41 -8.55 -32.41
N LYS A 172 -14.12 -9.58 -31.63
CA LYS A 172 -12.95 -10.41 -31.84
C LYS A 172 -11.66 -9.60 -32.06
N PRO A 173 -11.27 -8.81 -31.07
CA PRO A 173 -10.01 -8.08 -31.20
C PRO A 173 -8.83 -9.01 -31.13
N SER A 174 -7.73 -8.59 -31.77
CA SER A 174 -6.51 -9.38 -31.76
C SER A 174 -5.66 -8.95 -30.59
N LEU A 175 -6.03 -7.78 -30.06
CA LEU A 175 -5.30 -7.15 -28.97
C LEU A 175 -6.24 -6.39 -28.06
N ILE A 176 -6.13 -6.68 -26.77
CA ILE A 176 -6.84 -5.94 -25.73
C ILE A 176 -5.84 -5.15 -24.93
N ILE A 177 -6.17 -3.89 -24.70
CA ILE A 177 -5.37 -2.99 -23.89
C ILE A 177 -6.11 -2.61 -22.63
N ALA A 178 -5.42 -2.81 -21.51
CA ALA A 178 -5.92 -2.41 -20.20
C ALA A 178 -4.99 -1.35 -19.61
N GLY A 179 -5.54 -0.60 -18.68
CA GLY A 179 -4.86 0.58 -18.14
C GLY A 179 -5.09 1.73 -19.08
N PHE A 180 -4.02 2.44 -19.34
CA PHE A 180 -3.99 3.55 -20.30
C PHE A 180 -4.76 4.76 -19.78
N SER A 181 -5.93 4.49 -19.21
CA SER A 181 -6.80 5.55 -18.70
C SER A 181 -6.49 5.86 -17.27
N ALA A 182 -6.75 7.11 -16.89
CA ALA A 182 -6.57 7.58 -15.51
C ALA A 182 -7.76 7.18 -14.65
N TYR A 183 -7.82 5.88 -14.40
CA TYR A 183 -8.93 5.23 -13.69
C TYR A 183 -8.56 5.09 -12.21
N PRO A 184 -9.44 5.56 -11.30
CA PRO A 184 -9.04 5.64 -9.90
C PRO A 184 -9.32 4.40 -9.06
N ARG A 185 -9.61 3.29 -9.72
CA ARG A 185 -9.82 2.04 -9.00
C ARG A 185 -8.95 0.92 -9.53
N LYS A 186 -8.88 -0.14 -8.75
CA LYS A 186 -8.08 -1.31 -9.09
C LYS A 186 -8.50 -1.88 -10.42
N LEU A 187 -7.52 -2.42 -11.13
CA LEU A 187 -7.74 -3.16 -12.39
C LEU A 187 -7.42 -4.62 -12.21
N ASP A 188 -8.35 -5.46 -12.61
CA ASP A 188 -8.21 -6.91 -12.44
C ASP A 188 -7.53 -7.51 -13.65
N PHE A 189 -6.21 -7.55 -13.59
CA PHE A 189 -5.42 -7.94 -14.77
C PHE A 189 -5.62 -9.43 -15.10
N ALA A 190 -5.89 -10.20 -14.07
CA ALA A 190 -6.04 -11.64 -14.23
C ALA A 190 -7.26 -11.89 -15.10
N ARG A 191 -8.27 -11.06 -14.86
CA ARG A 191 -9.56 -11.20 -15.53
C ARG A 191 -9.44 -10.68 -16.95
N PHE A 192 -8.67 -9.62 -17.12
CA PHE A 192 -8.40 -9.12 -18.47
C PHE A 192 -7.71 -10.20 -19.29
N ARG A 193 -6.82 -10.95 -18.64
CA ARG A 193 -6.07 -12.00 -19.36
C ARG A 193 -7.01 -13.13 -19.75
N ALA A 194 -7.96 -13.41 -18.86
CA ALA A 194 -8.93 -14.49 -19.09
C ALA A 194 -9.82 -14.11 -20.27
N ILE A 195 -10.18 -12.83 -20.31
CA ILE A 195 -11.03 -12.31 -21.38
C ILE A 195 -10.27 -12.43 -22.69
N ALA A 196 -9.01 -12.02 -22.66
CA ALA A 196 -8.18 -12.06 -23.86
C ALA A 196 -8.07 -13.49 -24.39
N ASP A 197 -7.82 -14.41 -23.48
CA ASP A 197 -7.63 -15.83 -23.82
C ASP A 197 -8.88 -16.34 -24.52
N SER A 198 -10.02 -15.85 -24.06
CA SER A 198 -11.31 -16.41 -24.48
C SER A 198 -11.59 -16.12 -25.94
N VAL A 199 -10.89 -15.14 -26.48
CA VAL A 199 -11.04 -14.74 -27.90
C VAL A 199 -9.73 -14.78 -28.69
N GLY A 200 -8.69 -15.30 -28.04
CA GLY A 200 -7.42 -15.52 -28.72
C GLY A 200 -6.65 -14.24 -28.96
N ALA A 201 -6.97 -13.24 -28.14
CA ALA A 201 -6.28 -11.94 -28.18
C ALA A 201 -5.08 -11.90 -27.25
N LYS A 202 -4.11 -11.08 -27.61
CA LYS A 202 -3.01 -10.70 -26.69
C LYS A 202 -3.52 -9.64 -25.74
N LEU A 203 -2.90 -9.60 -24.56
CA LEU A 203 -3.17 -8.55 -23.57
C LEU A 203 -1.98 -7.65 -23.39
N MET A 204 -2.23 -6.36 -23.60
CA MET A 204 -1.26 -5.32 -23.27
C MET A 204 -1.81 -4.49 -22.12
N VAL A 205 -0.93 -4.18 -21.18
CA VAL A 205 -1.26 -3.26 -20.10
C VAL A 205 -0.33 -2.06 -20.16
N ASP A 206 -0.95 -0.89 -20.25
CA ASP A 206 -0.24 0.38 -20.14
C ASP A 206 -0.41 0.86 -18.71
N MET A 207 0.64 0.71 -17.93
CA MET A 207 0.57 1.00 -16.49
C MET A 207 1.11 2.40 -16.16
N ALA A 208 1.22 3.24 -17.19
CA ALA A 208 1.83 4.56 -17.02
C ALA A 208 1.26 5.33 -15.83
N HIS A 209 -0.05 5.27 -15.68
CA HIS A 209 -0.73 6.13 -14.70
C HIS A 209 -0.55 5.63 -13.27
N ILE A 210 -0.08 4.38 -13.13
CA ILE A 210 -0.01 3.72 -11.81
C ILE A 210 1.27 2.91 -11.58
N ALA A 211 2.28 3.14 -12.41
CA ALA A 211 3.50 2.33 -12.39
C ALA A 211 4.16 2.33 -11.03
N GLY A 212 4.13 3.49 -10.37
CA GLY A 212 4.82 3.66 -9.09
C GLY A 212 4.11 2.89 -7.99
N VAL A 213 2.80 2.80 -8.14
CA VAL A 213 1.95 2.14 -7.14
C VAL A 213 2.22 0.65 -7.24
N ILE A 214 2.34 0.19 -8.49
CA ILE A 214 2.64 -1.22 -8.75
C ILE A 214 4.05 -1.53 -8.27
N ALA A 215 4.95 -0.59 -8.51
CA ALA A 215 6.36 -0.80 -8.19
C ALA A 215 6.53 -1.02 -6.70
N ALA A 216 5.66 -0.39 -5.92
CA ALA A 216 5.74 -0.43 -4.45
C ALA A 216 5.00 -1.66 -3.90
N GLY A 217 4.31 -2.34 -4.78
CA GLY A 217 3.56 -3.55 -4.42
C GLY A 217 2.17 -3.26 -3.90
N ARG A 218 1.69 -2.07 -4.22
CA ARG A 218 0.40 -1.59 -3.72
C ARG A 218 -0.72 -1.69 -4.74
N HIS A 219 -0.39 -2.32 -5.84
CA HIS A 219 -1.38 -2.73 -6.87
C HIS A 219 -0.88 -3.99 -7.56
N ALA A 220 -1.82 -4.86 -7.91
CA ALA A 220 -1.47 -6.08 -8.65
C ALA A 220 -0.59 -5.76 -9.83
N ASN A 221 0.39 -6.61 -10.04
CA ASN A 221 1.40 -6.43 -11.07
C ASN A 221 1.00 -7.05 -12.40
N PRO A 222 0.83 -6.21 -13.44
CA PRO A 222 0.31 -6.75 -14.69
C PRO A 222 1.30 -7.64 -15.44
N VAL A 223 2.56 -7.63 -15.02
CA VAL A 223 3.58 -8.43 -15.69
C VAL A 223 3.20 -9.92 -15.56
N GLU A 224 2.47 -10.22 -14.48
CA GLU A 224 2.07 -11.59 -14.19
C GLU A 224 0.90 -12.04 -15.07
N HIS A 225 0.32 -11.12 -15.83
CA HIS A 225 -0.93 -11.43 -16.55
C HIS A 225 -0.97 -11.01 -18.00
N ALA A 226 -0.33 -9.89 -18.27
CA ALA A 226 -0.26 -9.34 -19.62
C ALA A 226 0.87 -9.99 -20.41
N HIS A 227 0.70 -10.06 -21.72
CA HIS A 227 1.78 -10.51 -22.60
C HIS A 227 2.91 -9.51 -22.58
N VAL A 228 2.51 -8.25 -22.42
CA VAL A 228 3.45 -7.12 -22.47
C VAL A 228 2.91 -5.96 -21.65
N VAL A 229 3.82 -5.28 -20.97
CA VAL A 229 3.46 -4.11 -20.17
C VAL A 229 4.28 -2.92 -20.63
N THR A 230 3.59 -1.81 -20.79
CA THR A 230 4.24 -0.54 -21.12
C THR A 230 4.06 0.48 -20.02
N SER A 231 4.97 1.43 -20.02
CA SER A 231 4.96 2.49 -19.02
C SER A 231 5.82 3.67 -19.38
N THR A 232 5.58 4.73 -18.63
CA THR A 232 6.42 5.91 -18.61
C THR A 232 7.36 5.79 -17.42
N THR A 233 8.43 6.59 -17.45
CA THR A 233 9.41 6.60 -16.38
C THR A 233 9.24 7.80 -15.45
N HIS A 234 8.39 8.72 -15.86
CA HIS A 234 8.04 9.89 -15.01
C HIS A 234 6.75 9.59 -14.22
N LYS A 235 5.94 10.61 -14.00
CA LYS A 235 4.72 10.42 -13.21
C LYS A 235 5.04 9.77 -11.87
N THR A 236 4.32 8.68 -11.55
CA THR A 236 4.48 8.10 -10.20
C THR A 236 5.81 7.39 -10.00
N LEU A 237 6.58 7.24 -11.07
CA LEU A 237 7.93 6.63 -10.96
C LEU A 237 9.00 7.70 -10.74
N ARG A 238 8.59 8.95 -10.90
CA ARG A 238 9.38 10.10 -10.46
C ARG A 238 10.73 10.16 -11.15
N GLY A 239 10.76 9.70 -12.38
CA GLY A 239 11.95 9.83 -13.22
C GLY A 239 11.84 10.83 -14.35
N PRO A 240 12.82 10.82 -15.26
CA PRO A 240 12.75 11.65 -16.45
C PRO A 240 11.61 11.19 -17.36
N ARG A 241 11.21 12.06 -18.28
CA ARG A 241 10.24 11.66 -19.29
C ARG A 241 10.86 10.54 -20.10
N GLY A 242 10.04 9.56 -20.41
CA GLY A 242 10.53 8.41 -21.16
C GLY A 242 9.60 7.24 -20.98
N GLY A 243 9.88 6.17 -21.70
CA GLY A 243 9.09 4.96 -21.58
C GLY A 243 9.93 3.71 -21.41
N PHE A 244 9.23 2.64 -21.09
CA PHE A 244 9.82 1.31 -21.10
C PHE A 244 8.77 0.24 -21.33
N VAL A 245 9.28 -0.95 -21.57
CA VAL A 245 8.46 -2.11 -21.91
C VAL A 245 8.97 -3.33 -21.17
N LEU A 246 8.02 -4.07 -20.59
CA LEU A 246 8.31 -5.29 -19.83
C LEU A 246 7.56 -6.48 -20.38
N THR A 247 8.19 -7.64 -20.23
CA THR A 247 7.51 -8.92 -20.50
C THR A 247 8.26 -10.07 -19.84
N ASN A 248 7.52 -11.13 -19.55
CA ASN A 248 8.11 -12.35 -18.98
C ASN A 248 8.47 -13.33 -20.09
N ASP A 249 8.05 -12.96 -21.29
CA ASP A 249 8.18 -13.82 -22.49
C ASP A 249 9.30 -13.39 -23.44
N GLU A 250 10.31 -14.25 -23.52
CA GLU A 250 11.54 -13.89 -24.24
C GLU A 250 11.28 -13.63 -25.71
N GLU A 251 10.33 -14.37 -26.28
CA GLU A 251 10.05 -14.27 -27.71
C GLU A 251 9.37 -12.94 -27.98
N ILE A 252 8.54 -12.52 -27.05
CA ILE A 252 7.83 -11.24 -27.18
C ILE A 252 8.85 -10.13 -26.99
N ALA A 253 9.79 -10.37 -26.10
CA ALA A 253 10.84 -9.39 -25.83
C ALA A 253 11.63 -9.12 -27.10
N LYS A 254 11.94 -10.19 -27.82
CA LYS A 254 12.72 -10.05 -29.06
C LYS A 254 11.95 -9.19 -30.03
N LYS A 255 10.64 -9.37 -30.02
CA LYS A 255 9.77 -8.70 -30.99
C LYS A 255 9.67 -7.23 -30.60
N ILE A 256 9.66 -7.01 -29.30
CA ILE A 256 9.55 -5.65 -28.76
C ILE A 256 10.80 -4.90 -29.13
N ASN A 257 11.93 -5.57 -28.97
CA ASN A 257 13.22 -4.93 -29.18
C ASN A 257 13.37 -4.50 -30.63
N SER A 258 12.79 -5.30 -31.50
CA SER A 258 12.89 -5.04 -32.94
C SER A 258 12.00 -3.87 -33.28
N ALA A 259 10.88 -3.82 -32.59
CA ALA A 259 9.83 -2.83 -32.87
C ALA A 259 10.25 -1.47 -32.37
N VAL A 260 11.04 -1.47 -31.30
CA VAL A 260 11.39 -0.23 -30.61
C VAL A 260 12.51 0.51 -31.33
N PHE A 261 13.48 -0.25 -31.80
CA PHE A 261 14.66 0.33 -32.45
C PHE A 261 14.25 1.42 -33.42
N GLY A 267 18.72 8.74 -32.22
CA GLY A 267 19.82 8.31 -31.36
C GLY A 267 19.47 8.37 -29.88
N PRO A 268 20.13 7.54 -29.06
CA PRO A 268 19.73 7.38 -27.67
C PRO A 268 20.32 8.45 -26.80
N LEU A 269 19.53 8.84 -25.80
CA LEU A 269 19.95 9.87 -24.84
C LEU A 269 20.47 9.18 -23.60
N MET A 270 21.78 9.00 -23.55
CA MET A 270 22.39 8.16 -22.51
C MET A 270 22.23 8.81 -21.13
N HIS A 271 22.17 10.14 -21.12
CA HIS A 271 22.00 10.87 -19.88
C HIS A 271 20.59 10.65 -19.35
N VAL A 272 19.65 10.47 -20.25
CA VAL A 272 18.27 10.23 -19.86
C VAL A 272 18.15 8.79 -19.37
N ILE A 273 18.84 7.89 -20.05
CA ILE A 273 18.84 6.48 -19.65
C ILE A 273 19.44 6.38 -18.25
N ALA A 274 20.43 7.21 -17.99
CA ALA A 274 21.07 7.23 -16.67
C ALA A 274 20.04 7.69 -15.64
N GLY A 275 19.20 8.62 -16.05
CA GLY A 275 18.18 9.19 -15.17
C GLY A 275 17.15 8.13 -14.85
N LYS A 276 16.87 7.30 -15.85
CA LYS A 276 15.95 6.17 -15.68
C LYS A 276 16.55 5.21 -14.66
N ALA A 277 17.84 4.95 -14.82
CA ALA A 277 18.53 4.01 -13.94
C ALA A 277 18.44 4.51 -12.50
N VAL A 278 18.63 5.81 -12.34
CA VAL A 278 18.62 6.41 -11.01
C VAL A 278 17.24 6.27 -10.40
N ALA A 279 16.22 6.57 -11.19
CA ALA A 279 14.85 6.54 -10.69
C ALA A 279 14.42 5.11 -10.36
N PHE A 280 14.85 4.16 -11.17
CA PHE A 280 14.50 2.74 -10.92
C PHE A 280 15.17 2.32 -9.62
N GLY A 281 16.36 2.83 -9.40
CA GLY A 281 17.10 2.49 -8.20
C GLY A 281 16.38 3.03 -6.98
N GLU A 282 15.83 4.23 -7.12
CA GLU A 282 15.17 4.88 -5.99
C GLU A 282 13.92 4.09 -5.68
N ALA A 283 13.30 3.59 -6.73
CA ALA A 283 11.99 2.95 -6.60
C ALA A 283 12.12 1.59 -5.92
N LEU A 284 13.34 1.06 -5.91
CA LEU A 284 13.60 -0.27 -5.32
C LEU A 284 13.69 -0.19 -3.80
N THR A 285 13.80 1.03 -3.30
CA THR A 285 14.08 1.25 -1.86
C THR A 285 12.82 1.22 -1.01
N ASP A 286 13.00 0.92 0.28
CA ASP A 286 11.88 0.93 1.20
C ASP A 286 11.33 2.35 1.32
N ASP A 287 12.21 3.31 1.12
CA ASP A 287 11.79 4.70 1.22
C ASP A 287 10.74 4.98 0.17
N PHE A 288 10.90 4.34 -0.99
CA PHE A 288 9.98 4.60 -2.09
C PHE A 288 8.64 3.97 -1.74
N LYS A 289 8.70 2.83 -1.06
CA LYS A 289 7.47 2.17 -0.64
C LYS A 289 6.70 3.11 0.30
N THR A 290 7.45 3.82 1.13
CA THR A 290 6.84 4.75 2.10
C THR A 290 6.24 5.94 1.36
N TYR A 291 6.94 6.38 0.34
CA TYR A 291 6.45 7.47 -0.51
C TYR A 291 5.07 7.09 -1.08
N ILE A 292 4.99 5.91 -1.65
CA ILE A 292 3.72 5.47 -2.27
C ILE A 292 2.63 5.30 -1.20
N ASP A 293 3.04 4.79 -0.06
CA ASP A 293 2.14 4.59 1.10
C ASP A 293 1.46 5.93 1.43
N ARG A 294 2.28 6.97 1.40
CA ARG A 294 1.83 8.31 1.73
C ARG A 294 0.98 8.89 0.62
N VAL A 295 1.40 8.63 -0.60
CA VAL A 295 0.67 9.08 -1.79
C VAL A 295 -0.77 8.60 -1.70
N LEU A 296 -0.90 7.35 -1.30
CA LEU A 296 -2.21 6.68 -1.31
C LEU A 296 -3.08 7.23 -0.20
N ALA A 297 -2.51 7.28 0.99
CA ALA A 297 -3.23 7.78 2.16
C ALA A 297 -3.62 9.22 1.94
N ASN A 298 -2.75 9.95 1.25
CA ASN A 298 -2.95 11.40 1.04
C ASN A 298 -4.13 11.63 0.11
N ALA A 299 -4.27 10.74 -0.86
CA ALA A 299 -5.40 10.82 -1.81
C ALA A 299 -6.73 10.56 -1.10
N GLN A 300 -6.71 9.61 -0.19
CA GLN A 300 -7.92 9.30 0.59
C GLN A 300 -8.30 10.53 1.39
N ALA A 301 -7.29 11.18 1.94
CA ALA A 301 -7.50 12.31 2.84
C ALA A 301 -8.10 13.49 2.08
N LEU A 302 -7.53 13.72 0.91
CA LEU A 302 -7.94 14.83 0.05
C LEU A 302 -9.35 14.56 -0.45
N GLY A 303 -9.59 13.31 -0.81
CA GLY A 303 -10.87 12.92 -1.39
C GLY A 303 -11.97 13.05 -0.37
N ASP A 304 -11.64 12.71 0.86
CA ASP A 304 -12.62 12.74 1.96
C ASP A 304 -13.13 14.17 2.15
N VAL A 305 -12.19 15.10 2.06
CA VAL A 305 -12.49 16.51 2.34
C VAL A 305 -13.36 17.08 1.24
N LEU A 306 -13.04 16.71 0.01
CA LEU A 306 -13.78 17.21 -1.14
C LEU A 306 -15.19 16.68 -1.07
N LYS A 307 -15.29 15.43 -0.67
CA LYS A 307 -16.59 14.76 -0.58
C LYS A 307 -17.44 15.42 0.50
N ALA A 308 -16.82 15.69 1.62
CA ALA A 308 -17.55 16.26 2.76
C ALA A 308 -17.96 17.68 2.43
N GLY A 309 -17.28 18.22 1.42
CA GLY A 309 -17.41 19.63 1.02
C GLY A 309 -18.53 19.81 0.03
N GLY A 310 -19.08 18.68 -0.40
CA GLY A 310 -20.27 18.68 -1.24
C GLY A 310 -20.08 18.52 -2.73
N VAL A 311 -18.96 17.95 -3.13
CA VAL A 311 -18.83 17.44 -4.49
C VAL A 311 -18.72 15.93 -4.44
N ASP A 312 -18.80 15.34 -5.62
CA ASP A 312 -18.76 13.90 -5.75
C ASP A 312 -17.41 13.49 -6.33
N LEU A 313 -17.08 12.24 -6.05
CA LEU A 313 -15.93 11.59 -6.67
C LEU A 313 -16.43 10.49 -7.58
N VAL A 314 -15.88 10.43 -8.78
CA VAL A 314 -16.22 9.35 -9.71
C VAL A 314 -15.76 8.03 -9.09
N THR A 315 -16.69 7.09 -9.00
CA THR A 315 -16.54 5.77 -8.36
C THR A 315 -16.64 5.90 -6.84
N GLY A 316 -16.86 7.11 -6.39
CA GLY A 316 -17.13 7.41 -4.99
C GLY A 316 -15.89 7.50 -4.13
N GLY A 317 -14.76 7.39 -4.78
CA GLY A 317 -13.47 7.43 -4.09
C GLY A 317 -12.32 7.01 -4.98
N THR A 318 -11.30 6.42 -4.37
CA THR A 318 -10.13 5.97 -5.12
C THR A 318 -9.41 4.81 -4.42
N ASP A 319 -8.74 4.01 -5.24
CA ASP A 319 -7.84 2.95 -4.77
C ASP A 319 -6.39 3.33 -5.02
N ASN A 320 -6.18 4.50 -5.61
CA ASN A 320 -4.81 4.90 -5.91
C ASN A 320 -4.53 6.37 -5.58
N HIS A 321 -3.77 7.02 -6.45
CA HIS A 321 -3.28 8.39 -6.21
C HIS A 321 -4.20 9.41 -6.85
N LEU A 322 -5.14 8.87 -7.62
CA LEU A 322 -6.03 9.69 -8.47
C LEU A 322 -7.37 10.00 -7.83
N LEU A 323 -7.81 11.21 -8.08
CA LEU A 323 -9.17 11.66 -7.75
C LEU A 323 -9.84 12.29 -8.97
N LEU A 324 -10.98 11.72 -9.33
CA LEU A 324 -11.81 12.26 -10.41
C LEU A 324 -13.01 12.95 -9.76
N VAL A 325 -12.93 14.27 -9.75
CA VAL A 325 -13.95 15.11 -9.10
C VAL A 325 -15.07 15.42 -10.06
N ASP A 326 -16.28 15.18 -9.57
CA ASP A 326 -17.54 15.43 -10.28
C ASP A 326 -18.15 16.68 -9.66
N LEU A 327 -18.16 17.76 -10.44
CA LEU A 327 -18.46 19.10 -9.93
C LEU A 327 -19.95 19.41 -10.02
N ARG A 328 -20.68 18.47 -10.57
CA ARG A 328 -22.11 18.70 -10.87
C ARG A 328 -22.95 19.15 -9.68
N PRO A 329 -22.70 18.57 -8.49
CA PRO A 329 -23.53 18.97 -7.36
C PRO A 329 -23.48 20.47 -7.03
N LYS A 330 -22.43 21.13 -7.48
CA LYS A 330 -22.25 22.56 -7.21
C LYS A 330 -22.45 23.36 -8.48
N GLY A 331 -22.92 22.64 -9.50
CA GLY A 331 -23.19 23.21 -10.81
C GLY A 331 -22.01 23.92 -11.43
N LEU A 332 -20.81 23.44 -11.12
CA LEU A 332 -19.57 23.99 -11.64
C LEU A 332 -19.05 23.22 -12.86
N LYS A 333 -18.23 23.91 -13.64
CA LYS A 333 -17.63 23.35 -14.86
C LYS A 333 -16.12 23.24 -14.75
N GLY A 334 -15.59 22.21 -15.39
CA GLY A 334 -14.18 21.85 -15.26
C GLY A 334 -13.25 22.95 -15.69
N ALA A 335 -13.54 23.54 -16.84
CA ALA A 335 -12.64 24.54 -17.38
C ALA A 335 -12.59 25.74 -16.44
N GLN A 336 -13.77 26.16 -15.99
CA GLN A 336 -13.87 27.35 -15.14
C GLN A 336 -13.11 27.11 -13.83
N VAL A 337 -13.23 25.88 -13.35
CA VAL A 337 -12.63 25.50 -12.06
C VAL A 337 -11.13 25.37 -12.17
N GLU A 338 -10.69 24.74 -13.25
CA GLU A 338 -9.26 24.57 -13.51
C GLU A 338 -8.56 25.92 -13.60
N GLN A 339 -9.24 26.84 -14.27
CA GLN A 339 -8.68 28.16 -14.57
C GLN A 339 -8.58 28.97 -13.28
N ALA A 340 -9.62 28.86 -12.47
CA ALA A 340 -9.68 29.58 -11.18
C ALA A 340 -8.65 29.05 -10.18
N LEU A 341 -8.56 27.72 -10.10
CA LEU A 341 -7.60 27.10 -9.19
C LEU A 341 -6.19 27.53 -9.55
N GLU A 342 -5.92 27.59 -10.85
CA GLU A 342 -4.57 27.92 -11.28
C GLU A 342 -4.23 29.34 -10.86
N ARG A 343 -5.20 30.23 -10.95
CA ARG A 343 -4.97 31.62 -10.52
C ARG A 343 -4.73 31.66 -9.02
N ALA A 344 -5.28 30.66 -8.33
CA ALA A 344 -5.20 30.54 -6.87
C ALA A 344 -3.98 29.75 -6.44
N GLY A 345 -3.17 29.40 -7.42
CA GLY A 345 -1.88 28.73 -7.16
C GLY A 345 -1.98 27.23 -6.97
N ILE A 346 -3.08 26.67 -7.45
CA ILE A 346 -3.30 25.23 -7.42
C ILE A 346 -3.54 24.72 -8.83
N THR A 347 -2.63 23.88 -9.31
CA THR A 347 -2.70 23.37 -10.69
C THR A 347 -3.28 21.96 -10.76
N CYS A 348 -4.25 21.80 -11.63
CA CYS A 348 -4.93 20.56 -11.93
C CYS A 348 -5.33 20.53 -13.43
N ASN A 349 -6.02 19.48 -13.84
CA ASN A 349 -6.57 19.39 -15.17
C ASN A 349 -8.09 19.28 -15.11
N LYS A 350 -8.76 19.99 -15.99
CA LYS A 350 -10.15 19.70 -16.25
C LYS A 350 -10.24 18.27 -16.77
N ASN A 351 -11.34 17.61 -16.50
CA ASN A 351 -11.48 16.22 -16.77
C ASN A 351 -12.92 15.82 -16.92
N GLY A 352 -13.21 15.31 -18.10
CA GLY A 352 -14.55 14.80 -18.37
C GLY A 352 -14.83 13.61 -17.46
N ILE A 353 -16.01 13.63 -16.86
CA ILE A 353 -16.52 12.47 -16.12
C ILE A 353 -17.07 11.44 -17.12
N PRO A 354 -17.22 10.18 -16.69
CA PRO A 354 -17.84 9.27 -17.64
C PRO A 354 -19.21 9.80 -18.04
N PHE A 355 -19.50 9.72 -19.34
CA PHE A 355 -20.80 10.15 -19.88
C PHE A 355 -21.10 11.60 -19.55
N ASP A 356 -20.04 12.39 -19.56
CA ASP A 356 -20.13 13.82 -19.27
C ASP A 356 -21.08 14.51 -20.25
N PRO A 357 -22.06 15.27 -19.72
CA PRO A 357 -23.04 15.93 -20.58
C PRO A 357 -22.43 17.16 -21.20
N GLU A 358 -21.28 17.57 -20.68
CA GLU A 358 -20.64 18.78 -21.18
C GLU A 358 -19.67 18.51 -22.31
N LYS A 359 -19.46 19.54 -23.12
CA LYS A 359 -18.45 19.51 -24.17
C LYS A 359 -17.09 19.19 -23.55
N PRO A 360 -16.20 18.54 -24.32
CA PRO A 360 -14.95 18.06 -23.72
C PRO A 360 -13.97 19.18 -23.43
N THR A 361 -14.29 20.38 -23.90
CA THR A 361 -13.44 21.55 -23.68
C THR A 361 -13.91 22.26 -22.42
N ILE A 362 -15.04 21.79 -21.93
CA ILE A 362 -15.68 22.35 -20.75
C ILE A 362 -15.59 21.36 -19.58
N THR A 363 -16.30 20.27 -19.77
CA THR A 363 -16.35 19.14 -18.84
C THR A 363 -17.03 19.48 -17.52
N SER A 364 -17.32 18.43 -16.80
CA SER A 364 -18.04 18.50 -15.52
C SER A 364 -17.13 18.13 -14.37
N GLY A 365 -15.84 18.11 -14.62
CA GLY A 365 -14.90 17.65 -13.60
C GLY A 365 -13.48 18.16 -13.66
N ILE A 366 -12.75 17.79 -12.62
CA ILE A 366 -11.29 17.96 -12.58
C ILE A 366 -10.63 16.68 -12.08
N ARG A 367 -9.40 16.49 -12.51
CA ARG A 367 -8.58 15.37 -12.04
C ARG A 367 -7.42 15.88 -11.20
N LEU A 368 -7.31 15.28 -10.03
CA LEU A 368 -6.25 15.59 -9.08
C LEU A 368 -5.42 14.34 -8.77
N GLY A 369 -4.17 14.58 -8.42
CA GLY A 369 -3.30 13.53 -7.92
C GLY A 369 -2.33 14.02 -6.87
N THR A 370 -2.02 13.12 -5.94
CA THR A 370 -1.15 13.44 -4.79
C THR A 370 0.36 13.20 -4.97
N PRO A 371 0.82 12.67 -6.12
CA PRO A 371 2.26 12.42 -6.12
C PRO A 371 3.20 13.60 -5.88
N ALA A 372 2.94 14.73 -6.50
CA ALA A 372 3.90 15.86 -6.48
C ALA A 372 3.96 16.45 -5.08
N GLY A 373 2.79 16.65 -4.51
CA GLY A 373 2.68 17.24 -3.19
C GLY A 373 3.30 16.32 -2.15
N THR A 374 3.14 15.02 -2.36
CA THR A 374 3.67 14.05 -1.42
C THR A 374 5.19 14.10 -1.48
N THR A 375 5.70 14.32 -2.68
CA THR A 375 7.15 14.33 -2.87
C THR A 375 7.80 15.44 -2.07
N ARG A 376 7.09 16.55 -1.96
CA ARG A 376 7.65 17.76 -1.32
C ARG A 376 7.47 17.66 0.19
N GLY A 377 6.75 16.62 0.61
CA GLY A 377 6.64 16.25 2.01
C GLY A 377 5.27 16.33 2.65
N PHE A 378 4.27 16.71 1.87
CA PHE A 378 2.90 16.79 2.41
C PHE A 378 2.46 15.44 2.96
N GLY A 379 1.84 15.50 4.13
CA GLY A 379 1.11 14.36 4.69
C GLY A 379 -0.39 14.57 4.58
N ALA A 380 -1.13 13.80 5.35
CA ALA A 380 -2.59 13.82 5.24
C ALA A 380 -3.15 15.17 5.63
N ALA A 381 -2.61 15.73 6.69
CA ALA A 381 -3.11 17.00 7.24
C ALA A 381 -2.94 18.10 6.20
N GLU A 382 -1.83 18.03 5.48
CA GLU A 382 -1.49 19.10 4.53
C GLU A 382 -2.45 19.01 3.35
N PHE A 383 -2.77 17.78 2.96
CA PHE A 383 -3.63 17.58 1.80
C PHE A 383 -5.06 17.90 2.16
N ARG A 384 -5.40 17.74 3.42
CA ARG A 384 -6.73 18.18 3.90
C ARG A 384 -6.84 19.70 3.80
N GLU A 385 -5.75 20.38 4.10
CA GLU A 385 -5.69 21.85 3.99
C GLU A 385 -5.88 22.27 2.53
N VAL A 386 -5.21 21.56 1.64
CA VAL A 386 -5.32 21.87 0.22
C VAL A 386 -6.77 21.71 -0.19
N GLY A 387 -7.40 20.68 0.34
CA GLY A 387 -8.77 20.36 -0.02
C GLY A 387 -9.67 21.48 0.45
N ARG A 388 -9.35 22.00 1.62
CA ARG A 388 -10.17 23.08 2.21
C ARG A 388 -10.11 24.31 1.33
N LEU A 389 -8.91 24.57 0.81
CA LEU A 389 -8.64 25.76 0.01
C LEU A 389 -9.29 25.61 -1.36
N ILE A 390 -9.29 24.38 -1.87
CA ILE A 390 -9.97 24.09 -3.13
C ILE A 390 -11.45 24.41 -2.97
N LEU A 391 -12.00 23.98 -1.84
CA LEU A 391 -13.44 24.18 -1.59
C LEU A 391 -13.80 25.66 -1.49
N GLU A 392 -12.86 26.46 -1.00
CA GLU A 392 -13.10 27.91 -0.88
C GLU A 392 -13.27 28.48 -2.28
N VAL A 393 -12.48 27.96 -3.19
CA VAL A 393 -12.53 28.42 -4.58
C VAL A 393 -13.84 27.98 -5.20
N PHE A 394 -14.26 26.77 -4.92
CA PHE A 394 -15.50 26.26 -5.49
C PHE A 394 -16.64 27.18 -5.09
N GLU A 395 -16.63 27.57 -3.83
CA GLU A 395 -17.77 28.32 -3.29
C GLU A 395 -17.83 29.72 -3.90
N ALA A 396 -16.66 30.34 -4.07
CA ALA A 396 -16.61 31.66 -4.70
C ALA A 396 -17.20 31.54 -6.09
N LEU A 397 -16.91 30.43 -6.75
CA LEU A 397 -17.33 30.25 -8.14
C LEU A 397 -18.84 30.02 -8.27
N ARG A 398 -19.50 29.69 -7.16
CA ARG A 398 -20.92 29.35 -7.25
C ARG A 398 -21.74 30.61 -7.50
N THR A 399 -21.14 31.74 -7.18
CA THR A 399 -21.76 33.04 -7.43
C THR A 399 -21.14 33.72 -8.63
N ASN A 400 -19.82 33.51 -8.79
CA ASN A 400 -19.03 34.16 -9.82
C ASN A 400 -18.23 33.15 -10.63
N PRO A 401 -18.90 32.38 -11.51
CA PRO A 401 -18.26 31.29 -12.22
C PRO A 401 -17.08 31.72 -13.09
N GLU A 402 -17.00 33.01 -13.37
CA GLU A 402 -15.94 33.51 -14.24
C GLU A 402 -14.73 33.89 -13.40
N GLY A 403 -14.89 33.77 -12.09
CA GLY A 403 -13.80 34.00 -11.16
C GLY A 403 -14.01 35.06 -10.10
N ASP A 404 -13.28 34.90 -9.00
CA ASP A 404 -13.25 35.88 -7.90
C ASP A 404 -11.82 36.19 -7.45
N HIS A 405 -11.34 37.33 -7.86
CA HIS A 405 -9.97 37.68 -7.62
C HIS A 405 -9.62 37.64 -6.18
N ALA A 406 -10.50 38.19 -5.35
CA ALA A 406 -10.20 38.31 -3.94
C ALA A 406 -9.88 36.97 -3.34
N THR A 407 -10.78 36.04 -3.62
CA THR A 407 -10.69 34.70 -3.06
C THR A 407 -9.47 34.02 -3.60
N GLU A 408 -9.26 34.19 -4.90
CA GLU A 408 -8.16 33.51 -5.56
C GLU A 408 -6.82 33.98 -5.02
N GLN A 409 -6.70 35.27 -4.79
CA GLN A 409 -5.45 35.80 -4.35
C GLN A 409 -5.20 35.44 -2.92
N ARG A 410 -6.26 35.32 -2.15
CA ARG A 410 -6.13 35.00 -0.73
C ARG A 410 -5.66 33.56 -0.61
N VAL A 411 -6.26 32.70 -1.44
CA VAL A 411 -5.95 31.28 -1.42
C VAL A 411 -4.52 31.11 -1.87
N ARG A 412 -4.12 31.95 -2.81
CA ARG A 412 -2.78 31.86 -3.38
C ARG A 412 -1.75 32.12 -2.28
N ARG A 413 -2.09 33.04 -1.38
CA ARG A 413 -1.15 33.44 -0.32
C ARG A 413 -1.04 32.33 0.71
N GLU A 414 -2.15 31.63 0.92
CA GLU A 414 -2.19 30.58 1.92
C GLU A 414 -1.43 29.39 1.37
N ILE A 415 -1.49 29.26 0.05
CA ILE A 415 -0.83 28.16 -0.67
C ILE A 415 0.67 28.41 -0.57
N PHE A 416 1.03 29.68 -0.72
CA PHE A 416 2.43 30.09 -0.68
C PHE A 416 3.01 29.74 0.67
N ALA A 417 2.22 30.01 1.70
CA ALA A 417 2.69 29.82 3.08
C ALA A 417 2.84 28.33 3.38
N LEU A 418 1.98 27.53 2.77
CA LEU A 418 2.00 26.08 2.99
C LEU A 418 3.26 25.51 2.34
N CYS A 419 3.53 25.97 1.14
CA CYS A 419 4.62 25.44 0.34
C CYS A 419 5.93 25.84 0.98
N GLU A 420 5.87 26.93 1.71
CA GLU A 420 7.07 27.55 2.27
C GLU A 420 7.58 26.64 3.37
N ARG A 421 6.65 25.86 3.90
CA ARG A 421 6.93 24.95 5.02
C ARG A 421 7.48 23.64 4.50
N PHE A 422 7.36 23.47 3.19
CA PHE A 422 7.79 22.25 2.50
C PHE A 422 8.59 22.61 1.25
N PRO A 423 9.76 23.23 1.45
CA PRO A 423 10.54 23.71 0.32
C PRO A 423 11.13 22.59 -0.49
N ILE A 424 11.25 22.86 -1.78
CA ILE A 424 11.91 21.95 -2.72
C ILE A 424 13.30 22.43 -3.11
N TYR A 425 14.10 21.43 -3.43
CA TYR A 425 15.46 21.62 -3.93
C TYR A 425 16.24 22.56 -3.04
N ASN B 4 -43.35 -11.90 28.91
CA ASN B 4 -43.26 -13.36 28.71
C ASN B 4 -43.68 -14.09 29.96
N ALA B 5 -44.54 -15.08 29.81
CA ALA B 5 -45.10 -15.79 30.95
C ALA B 5 -44.07 -16.68 31.63
N ASN B 6 -42.95 -16.89 30.96
CA ASN B 6 -41.91 -17.80 31.45
C ASN B 6 -40.85 -17.05 32.27
N PRO B 7 -40.72 -17.35 33.58
CA PRO B 7 -39.80 -16.60 34.44
C PRO B 7 -38.36 -16.60 33.91
N PHE B 8 -38.04 -17.64 33.15
CA PHE B 8 -36.69 -17.79 32.59
C PHE B 8 -36.44 -16.59 31.70
N PHE B 9 -37.49 -16.15 31.04
CA PHE B 9 -37.38 -15.01 30.13
C PHE B 9 -37.78 -13.70 30.80
N SER B 10 -38.65 -13.78 31.81
CA SER B 10 -39.35 -12.58 32.30
C SER B 10 -38.63 -11.95 33.49
N GLN B 11 -37.95 -12.78 34.27
CA GLN B 11 -37.36 -12.32 35.50
C GLN B 11 -35.93 -11.87 35.39
N SER B 12 -35.63 -10.83 36.14
CA SER B 12 -34.29 -10.26 36.14
C SER B 12 -33.37 -11.04 37.04
N LEU B 13 -32.07 -10.82 36.84
CA LEU B 13 -31.06 -11.38 37.72
C LEU B 13 -31.38 -10.97 39.15
N ALA B 14 -31.73 -9.70 39.29
CA ALA B 14 -32.02 -9.11 40.61
C ALA B 14 -33.06 -9.93 41.37
N GLU B 15 -33.97 -10.52 40.61
CA GLU B 15 -35.13 -11.21 41.18
C GLU B 15 -34.83 -12.69 41.42
N ARG B 16 -33.91 -13.23 40.62
CA ARG B 16 -33.59 -14.67 40.63
C ARG B 16 -32.36 -15.10 41.40
N ASP B 17 -31.37 -14.22 41.45
CA ASP B 17 -30.07 -14.60 42.01
C ASP B 17 -29.55 -13.54 42.96
N ALA B 18 -29.92 -13.69 44.21
CA ALA B 18 -29.63 -12.67 45.22
C ALA B 18 -28.13 -12.51 45.43
N SER B 19 -27.41 -13.62 45.36
CA SER B 19 -25.98 -13.59 45.70
C SER B 19 -25.22 -12.85 44.62
N VAL B 20 -25.58 -13.14 43.37
CA VAL B 20 -24.87 -12.48 42.26
C VAL B 20 -25.29 -11.02 42.21
N ARG B 21 -26.56 -10.76 42.50
CA ARG B 21 -27.08 -9.39 42.47
C ARG B 21 -26.35 -8.55 43.51
N GLY B 22 -26.09 -9.17 44.65
CA GLY B 22 -25.41 -8.48 45.75
C GLY B 22 -24.00 -8.11 45.34
N ALA B 23 -23.39 -9.01 44.58
CA ALA B 23 -22.01 -8.85 44.18
C ALA B 23 -21.94 -7.71 43.17
N ILE B 24 -22.99 -7.62 42.36
CA ILE B 24 -23.06 -6.61 41.30
C ILE B 24 -23.26 -5.25 41.95
N LEU B 25 -24.10 -5.23 42.98
CA LEU B 25 -24.42 -3.98 43.69
C LEU B 25 -23.19 -3.48 44.45
N LYS B 26 -22.42 -4.41 44.99
CA LYS B 26 -21.20 -4.05 45.71
C LYS B 26 -20.20 -3.46 44.73
N GLU B 27 -20.19 -3.99 43.52
CA GLU B 27 -19.24 -3.54 42.51
C GLU B 27 -19.66 -2.15 42.03
N LEU B 28 -20.96 -1.96 41.91
CA LEU B 28 -21.51 -0.67 41.48
C LEU B 28 -21.10 0.38 42.52
N GLU B 29 -21.09 -0.02 43.78
CA GLU B 29 -20.84 0.93 44.87
C GLU B 29 -19.36 1.29 44.85
N ARG B 30 -18.54 0.34 44.44
CA ARG B 30 -17.09 0.57 44.37
C ARG B 30 -16.83 1.61 43.30
N GLN B 31 -17.58 1.51 42.22
CA GLN B 31 -17.37 2.37 41.06
C GLN B 31 -17.96 3.74 41.34
N GLN B 32 -19.01 3.73 42.14
CA GLN B 32 -19.77 4.96 42.40
C GLN B 32 -19.03 5.83 43.40
N SER B 33 -18.42 5.19 44.39
CA SER B 33 -17.99 5.90 45.61
C SER B 33 -16.49 6.12 45.70
N GLN B 34 -15.75 5.56 44.75
CA GLN B 34 -14.29 5.75 44.70
C GLN B 34 -13.89 6.46 43.42
N VAL B 35 -12.76 7.15 43.50
CA VAL B 35 -12.14 7.75 42.32
C VAL B 35 -11.13 6.81 41.70
N GLU B 36 -11.45 6.44 40.47
CA GLU B 36 -10.63 5.52 39.66
C GLU B 36 -9.65 6.32 38.85
N LEU B 37 -8.37 6.15 39.16
CA LEU B 37 -7.28 6.84 38.45
C LEU B 37 -6.38 5.85 37.72
N ILE B 38 -6.78 4.59 37.70
CA ILE B 38 -6.06 3.62 36.88
C ILE B 38 -6.23 4.04 35.42
N ALA B 39 -5.11 4.23 34.76
CA ALA B 39 -5.10 4.96 33.48
C ALA B 39 -5.80 4.19 32.36
N SER B 40 -5.94 2.89 32.57
CA SER B 40 -6.53 2.00 31.56
C SER B 40 -8.00 1.70 31.84
N GLU B 41 -8.47 2.17 32.99
CA GLU B 41 -9.86 1.95 33.36
C GLU B 41 -10.75 3.04 32.80
N ASN B 42 -12.00 2.68 32.64
CA ASN B 42 -13.02 3.61 32.22
C ASN B 42 -14.40 3.12 32.62
N ILE B 43 -15.39 3.88 32.21
CA ILE B 43 -16.77 3.59 32.56
C ILE B 43 -17.59 3.65 31.29
N VAL B 44 -18.12 2.49 30.87
CA VAL B 44 -18.83 2.39 29.57
C VAL B 44 -20.24 2.93 29.66
N SER B 45 -20.73 3.38 28.51
CA SER B 45 -22.09 3.92 28.41
C SER B 45 -23.12 2.83 28.66
N ARG B 46 -24.31 3.27 29.03
CA ARG B 46 -25.46 2.38 29.12
C ARG B 46 -25.69 1.66 27.80
N ALA B 47 -25.39 2.35 26.70
CA ALA B 47 -25.57 1.77 25.36
C ALA B 47 -24.65 0.56 25.18
N VAL B 48 -23.43 0.68 25.70
CA VAL B 48 -22.46 -0.40 25.55
C VAL B 48 -22.92 -1.58 26.41
N LEU B 49 -23.46 -1.26 27.58
CA LEU B 49 -23.95 -2.31 28.48
C LEU B 49 -25.08 -3.06 27.80
N ASP B 50 -25.93 -2.32 27.11
CA ASP B 50 -27.09 -2.91 26.44
C ASP B 50 -26.63 -3.87 25.35
N ALA B 51 -25.54 -3.48 24.70
CA ALA B 51 -24.98 -4.28 23.61
C ALA B 51 -24.45 -5.57 24.19
N GLN B 52 -23.67 -5.40 25.24
CA GLN B 52 -23.01 -6.54 25.89
C GLN B 52 -24.01 -7.52 26.48
N GLY B 53 -25.16 -6.99 26.83
CA GLY B 53 -26.23 -7.75 27.47
C GLY B 53 -27.29 -8.19 26.48
N SER B 54 -26.96 -8.09 25.20
CA SER B 54 -27.93 -8.40 24.14
C SER B 54 -28.00 -9.87 23.80
N VAL B 55 -29.05 -10.18 23.07
CA VAL B 55 -29.34 -11.57 22.65
C VAL B 55 -28.31 -12.08 21.65
N LEU B 56 -27.39 -11.22 21.25
CA LEU B 56 -26.37 -11.62 20.25
C LEU B 56 -25.46 -12.71 20.82
N THR B 57 -25.57 -12.90 22.12
CA THR B 57 -24.77 -13.96 22.78
C THR B 57 -25.17 -15.35 22.28
N ASN B 58 -26.39 -15.46 21.80
CA ASN B 58 -26.96 -16.75 21.41
C ASN B 58 -26.68 -17.03 19.93
N LYS B 59 -25.43 -17.00 19.58
CA LYS B 59 -25.02 -17.25 18.20
C LYS B 59 -23.59 -17.76 18.13
N TYR B 60 -23.33 -18.57 17.10
CA TYR B 60 -21.98 -19.06 16.79
C TYR B 60 -21.36 -19.86 17.94
N ALA B 61 -22.18 -20.70 18.55
CA ALA B 61 -21.74 -21.52 19.68
C ALA B 61 -20.52 -22.35 19.32
N GLU B 62 -20.41 -22.67 18.04
CA GLU B 62 -19.38 -23.60 17.53
C GLU B 62 -18.33 -22.85 16.74
N GLY B 63 -18.42 -21.53 16.84
CA GLY B 63 -17.57 -20.62 16.07
C GLY B 63 -18.20 -20.13 14.78
N TYR B 64 -17.36 -19.49 13.98
CA TYR B 64 -17.81 -18.89 12.72
C TYR B 64 -18.32 -19.96 11.76
N ALA B 76 -19.71 -10.90 6.69
CA ALA B 76 -19.74 -10.34 8.03
C ALA B 76 -21.18 -10.08 8.41
N ASP B 77 -21.49 -10.48 9.64
CA ASP B 77 -22.72 -10.10 10.35
C ASP B 77 -22.82 -8.59 10.30
N GLU B 78 -24.05 -8.08 10.40
CA GLU B 78 -24.28 -6.64 10.29
C GLU B 78 -23.55 -5.85 11.38
N VAL B 79 -23.52 -6.38 12.59
CA VAL B 79 -22.88 -5.63 13.70
C VAL B 79 -21.38 -5.56 13.48
N GLU B 80 -20.84 -6.58 12.82
CA GLU B 80 -19.40 -6.60 12.55
C GLU B 80 -19.09 -5.63 11.43
N ALA B 81 -19.95 -5.61 10.42
CA ALA B 81 -19.80 -4.68 9.30
C ALA B 81 -19.87 -3.24 9.81
N LEU B 82 -20.77 -3.00 10.74
CA LEU B 82 -20.92 -1.67 11.35
C LEU B 82 -19.66 -1.28 12.12
N ALA B 83 -19.12 -2.24 12.85
CA ALA B 83 -17.93 -1.98 13.67
C ALA B 83 -16.76 -1.64 12.75
N ILE B 84 -16.67 -2.39 11.66
CA ILE B 84 -15.57 -2.22 10.71
C ILE B 84 -15.69 -0.85 10.05
N GLU B 85 -16.88 -0.54 9.59
CA GLU B 85 -17.10 0.69 8.86
C GLU B 85 -16.80 1.89 9.74
N ARG B 86 -17.18 1.76 11.00
CA ARG B 86 -17.09 2.88 11.94
C ARG B 86 -15.63 3.12 12.35
N VAL B 87 -14.90 2.03 12.61
CA VAL B 87 -13.52 2.19 13.09
C VAL B 87 -12.62 2.66 11.95
N LYS B 88 -12.97 2.26 10.74
CA LYS B 88 -12.20 2.70 9.56
C LYS B 88 -12.35 4.20 9.40
N ARG B 89 -13.57 4.67 9.58
CA ARG B 89 -13.86 6.10 9.45
C ARG B 89 -13.20 6.87 10.58
N LEU B 90 -13.23 6.27 11.76
CA LEU B 90 -12.74 6.92 12.97
C LEU B 90 -11.23 7.19 12.90
N PHE B 91 -10.53 6.26 12.26
CA PHE B 91 -9.06 6.30 12.23
C PHE B 91 -8.50 6.51 10.83
N ASN B 92 -9.40 6.83 9.92
CA ASN B 92 -9.04 7.03 8.52
C ASN B 92 -8.20 5.88 7.98
N ALA B 93 -8.62 4.67 8.32
CA ALA B 93 -7.94 3.43 7.89
C ALA B 93 -8.65 2.70 6.76
N GLY B 94 -7.85 2.16 5.84
CA GLY B 94 -8.38 1.48 4.66
C GLY B 94 -8.97 0.13 4.99
N HIS B 95 -8.49 -0.43 6.09
CA HIS B 95 -8.83 -1.81 6.48
C HIS B 95 -8.84 -1.99 7.98
N ALA B 96 -9.73 -2.87 8.43
CA ALA B 96 -9.84 -3.16 9.85
C ALA B 96 -10.30 -4.59 10.10
N ASN B 97 -9.80 -5.11 11.21
CA ASN B 97 -10.24 -6.38 11.75
C ASN B 97 -10.65 -6.14 13.21
N VAL B 98 -11.89 -6.50 13.55
CA VAL B 98 -12.44 -6.18 14.86
C VAL B 98 -12.70 -7.43 15.71
N GLN B 99 -12.09 -8.51 15.27
CA GLN B 99 -12.24 -9.82 15.90
C GLN B 99 -11.47 -10.14 17.16
N PRO B 100 -10.27 -9.61 17.32
CA PRO B 100 -9.49 -10.03 18.48
C PRO B 100 -10.18 -9.81 19.82
N HIS B 101 -9.97 -10.78 20.70
CA HIS B 101 -10.61 -10.79 22.05
C HIS B 101 -9.86 -9.92 23.04
N SER B 102 -8.67 -9.50 22.63
CA SER B 102 -7.86 -8.62 23.46
C SER B 102 -6.80 -7.91 22.64
N GLY B 103 -6.21 -6.91 23.28
CA GLY B 103 -5.12 -6.15 22.68
C GLY B 103 -3.92 -7.04 22.50
N ALA B 104 -3.70 -7.91 23.47
CA ALA B 104 -2.54 -8.80 23.44
C ALA B 104 -2.69 -9.76 22.28
N GLN B 105 -3.92 -10.16 22.03
CA GLN B 105 -4.20 -11.16 20.99
C GLN B 105 -4.04 -10.48 19.62
N ALA B 106 -4.41 -9.21 19.57
CA ALA B 106 -4.22 -8.43 18.36
C ALA B 106 -2.73 -8.30 18.11
N ASN B 107 -1.98 -7.99 19.17
CA ASN B 107 -0.55 -7.79 19.06
C ASN B 107 0.10 -9.07 18.57
N GLY B 108 -0.41 -10.18 19.09
CA GLY B 108 0.17 -11.49 18.82
C GLY B 108 -0.01 -11.86 17.37
N ALA B 109 -1.17 -11.54 16.84
CA ALA B 109 -1.52 -11.92 15.48
C ALA B 109 -0.67 -11.12 14.52
N VAL B 110 -0.40 -9.89 14.89
CA VAL B 110 0.28 -8.98 13.99
C VAL B 110 1.74 -9.36 13.93
N MET B 111 2.28 -9.76 15.07
CA MET B 111 3.71 -10.10 15.14
C MET B 111 3.96 -11.35 14.32
N LEU B 112 2.99 -12.25 14.33
CA LEU B 112 3.09 -13.51 13.59
C LEU B 112 2.93 -13.27 12.11
N ALA B 113 2.16 -12.23 11.79
CA ALA B 113 1.87 -11.88 10.41
C ALA B 113 3.10 -11.28 9.77
N LEU B 114 3.79 -10.47 10.56
CA LEU B 114 4.83 -9.56 10.03
C LEU B 114 6.25 -10.03 10.26
N ALA B 115 6.42 -10.91 11.23
CA ALA B 115 7.74 -11.39 11.59
C ALA B 115 7.77 -12.90 11.59
N LYS B 116 8.96 -13.43 11.33
CA LYS B 116 9.17 -14.88 11.32
C LYS B 116 9.83 -15.32 12.62
N PRO B 117 9.59 -16.57 13.02
CA PRO B 117 10.26 -17.10 14.19
C PRO B 117 11.76 -16.90 14.11
N GLY B 118 12.31 -16.43 15.21
CA GLY B 118 13.75 -16.26 15.35
C GLY B 118 14.16 -14.85 15.07
N ASP B 119 13.25 -14.12 14.43
CA ASP B 119 13.49 -12.71 14.12
C ASP B 119 13.69 -11.90 15.37
N THR B 120 14.49 -10.86 15.22
CA THR B 120 14.64 -9.85 16.25
C THR B 120 13.54 -8.83 16.09
N VAL B 121 12.95 -8.48 17.21
CA VAL B 121 11.90 -7.47 17.28
C VAL B 121 12.28 -6.43 18.32
N LEU B 122 12.20 -5.17 17.92
CA LEU B 122 12.63 -4.05 18.75
C LEU B 122 11.43 -3.22 19.16
N GLY B 123 11.18 -3.23 20.47
CA GLY B 123 10.01 -2.57 21.05
C GLY B 123 10.35 -1.72 22.27
N MET B 124 9.38 -0.94 22.71
CA MET B 124 9.59 -0.07 23.87
C MET B 124 9.40 -0.77 25.20
N SER B 125 10.21 -0.31 26.15
CA SER B 125 10.12 -0.72 27.55
C SER B 125 10.90 0.18 28.50
N LEU B 126 10.72 -0.10 29.78
CA LEU B 126 11.39 0.64 30.87
C LEU B 126 12.47 -0.22 31.54
N PHE B 145 10.55 -15.09 19.32
CA PHE B 145 11.28 -13.91 18.87
C PHE B 145 12.41 -13.59 19.81
N ASN B 146 13.43 -12.98 19.21
CA ASN B 146 14.47 -12.30 19.97
C ASN B 146 13.98 -10.88 20.25
N ALA B 147 13.42 -10.70 21.43
CA ALA B 147 12.82 -9.42 21.81
C ALA B 147 13.84 -8.50 22.47
N LEU B 148 14.10 -7.39 21.81
CA LEU B 148 14.99 -6.37 22.35
C LEU B 148 14.22 -5.08 22.62
N GLN B 149 14.79 -4.26 23.50
CA GLN B 149 14.09 -3.09 24.02
C GLN B 149 14.85 -1.80 23.80
N TYR B 150 14.07 -0.76 23.59
CA TYR B 150 14.55 0.61 23.73
C TYR B 150 13.74 1.25 24.85
N GLY B 151 14.33 2.22 25.51
CA GLY B 151 13.65 2.91 26.58
C GLY B 151 13.65 4.39 26.36
N VAL B 152 13.98 5.11 27.41
CA VAL B 152 14.12 6.56 27.35
C VAL B 152 15.49 7.00 27.79
N SER B 153 15.75 8.26 27.50
CA SER B 153 17.02 8.90 27.85
C SER B 153 17.14 9.04 29.35
N ARG B 154 18.30 8.69 29.89
CA ARG B 154 18.52 8.81 31.34
C ARG B 154 18.66 10.27 31.73
N ASP B 155 18.76 11.12 30.73
CA ASP B 155 18.84 12.55 30.97
C ASP B 155 17.44 13.11 31.02
N THR B 156 16.77 12.97 29.89
CA THR B 156 15.51 13.67 29.62
C THR B 156 14.27 12.86 29.93
N MET B 157 14.44 11.54 30.05
CA MET B 157 13.31 10.62 30.27
C MET B 157 12.43 10.54 29.04
N LEU B 158 12.94 11.13 27.96
CA LEU B 158 12.27 11.12 26.66
C LEU B 158 12.86 10.06 25.75
N ILE B 159 12.04 9.53 24.85
CA ILE B 159 12.56 8.66 23.80
C ILE B 159 13.66 9.38 23.04
N ASP B 160 14.78 8.69 22.85
CA ASP B 160 15.87 9.20 22.04
C ASP B 160 15.83 8.50 20.70
N TYR B 161 15.30 9.18 19.71
CA TYR B 161 15.04 8.59 18.39
C TYR B 161 16.34 8.21 17.69
N ASP B 162 17.39 8.96 17.96
CA ASP B 162 18.69 8.65 17.38
C ASP B 162 19.25 7.38 18.01
N GLN B 163 18.87 7.11 19.25
CA GLN B 163 19.32 5.87 19.89
C GLN B 163 18.46 4.70 19.39
N VAL B 164 17.17 4.94 19.19
CA VAL B 164 16.35 3.87 18.61
C VAL B 164 16.95 3.49 17.28
N GLU B 165 17.41 4.48 16.54
CA GLU B 165 17.96 4.23 15.21
C GLU B 165 19.25 3.44 15.34
N ALA B 166 20.05 3.79 16.34
CA ALA B 166 21.33 3.11 16.55
C ALA B 166 21.08 1.64 16.90
N LEU B 167 20.05 1.41 17.71
CA LEU B 167 19.69 0.04 18.11
C LEU B 167 19.20 -0.74 16.89
N ALA B 168 18.46 -0.04 16.03
CA ALA B 168 17.95 -0.65 14.80
C ALA B 168 19.08 -1.08 13.89
N GLN B 169 20.09 -0.23 13.82
CA GLN B 169 21.26 -0.48 12.97
C GLN B 169 22.04 -1.65 13.51
N GLN B 170 22.14 -1.69 14.83
CA GLN B 170 22.97 -2.69 15.48
C GLN B 170 22.35 -4.07 15.32
N HIS B 171 21.04 -4.14 15.55
CA HIS B 171 20.39 -5.43 15.77
C HIS B 171 19.59 -5.90 14.56
N LYS B 172 19.41 -4.99 13.61
CA LYS B 172 18.67 -5.29 12.38
C LYS B 172 17.36 -6.03 12.64
N PRO B 173 16.45 -5.42 13.41
CA PRO B 173 15.18 -6.08 13.66
C PRO B 173 14.35 -6.17 12.39
N SER B 174 13.49 -7.17 12.33
CA SER B 174 12.61 -7.35 11.17
C SER B 174 11.36 -6.52 11.40
N LEU B 175 11.16 -6.20 12.67
CA LEU B 175 9.96 -5.51 13.14
C LEU B 175 10.31 -4.56 14.28
N ILE B 176 9.86 -3.33 14.14
CA ILE B 176 9.94 -2.34 15.21
C ILE B 176 8.54 -2.07 15.71
N ILE B 177 8.42 -2.02 17.03
CA ILE B 177 7.14 -1.71 17.66
C ILE B 177 7.24 -0.40 18.42
N ALA B 178 6.26 0.46 18.17
CA ALA B 178 6.10 1.72 18.90
C ALA B 178 4.81 1.69 19.68
N GLY B 179 4.79 2.49 20.73
CA GLY B 179 3.70 2.52 21.68
C GLY B 179 3.85 1.40 22.67
N PHE B 180 2.76 0.68 22.89
CA PHE B 180 2.74 -0.43 23.83
C PHE B 180 2.92 0.04 25.26
N SER B 181 3.87 0.94 25.46
CA SER B 181 4.21 1.39 26.81
C SER B 181 3.36 2.59 27.19
N ALA B 182 3.14 2.75 28.50
CA ALA B 182 2.40 3.90 29.03
C ALA B 182 3.32 5.11 29.20
N TYR B 183 3.64 5.67 28.05
CA TYR B 183 4.58 6.78 27.92
C TYR B 183 3.77 8.06 27.85
N PRO B 184 4.11 9.06 28.68
CA PRO B 184 3.24 10.22 28.82
C PRO B 184 3.47 11.36 27.84
N ARG B 185 4.29 11.12 26.83
CA ARG B 185 4.53 12.14 25.81
C ARG B 185 4.19 11.63 24.42
N LYS B 186 4.20 12.57 23.49
CA LYS B 186 3.92 12.29 22.08
C LYS B 186 4.89 11.26 21.56
N LEU B 187 4.38 10.44 20.63
CA LEU B 187 5.19 9.50 19.86
C LEU B 187 5.28 9.96 18.42
N ASP B 188 6.51 10.06 17.93
CA ASP B 188 6.77 10.51 16.56
C ASP B 188 6.77 9.34 15.60
N PHE B 189 5.57 9.01 15.13
CA PHE B 189 5.38 7.81 14.30
C PHE B 189 6.08 7.94 12.95
N ALA B 190 6.18 9.18 12.47
CA ALA B 190 6.83 9.42 11.18
C ALA B 190 8.29 9.03 11.29
N ARG B 191 8.88 9.34 12.43
CA ARG B 191 10.31 9.09 12.66
C ARG B 191 10.54 7.61 12.84
N PHE B 192 9.62 6.97 13.54
CA PHE B 192 9.69 5.53 13.75
C PHE B 192 9.68 4.84 12.39
N ARG B 193 8.86 5.36 11.48
CA ARG B 193 8.71 4.74 10.17
C ARG B 193 10.01 4.93 9.38
N ALA B 194 10.61 6.10 9.54
CA ALA B 194 11.85 6.41 8.82
C ALA B 194 12.97 5.48 9.30
N ILE B 195 12.99 5.26 10.61
CA ILE B 195 14.00 4.39 11.21
C ILE B 195 13.80 2.99 10.69
N ALA B 196 12.55 2.56 10.67
CA ALA B 196 12.21 1.21 10.23
C ALA B 196 12.67 1.02 8.80
N ASP B 197 12.38 2.02 7.97
CA ASP B 197 12.71 1.92 6.55
C ASP B 197 14.21 1.76 6.37
N SER B 198 14.94 2.41 7.27
CA SER B 198 16.40 2.54 7.10
C SER B 198 17.09 1.20 7.28
N VAL B 199 16.39 0.28 7.91
CA VAL B 199 16.94 -1.07 8.14
C VAL B 199 16.06 -2.19 7.58
N GLY B 200 15.04 -1.80 6.84
CA GLY B 200 14.20 -2.77 6.15
C GLY B 200 13.22 -3.48 7.06
N ALA B 201 12.96 -2.85 8.19
CA ALA B 201 11.99 -3.37 9.18
C ALA B 201 10.58 -2.84 8.93
N LYS B 202 9.61 -3.67 9.29
CA LYS B 202 8.22 -3.22 9.38
C LYS B 202 8.03 -2.44 10.66
N LEU B 203 7.04 -1.55 10.64
CA LEU B 203 6.64 -0.79 11.81
C LEU B 203 5.23 -1.17 12.25
N MET B 204 5.14 -1.58 13.50
CA MET B 204 3.88 -1.85 14.16
C MET B 204 3.71 -0.84 15.28
N VAL B 205 2.52 -0.27 15.36
CA VAL B 205 2.17 0.59 16.49
C VAL B 205 1.03 -0.01 17.28
N ASP B 206 1.29 -0.19 18.57
CA ASP B 206 0.29 -0.60 19.54
C ASP B 206 -0.22 0.66 20.23
N MET B 207 -1.37 1.13 19.79
CA MET B 207 -1.93 2.41 20.27
C MET B 207 -2.91 2.22 21.43
N ALA B 208 -2.92 1.04 22.00
CA ALA B 208 -3.90 0.73 23.06
C ALA B 208 -4.01 1.83 24.11
N HIS B 209 -2.87 2.39 24.48
CA HIS B 209 -2.85 3.30 25.64
C HIS B 209 -3.37 4.68 25.32
N ILE B 210 -3.47 4.97 24.04
CA ILE B 210 -3.80 6.33 23.58
C ILE B 210 -4.79 6.38 22.42
N ALA B 211 -5.46 5.25 22.19
CA ALA B 211 -6.33 5.12 21.01
C ALA B 211 -7.42 6.19 20.95
N GLY B 212 -7.98 6.53 22.09
CA GLY B 212 -9.09 7.49 22.13
C GLY B 212 -8.59 8.89 21.86
N VAL B 213 -7.36 9.14 22.28
CA VAL B 213 -6.74 10.46 22.09
C VAL B 213 -6.51 10.65 20.59
N ILE B 214 -6.04 9.58 19.96
CA ILE B 214 -5.82 9.57 18.51
C ILE B 214 -7.17 9.72 17.79
N ALA B 215 -8.16 9.00 18.29
CA ALA B 215 -9.47 8.97 17.64
C ALA B 215 -10.07 10.37 17.56
N ALA B 216 -9.69 11.19 18.52
CA ALA B 216 -10.30 12.53 18.69
C ALA B 216 -9.49 13.55 17.92
N GLY B 217 -8.40 13.08 17.34
CA GLY B 217 -7.51 13.92 16.54
C GLY B 217 -6.53 14.71 17.38
N ARG B 218 -6.36 14.27 18.62
CA ARG B 218 -5.49 14.97 19.58
C ARG B 218 -4.10 14.34 19.77
N HIS B 219 -3.80 13.38 18.91
CA HIS B 219 -2.44 12.82 18.78
C HIS B 219 -2.29 12.35 17.35
N ALA B 220 -1.07 12.45 16.84
CA ALA B 220 -0.74 11.94 15.50
C ALA B 220 -1.27 10.54 15.32
N ASN B 221 -1.81 10.29 14.14
CA ASN B 221 -2.46 9.02 13.80
C ASN B 221 -1.45 8.05 13.19
N PRO B 222 -1.21 6.91 13.87
CA PRO B 222 -0.15 5.99 13.42
C PRO B 222 -0.49 5.23 12.16
N VAL B 223 -1.77 5.27 11.77
CA VAL B 223 -2.20 4.56 10.58
C VAL B 223 -1.47 5.15 9.37
N GLU B 224 -1.11 6.42 9.51
CA GLU B 224 -0.49 7.17 8.42
C GLU B 224 0.96 6.79 8.22
N HIS B 225 1.52 6.03 9.16
CA HIS B 225 2.97 5.78 9.20
C HIS B 225 3.40 4.34 9.42
N ALA B 226 2.59 3.63 10.17
CA ALA B 226 2.86 2.22 10.50
C ALA B 226 2.28 1.31 9.43
N HIS B 227 2.90 0.16 9.28
CA HIS B 227 2.38 -0.87 8.39
C HIS B 227 1.08 -1.40 8.93
N VAL B 228 1.03 -1.44 10.26
CA VAL B 228 -0.10 -2.01 11.00
C VAL B 228 -0.21 -1.37 12.37
N VAL B 229 -1.44 -1.13 12.76
CA VAL B 229 -1.76 -0.56 14.06
C VAL B 229 -2.66 -1.54 14.81
N THR B 230 -2.29 -1.81 16.06
CA THR B 230 -3.16 -2.58 16.95
C THR B 230 -3.68 -1.72 18.08
N SER B 231 -4.77 -2.18 18.65
CA SER B 231 -5.38 -1.48 19.77
C SER B 231 -6.37 -2.34 20.53
N THR B 232 -6.68 -1.84 21.71
CA THR B 232 -7.78 -2.33 22.53
C THR B 232 -9.01 -1.48 22.24
N THR B 233 -10.18 -2.00 22.62
CA THR B 233 -11.44 -1.29 22.41
C THR B 233 -11.95 -0.66 23.70
N HIS B 234 -11.33 -1.02 24.81
CA HIS B 234 -11.64 -0.39 26.10
C HIS B 234 -10.68 0.78 26.37
N LYS B 235 -10.39 1.03 27.64
CA LYS B 235 -9.46 2.12 27.98
C LYS B 235 -10.01 3.45 27.46
N THR B 236 -9.19 4.20 26.73
CA THR B 236 -9.61 5.55 26.31
C THR B 236 -10.65 5.53 25.21
N LEU B 237 -10.95 4.35 24.68
CA LEU B 237 -12.01 4.21 23.65
C LEU B 237 -13.32 3.83 24.31
N ARG B 238 -13.22 3.49 25.59
CA ARG B 238 -14.39 3.41 26.45
C ARG B 238 -15.41 2.38 25.98
N GLY B 239 -14.91 1.33 25.34
CA GLY B 239 -15.73 0.18 24.95
C GLY B 239 -15.52 -1.09 25.77
N PRO B 240 -16.10 -2.19 25.29
CA PRO B 240 -15.83 -3.50 25.89
C PRO B 240 -14.38 -3.90 25.76
N ARG B 241 -13.97 -4.83 26.61
CA ARG B 241 -12.65 -5.41 26.45
C ARG B 241 -12.58 -6.08 25.09
N GLY B 242 -11.45 -5.88 24.44
CA GLY B 242 -11.25 -6.45 23.12
C GLY B 242 -10.15 -5.76 22.37
N GLY B 243 -9.90 -6.25 21.17
CA GLY B 243 -8.88 -5.67 20.32
C GLY B 243 -9.34 -5.43 18.89
N PHE B 244 -8.50 -4.71 18.18
CA PHE B 244 -8.64 -4.55 16.74
C PHE B 244 -7.33 -4.21 16.08
N VAL B 245 -7.35 -4.29 14.77
CA VAL B 245 -6.19 -4.07 13.94
C VAL B 245 -6.56 -3.23 12.74
N LEU B 246 -5.70 -2.27 12.45
CA LEU B 246 -5.85 -1.36 11.31
C LEU B 246 -4.63 -1.39 10.41
N THR B 247 -4.90 -1.17 9.14
CA THR B 247 -3.86 -0.91 8.15
C THR B 247 -4.44 -0.25 6.91
N ASN B 248 -3.60 0.52 6.22
CA ASN B 248 -3.99 1.12 4.93
C ASN B 248 -3.62 0.20 3.76
N ASP B 249 -2.91 -0.86 4.09
CA ASP B 249 -2.35 -1.80 3.09
C ASP B 249 -3.19 -3.07 2.96
N GLU B 250 -3.78 -3.26 1.79
CA GLU B 250 -4.73 -4.37 1.60
C GLU B 250 -4.06 -5.72 1.76
N GLU B 251 -2.83 -5.81 1.30
CA GLU B 251 -2.10 -7.09 1.31
C GLU B 251 -1.76 -7.48 2.75
N ILE B 252 -1.51 -6.47 3.56
CA ILE B 252 -1.18 -6.69 4.98
C ILE B 252 -2.48 -7.07 5.69
N ALA B 253 -3.57 -6.44 5.26
CA ALA B 253 -4.89 -6.70 5.83
C ALA B 253 -5.22 -8.17 5.67
N LYS B 254 -4.89 -8.70 4.49
CA LYS B 254 -5.23 -10.09 4.18
C LYS B 254 -4.44 -11.01 5.10
N LYS B 255 -3.22 -10.60 5.39
CA LYS B 255 -2.30 -11.40 6.22
C LYS B 255 -2.76 -11.35 7.66
N ILE B 256 -3.33 -10.21 8.03
CA ILE B 256 -3.80 -9.97 9.39
C ILE B 256 -5.02 -10.84 9.62
N ASN B 257 -5.88 -10.85 8.61
CA ASN B 257 -7.15 -11.59 8.70
C ASN B 257 -6.89 -13.07 8.86
N SER B 258 -5.85 -13.55 8.20
CA SER B 258 -5.48 -14.97 8.25
C SER B 258 -4.90 -15.29 9.62
N ALA B 259 -4.17 -14.34 10.16
CA ALA B 259 -3.43 -14.52 11.41
C ALA B 259 -4.39 -14.51 12.59
N VAL B 260 -5.41 -13.67 12.49
CA VAL B 260 -6.31 -13.45 13.63
C VAL B 260 -7.27 -14.60 13.79
N PHE B 261 -7.54 -15.27 12.68
CA PHE B 261 -8.61 -16.27 12.63
C PHE B 261 -8.43 -17.38 13.67
N PRO B 262 -7.26 -18.03 13.69
CA PRO B 262 -7.04 -19.09 14.66
C PRO B 262 -6.95 -18.58 16.09
N GLY B 267 -16.06 -19.24 17.78
CA GLY B 267 -15.14 -18.11 17.76
C GLY B 267 -15.67 -16.81 18.35
N PRO B 268 -16.57 -16.12 17.63
CA PRO B 268 -16.83 -14.72 17.91
C PRO B 268 -17.92 -14.47 18.92
N LEU B 269 -17.73 -13.40 19.67
CA LEU B 269 -18.72 -12.93 20.64
C LEU B 269 -19.47 -11.76 20.02
N MET B 270 -20.61 -12.06 19.42
CA MET B 270 -21.29 -11.07 18.58
C MET B 270 -21.81 -9.90 19.41
N HIS B 271 -22.07 -10.16 20.68
CA HIS B 271 -22.59 -9.15 21.58
C HIS B 271 -21.49 -8.18 21.93
N VAL B 272 -20.29 -8.72 21.95
CA VAL B 272 -19.12 -7.89 22.26
C VAL B 272 -18.79 -7.05 21.04
N ILE B 273 -18.89 -7.66 19.86
CA ILE B 273 -18.65 -6.93 18.60
C ILE B 273 -19.67 -5.81 18.49
N ALA B 274 -20.88 -6.07 18.96
CA ALA B 274 -21.92 -5.04 18.97
C ALA B 274 -21.48 -3.89 19.87
N GLY B 275 -20.92 -4.24 21.02
CA GLY B 275 -20.42 -3.24 21.97
C GLY B 275 -19.30 -2.40 21.34
N LYS B 276 -18.47 -3.06 20.56
CA LYS B 276 -17.38 -2.38 19.86
C LYS B 276 -17.98 -1.36 18.92
N ALA B 277 -19.02 -1.82 18.23
CA ALA B 277 -19.67 -0.98 17.21
C ALA B 277 -20.24 0.25 17.87
N VAL B 278 -20.82 0.05 19.04
CA VAL B 278 -21.46 1.15 19.77
C VAL B 278 -20.38 2.15 20.18
N ALA B 279 -19.29 1.61 20.70
CA ALA B 279 -18.22 2.47 21.23
C ALA B 279 -17.58 3.27 20.08
N PHE B 280 -17.36 2.61 18.95
CA PHE B 280 -16.76 3.29 17.81
C PHE B 280 -17.70 4.40 17.36
N GLY B 281 -18.99 4.12 17.45
CA GLY B 281 -19.99 5.12 17.06
C GLY B 281 -19.93 6.33 17.95
N GLU B 282 -19.73 6.08 19.23
CA GLU B 282 -19.66 7.15 20.22
C GLU B 282 -18.43 7.99 19.96
N ALA B 283 -17.36 7.32 19.55
CA ALA B 283 -16.06 7.99 19.44
C ALA B 283 -16.02 8.89 18.20
N LEU B 284 -16.99 8.66 17.31
CA LEU B 284 -17.09 9.41 16.05
C LEU B 284 -17.73 10.78 16.27
N THR B 285 -18.33 10.95 17.44
CA THR B 285 -19.12 12.16 17.75
C THR B 285 -18.26 13.32 18.27
N ASP B 286 -18.79 14.52 18.09
CA ASP B 286 -18.11 15.70 18.59
C ASP B 286 -18.09 15.66 20.11
N ASP B 287 -19.10 15.01 20.69
CA ASP B 287 -19.13 14.87 22.13
C ASP B 287 -17.89 14.12 22.63
N PHE B 288 -17.46 13.13 21.85
CA PHE B 288 -16.31 12.33 22.26
C PHE B 288 -15.05 13.18 22.16
N LYS B 289 -15.03 14.06 21.17
CA LYS B 289 -13.88 14.96 21.05
C LYS B 289 -13.80 15.83 22.28
N THR B 290 -14.96 16.19 22.80
CA THR B 290 -15.02 17.08 23.98
C THR B 290 -14.57 16.30 25.21
N TYR B 291 -14.97 15.04 25.23
CA TYR B 291 -14.51 14.14 26.30
C TYR B 291 -12.98 14.08 26.35
N ILE B 292 -12.37 13.89 25.19
CA ILE B 292 -10.90 13.77 25.14
C ILE B 292 -10.25 15.12 25.47
N ASP B 293 -10.91 16.18 25.04
CA ASP B 293 -10.43 17.55 25.31
C ASP B 293 -10.29 17.69 26.82
N ARG B 294 -11.31 17.22 27.52
CA ARG B 294 -11.36 17.34 28.98
C ARG B 294 -10.38 16.39 29.65
N VAL B 295 -10.27 15.20 29.08
CA VAL B 295 -9.35 14.21 29.62
C VAL B 295 -7.96 14.82 29.67
N LEU B 296 -7.63 15.49 28.58
CA LEU B 296 -6.28 16.04 28.39
C LEU B 296 -6.05 17.20 29.33
N ALA B 297 -7.01 18.11 29.38
CA ALA B 297 -6.89 19.29 30.22
C ALA B 297 -6.82 18.87 31.68
N ASN B 298 -7.54 17.80 31.98
CA ASN B 298 -7.67 17.32 33.36
C ASN B 298 -6.35 16.73 33.86
N ALA B 299 -5.64 16.08 32.94
CA ALA B 299 -4.36 15.46 33.28
C ALA B 299 -3.35 16.57 33.58
N GLN B 300 -3.44 17.65 32.81
CA GLN B 300 -2.55 18.79 33.03
C GLN B 300 -2.79 19.35 34.42
N ALA B 301 -4.07 19.42 34.77
CA ALA B 301 -4.49 20.06 36.02
C ALA B 301 -4.02 19.23 37.21
N LEU B 302 -4.22 17.93 37.10
CA LEU B 302 -3.82 17.00 38.17
C LEU B 302 -2.31 17.04 38.34
N GLY B 303 -1.62 17.00 37.21
CA GLY B 303 -0.16 16.93 37.20
C GLY B 303 0.45 18.17 37.84
N ASP B 304 -0.14 19.30 37.49
CA ASP B 304 0.26 20.61 38.04
C ASP B 304 0.24 20.59 39.55
N VAL B 305 -0.87 20.12 40.08
CA VAL B 305 -1.10 20.09 41.52
C VAL B 305 -0.08 19.19 42.19
N LEU B 306 0.15 18.04 41.57
CA LEU B 306 1.04 17.04 42.17
C LEU B 306 2.46 17.59 42.17
N LYS B 307 2.83 18.22 41.07
CA LYS B 307 4.18 18.79 40.94
C LYS B 307 4.40 19.88 41.98
N ALA B 308 3.38 20.71 42.18
CA ALA B 308 3.48 21.84 43.11
C ALA B 308 3.57 21.29 44.52
N GLY B 309 3.10 20.06 44.65
CA GLY B 309 2.99 19.37 45.94
C GLY B 309 4.29 18.70 46.35
N GLY B 310 5.27 18.75 45.46
CA GLY B 310 6.62 18.29 45.77
C GLY B 310 7.00 16.87 45.37
N VAL B 311 6.24 16.30 44.46
CA VAL B 311 6.67 15.09 43.77
C VAL B 311 7.02 15.47 42.35
N ASP B 312 7.79 14.60 41.70
CA ASP B 312 8.15 14.80 40.30
C ASP B 312 7.22 14.02 39.39
N LEU B 313 7.21 14.45 38.14
CA LEU B 313 6.55 13.74 37.06
C LEU B 313 7.61 13.32 36.07
N VAL B 314 7.55 12.06 35.67
CA VAL B 314 8.47 11.54 34.65
C VAL B 314 8.20 12.28 33.34
N THR B 315 9.27 12.87 32.80
CA THR B 315 9.28 13.71 31.59
C THR B 315 8.79 15.11 31.91
N GLY B 316 8.45 15.30 33.17
CA GLY B 316 8.13 16.61 33.73
C GLY B 316 6.70 17.06 33.51
N GLY B 317 5.93 16.16 32.94
CA GLY B 317 4.54 16.46 32.63
C GLY B 317 3.91 15.40 31.75
N THR B 318 2.96 15.83 30.93
CA THR B 318 2.29 14.91 30.00
C THR B 318 1.78 15.61 28.75
N ASP B 319 1.68 14.83 27.67
CA ASP B 319 1.04 15.24 26.41
C ASP B 319 -0.28 14.51 26.23
N ASN B 320 -0.62 13.64 27.16
CA ASN B 320 -1.84 12.83 27.01
C ASN B 320 -2.60 12.68 28.32
N HIS B 321 -3.16 11.50 28.57
CA HIS B 321 -4.07 11.31 29.72
C HIS B 321 -3.32 10.75 30.92
N LEU B 322 -2.05 10.44 30.68
CA LEU B 322 -1.23 9.71 31.65
C LEU B 322 -0.31 10.62 32.45
N LEU B 323 -0.16 10.26 33.71
CA LEU B 323 0.84 10.86 34.57
C LEU B 323 1.66 9.75 35.21
N LEU B 324 2.98 9.87 35.08
CA LEU B 324 3.91 8.97 35.75
C LEU B 324 4.57 9.71 36.87
N VAL B 325 4.16 9.39 38.08
CA VAL B 325 4.59 10.10 39.28
C VAL B 325 5.83 9.44 39.86
N ASP B 326 6.84 10.28 40.08
CA ASP B 326 8.11 9.87 40.70
C ASP B 326 8.08 10.31 42.16
N LEU B 327 8.03 9.32 43.05
CA LEU B 327 7.71 9.57 44.46
C LEU B 327 8.97 9.84 45.25
N ARG B 328 10.10 9.75 44.57
CA ARG B 328 11.41 9.81 45.22
C ARG B 328 11.64 11.05 46.10
N PRO B 329 11.22 12.23 45.62
CA PRO B 329 11.39 13.46 46.39
C PRO B 329 10.81 13.39 47.80
N LYS B 330 9.83 12.51 48.00
CA LYS B 330 9.13 12.40 49.29
C LYS B 330 9.50 11.10 49.98
N GLY B 331 10.39 10.38 49.33
CA GLY B 331 10.92 9.12 49.85
C GLY B 331 9.88 8.03 50.00
N LEU B 332 8.87 8.07 49.16
CA LEU B 332 7.82 7.04 49.19
C LEU B 332 8.02 5.98 48.12
N LYS B 333 7.27 4.90 48.29
CA LYS B 333 7.38 3.73 47.43
C LYS B 333 6.03 3.42 46.81
N GLY B 334 6.06 2.94 45.58
CA GLY B 334 4.86 2.75 44.78
C GLY B 334 3.85 1.85 45.43
N ALA B 335 4.30 0.68 45.86
CA ALA B 335 3.36 -0.24 46.45
C ALA B 335 2.70 0.34 47.69
N GLN B 336 3.49 0.89 48.57
CA GLN B 336 3.01 1.55 49.76
C GLN B 336 1.98 2.63 49.40
N VAL B 337 2.29 3.44 48.41
CA VAL B 337 1.39 4.51 48.07
C VAL B 337 0.09 3.98 47.44
N GLU B 338 0.24 3.02 46.55
CA GLU B 338 -0.91 2.42 45.90
C GLU B 338 -1.88 1.86 46.94
N GLN B 339 -1.31 1.24 47.96
CA GLN B 339 -2.12 0.56 48.97
C GLN B 339 -2.84 1.58 49.83
N ALA B 340 -2.12 2.63 50.19
CA ALA B 340 -2.67 3.68 51.07
C ALA B 340 -3.79 4.44 50.34
N LEU B 341 -3.53 4.78 49.08
CA LEU B 341 -4.51 5.53 48.30
C LEU B 341 -5.77 4.71 48.16
N GLU B 342 -5.60 3.41 47.99
CA GLU B 342 -6.75 2.54 47.76
C GLU B 342 -7.61 2.50 49.02
N ARG B 343 -6.95 2.45 50.17
CA ARG B 343 -7.68 2.46 51.42
C ARG B 343 -8.44 3.79 51.55
N ALA B 344 -7.93 4.80 50.88
CA ALA B 344 -8.45 6.17 50.93
C ALA B 344 -9.45 6.43 49.81
N GLY B 345 -9.73 5.38 49.05
CA GLY B 345 -10.82 5.41 48.05
C GLY B 345 -10.38 5.94 46.70
N ILE B 346 -9.07 5.93 46.52
CA ILE B 346 -8.45 6.32 45.25
C ILE B 346 -7.61 5.19 44.70
N THR B 347 -8.02 4.68 43.55
CA THR B 347 -7.32 3.56 42.92
C THR B 347 -6.39 4.00 41.81
N CYS B 348 -5.17 3.46 41.91
CA CYS B 348 -4.13 3.65 40.89
C CYS B 348 -3.23 2.42 40.83
N ASN B 349 -2.16 2.47 40.04
CA ASN B 349 -1.21 1.39 39.94
C ASN B 349 0.16 1.90 40.36
N LYS B 350 0.85 1.12 41.16
CA LYS B 350 2.27 1.37 41.37
C LYS B 350 2.91 1.21 40.01
N ASN B 351 4.01 1.89 39.80
CA ASN B 351 4.65 1.88 38.48
C ASN B 351 6.11 2.23 38.57
N GLY B 352 6.93 1.36 38.00
CA GLY B 352 8.37 1.62 37.98
C GLY B 352 8.70 2.80 37.11
N ILE B 353 9.57 3.65 37.63
CA ILE B 353 10.08 4.79 36.86
C ILE B 353 11.26 4.33 35.99
N PRO B 354 11.61 5.11 34.96
CA PRO B 354 12.80 4.65 34.26
C PRO B 354 13.99 4.61 35.19
N PHE B 355 14.80 3.57 35.02
CA PHE B 355 16.01 3.34 35.83
C PHE B 355 15.69 3.35 37.32
N ASP B 356 14.53 2.79 37.63
CA ASP B 356 14.03 2.71 39.00
C ASP B 356 15.02 1.94 39.85
N PRO B 357 15.38 2.46 41.03
CA PRO B 357 16.32 1.74 41.87
C PRO B 357 15.63 0.71 42.74
N GLU B 358 14.31 0.79 42.79
CA GLU B 358 13.49 -0.18 43.53
C GLU B 358 13.13 -1.39 42.69
N LYS B 359 12.98 -2.51 43.38
CA LYS B 359 12.47 -3.73 42.75
C LYS B 359 11.07 -3.44 42.20
N PRO B 360 10.62 -4.22 41.21
CA PRO B 360 9.38 -3.88 40.52
C PRO B 360 8.16 -4.26 41.33
N THR B 361 8.39 -4.95 42.43
CA THR B 361 7.31 -5.33 43.34
C THR B 361 7.08 -4.21 44.32
N ILE B 362 7.95 -3.21 44.20
CA ILE B 362 7.94 -2.06 45.09
C ILE B 362 7.75 -0.77 44.31
N THR B 363 8.75 -0.48 43.49
CA THR B 363 8.81 0.71 42.62
C THR B 363 8.86 2.01 43.37
N SER B 364 9.17 3.05 42.60
CA SER B 364 9.36 4.40 43.11
C SER B 364 8.32 5.35 42.54
N GLY B 365 7.26 4.76 42.02
CA GLY B 365 6.24 5.55 41.32
C GLY B 365 4.84 4.98 41.32
N ILE B 366 3.93 5.85 40.91
CA ILE B 366 2.57 5.45 40.54
C ILE B 366 2.19 6.03 39.19
N ARG B 367 1.27 5.34 38.53
CA ARG B 367 0.71 5.79 37.27
C ARG B 367 -0.75 6.16 37.47
N LEU B 368 -1.08 7.35 37.00
CA LEU B 368 -2.43 7.90 37.07
C LEU B 368 -2.94 8.23 35.67
N GLY B 369 -4.25 8.15 35.53
CA GLY B 369 -4.94 8.60 34.33
C GLY B 369 -6.29 9.19 34.60
N THR B 370 -6.65 10.17 33.78
CA THR B 370 -7.91 10.90 33.93
C THR B 370 -9.15 10.35 33.19
N PRO B 371 -9.03 9.27 32.38
CA PRO B 371 -10.25 8.92 31.62
C PRO B 371 -11.50 8.60 32.43
N ALA B 372 -11.37 7.82 33.50
CA ALA B 372 -12.57 7.36 34.22
C ALA B 372 -13.24 8.51 34.94
N GLY B 373 -12.43 9.35 35.58
CA GLY B 373 -12.96 10.46 36.36
C GLY B 373 -13.61 11.46 35.43
N THR B 374 -13.02 11.59 34.25
CA THR B 374 -13.54 12.52 33.26
C THR B 374 -14.90 12.02 32.78
N THR B 375 -15.02 10.71 32.66
CA THR B 375 -16.26 10.11 32.14
C THR B 375 -17.41 10.43 33.07
N ARG B 376 -17.15 10.43 34.36
CA ARG B 376 -18.22 10.64 35.33
C ARG B 376 -18.55 12.12 35.49
N GLY B 377 -17.79 12.95 34.80
CA GLY B 377 -18.08 14.38 34.71
C GLY B 377 -17.06 15.33 35.33
N PHE B 378 -16.02 14.79 35.95
CA PHE B 378 -15.01 15.65 36.54
C PHE B 378 -14.39 16.60 35.53
N GLY B 379 -14.21 17.83 35.97
CA GLY B 379 -13.46 18.82 35.21
C GLY B 379 -12.15 19.13 35.90
N ALA B 380 -11.55 20.25 35.51
CA ALA B 380 -10.21 20.56 35.97
C ALA B 380 -10.21 20.78 37.48
N ALA B 381 -11.23 21.48 37.95
CA ALA B 381 -11.31 21.83 39.37
C ALA B 381 -11.40 20.57 40.19
N GLU B 382 -12.15 19.61 39.69
CA GLU B 382 -12.39 18.36 40.44
C GLU B 382 -11.10 17.55 40.54
N PHE B 383 -10.35 17.51 39.45
CA PHE B 383 -9.09 16.77 39.43
C PHE B 383 -8.02 17.43 40.28
N ARG B 384 -8.09 18.76 40.38
CA ARG B 384 -7.16 19.48 41.28
C ARG B 384 -7.48 19.08 42.73
N GLU B 385 -8.77 18.89 43.00
CA GLU B 385 -9.21 18.47 44.33
C GLU B 385 -8.67 17.09 44.63
N VAL B 386 -8.75 16.22 43.62
CA VAL B 386 -8.29 14.85 43.79
C VAL B 386 -6.80 14.88 44.11
N GLY B 387 -6.11 15.76 43.41
CA GLY B 387 -4.67 15.92 43.58
C GLY B 387 -4.37 16.33 45.01
N ARG B 388 -5.16 17.25 45.53
CA ARG B 388 -4.90 17.76 46.88
C ARG B 388 -5.03 16.62 47.86
N LEU B 389 -6.01 15.77 47.58
CA LEU B 389 -6.33 14.66 48.49
C LEU B 389 -5.22 13.61 48.44
N ILE B 390 -4.67 13.44 47.25
CA ILE B 390 -3.56 12.51 47.06
C ILE B 390 -2.39 12.99 47.90
N LEU B 391 -2.16 14.29 47.84
CA LEU B 391 -0.98 14.90 48.50
C LEU B 391 -1.12 14.75 50.00
N GLU B 392 -2.36 14.68 50.44
CA GLU B 392 -2.69 14.60 51.87
C GLU B 392 -2.23 13.23 52.36
N VAL B 393 -2.50 12.24 51.52
CA VAL B 393 -2.10 10.87 51.83
C VAL B 393 -0.58 10.73 51.77
N PHE B 394 0.03 11.39 50.80
CA PHE B 394 1.49 11.36 50.68
C PHE B 394 2.11 11.85 51.98
N GLU B 395 1.58 12.95 52.48
CA GLU B 395 2.22 13.58 53.64
C GLU B 395 2.10 12.71 54.88
N ALA B 396 0.95 12.09 55.04
CA ALA B 396 0.75 11.17 56.16
C ALA B 396 1.76 10.03 56.09
N LEU B 397 2.07 9.59 54.88
CA LEU B 397 2.98 8.49 54.72
C LEU B 397 4.42 8.89 54.96
N ARG B 398 4.70 10.18 54.95
CA ARG B 398 6.06 10.61 55.17
C ARG B 398 6.44 10.28 56.60
N THR B 399 5.45 10.18 57.46
CA THR B 399 5.74 9.69 58.80
C THR B 399 5.35 8.23 59.10
N ASN B 400 4.24 7.77 58.55
CA ASN B 400 3.79 6.42 58.75
C ASN B 400 3.61 5.75 57.41
N PRO B 401 4.70 5.23 56.85
CA PRO B 401 4.67 4.63 55.52
C PRO B 401 3.77 3.40 55.45
N GLU B 402 3.45 2.87 56.62
CA GLU B 402 2.70 1.62 56.71
C GLU B 402 1.24 1.97 56.52
N GLY B 403 0.99 3.27 56.60
CA GLY B 403 -0.36 3.80 56.50
C GLY B 403 -0.79 4.61 57.69
N ASP B 404 -1.73 5.51 57.44
CA ASP B 404 -2.37 6.28 58.49
C ASP B 404 -3.89 6.23 58.35
N HIS B 405 -4.49 5.41 59.19
CA HIS B 405 -5.91 5.12 59.07
C HIS B 405 -6.71 6.40 59.16
N ALA B 406 -6.28 7.28 60.04
CA ALA B 406 -7.05 8.47 60.34
C ALA B 406 -7.24 9.22 59.05
N THR B 407 -6.10 9.46 58.43
CA THR B 407 -6.01 10.29 57.23
C THR B 407 -6.71 9.64 56.06
N GLU B 408 -6.41 8.37 55.89
CA GLU B 408 -6.99 7.59 54.82
C GLU B 408 -8.51 7.60 54.88
N GLN B 409 -9.04 7.47 56.09
CA GLN B 409 -10.49 7.40 56.24
C GLN B 409 -11.13 8.75 56.02
N ARG B 410 -10.39 9.79 56.38
CA ARG B 410 -10.88 11.16 56.25
C ARG B 410 -10.96 11.48 54.77
N VAL B 411 -9.93 11.03 54.06
CA VAL B 411 -9.81 11.29 52.63
C VAL B 411 -10.90 10.51 51.92
N ARG B 412 -11.15 9.30 52.41
CA ARG B 412 -12.13 8.44 51.75
C ARG B 412 -13.49 9.11 51.79
N ARG B 413 -13.74 9.85 52.86
CA ARG B 413 -15.06 10.45 53.03
C ARG B 413 -15.19 11.66 52.11
N GLU B 414 -14.08 12.34 51.88
CA GLU B 414 -14.11 13.52 51.04
C GLU B 414 -14.31 13.05 49.62
N ILE B 415 -13.77 11.86 49.36
CA ILE B 415 -13.78 11.28 48.02
C ILE B 415 -15.21 10.87 47.73
N PHE B 416 -15.83 10.33 48.76
CA PHE B 416 -17.20 9.83 48.66
C PHE B 416 -18.12 10.99 48.32
N ALA B 417 -17.83 12.12 48.96
CA ALA B 417 -18.68 13.32 48.81
C ALA B 417 -18.50 13.91 47.43
N LEU B 418 -17.27 13.87 46.95
CA LEU B 418 -16.96 14.35 45.60
C LEU B 418 -17.72 13.51 44.60
N CYS B 419 -17.65 12.20 44.83
CA CYS B 419 -18.23 11.26 43.88
C CYS B 419 -19.74 11.38 43.83
N GLU B 420 -20.36 11.69 44.96
CA GLU B 420 -21.83 11.71 44.97
C GLU B 420 -22.33 12.91 44.20
N ARG B 421 -21.43 13.84 43.91
CA ARG B 421 -21.77 15.03 43.12
C ARG B 421 -21.73 14.70 41.63
N PHE B 422 -21.09 13.57 41.35
CA PHE B 422 -20.90 13.11 39.96
C PHE B 422 -21.31 11.65 39.83
N PRO B 423 -22.60 11.37 40.00
CA PRO B 423 -23.06 10.00 40.03
C PRO B 423 -22.99 9.31 38.70
N ILE B 424 -22.77 8.01 38.78
CA ILE B 424 -22.74 7.16 37.59
C ILE B 424 -23.93 6.24 37.54
N TYR B 425 -24.30 5.92 36.31
CA TYR B 425 -25.38 4.99 36.01
C TYR B 425 -26.66 5.38 36.73
N ASN C 4 -30.30 8.84 35.84
CA ASN C 4 -29.14 9.79 35.79
C ASN C 4 -29.41 10.95 34.87
N ALA C 5 -28.90 12.12 35.22
CA ALA C 5 -29.16 13.31 34.42
C ALA C 5 -28.32 13.33 33.14
N ASN C 6 -27.30 12.47 33.13
CA ASN C 6 -26.33 12.40 32.04
C ASN C 6 -26.72 11.31 31.03
N PRO C 7 -26.94 11.67 29.75
CA PRO C 7 -27.47 10.72 28.76
C PRO C 7 -26.54 9.55 28.48
N PHE C 8 -25.26 9.77 28.74
CA PHE C 8 -24.26 8.72 28.54
C PHE C 8 -24.64 7.57 29.44
N PHE C 9 -25.20 7.94 30.57
CA PHE C 9 -25.54 6.96 31.58
C PHE C 9 -27.02 6.58 31.50
N SER C 10 -27.82 7.49 30.99
CA SER C 10 -29.26 7.32 31.13
C SER C 10 -29.94 6.73 29.89
N GLN C 11 -29.36 6.97 28.72
CA GLN C 11 -30.04 6.61 27.50
C GLN C 11 -29.68 5.23 27.00
N SER C 12 -30.68 4.54 26.50
CA SER C 12 -30.50 3.19 26.00
C SER C 12 -29.84 3.14 24.62
N LEU C 13 -29.30 1.99 24.33
CA LEU C 13 -28.73 1.73 23.00
C LEU C 13 -29.78 2.06 21.95
N ALA C 14 -30.99 1.60 22.22
CA ALA C 14 -32.13 1.83 21.30
C ALA C 14 -32.30 3.31 20.96
N GLU C 15 -32.09 4.15 21.97
CA GLU C 15 -32.30 5.60 21.85
C GLU C 15 -31.13 6.28 21.18
N ARG C 16 -29.97 5.63 21.22
CA ARG C 16 -28.70 6.28 20.84
C ARG C 16 -28.13 5.82 19.52
N ASP C 17 -28.39 4.57 19.18
CA ASP C 17 -27.72 3.93 18.06
C ASP C 17 -28.65 3.08 17.20
N ALA C 18 -29.29 3.75 16.24
CA ALA C 18 -30.34 3.14 15.44
C ALA C 18 -29.84 1.92 14.70
N SER C 19 -28.61 2.02 14.22
CA SER C 19 -28.07 0.99 13.33
C SER C 19 -27.82 -0.28 14.11
N VAL C 20 -27.19 -0.15 15.27
CA VAL C 20 -26.87 -1.32 16.07
C VAL C 20 -28.16 -1.89 16.63
N ARG C 21 -29.07 -1.00 17.00
CA ARG C 21 -30.37 -1.43 17.52
C ARG C 21 -31.08 -2.26 16.46
N GLY C 22 -30.96 -1.80 15.22
CA GLY C 22 -31.60 -2.47 14.08
C GLY C 22 -31.05 -3.86 13.94
N ALA C 23 -29.73 -3.97 14.11
CA ALA C 23 -29.06 -5.26 13.93
C ALA C 23 -29.50 -6.21 15.04
N ILE C 24 -29.70 -5.64 16.22
CA ILE C 24 -30.05 -6.46 17.38
C ILE C 24 -31.46 -7.01 17.20
N LEU C 25 -32.33 -6.15 16.67
CA LEU C 25 -33.74 -6.54 16.43
C LEU C 25 -33.83 -7.62 15.36
N LYS C 26 -32.98 -7.52 14.37
CA LYS C 26 -32.99 -8.49 13.27
C LYS C 26 -32.55 -9.84 13.82
N GLU C 27 -31.60 -9.80 14.74
CA GLU C 27 -31.06 -11.03 15.34
C GLU C 27 -32.13 -11.62 16.24
N LEU C 28 -32.85 -10.76 16.93
CA LEU C 28 -33.88 -11.20 17.86
C LEU C 28 -34.93 -11.96 17.06
N GLU C 29 -35.21 -11.43 15.88
CA GLU C 29 -36.26 -11.98 15.02
C GLU C 29 -35.81 -13.34 14.49
N ARG C 30 -34.52 -13.44 14.20
CA ARG C 30 -33.94 -14.69 13.72
C ARG C 30 -34.20 -15.77 14.76
N GLN C 31 -33.98 -15.39 16.02
CA GLN C 31 -34.04 -16.33 17.14
C GLN C 31 -35.48 -16.66 17.47
N GLN C 32 -36.34 -15.67 17.26
CA GLN C 32 -37.76 -15.79 17.63
C GLN C 32 -38.52 -16.65 16.64
N SER C 33 -38.15 -16.54 15.37
CA SER C 33 -39.03 -17.02 14.29
C SER C 33 -38.51 -18.24 13.53
N GLN C 34 -37.32 -18.70 13.91
CA GLN C 34 -36.77 -19.94 13.37
C GLN C 34 -36.56 -20.97 14.46
N VAL C 35 -36.54 -22.22 14.03
CA VAL C 35 -36.23 -23.34 14.93
C VAL C 35 -34.76 -23.67 14.87
N GLU C 36 -34.10 -23.48 16.01
CA GLU C 36 -32.66 -23.72 16.14
C GLU C 36 -32.41 -25.15 16.58
N LEU C 37 -31.81 -25.92 15.68
CA LEU C 37 -31.50 -27.33 15.94
C LEU C 37 -30.00 -27.61 16.00
N ILE C 38 -29.19 -26.56 15.89
CA ILE C 38 -27.75 -26.70 16.09
C ILE C 38 -27.53 -27.17 17.52
N ALA C 39 -26.82 -28.28 17.67
CA ALA C 39 -26.83 -29.04 18.92
C ALA C 39 -26.14 -28.26 20.04
N SER C 40 -25.27 -27.34 19.64
CA SER C 40 -24.43 -26.59 20.59
C SER C 40 -25.04 -25.24 20.94
N GLU C 41 -26.15 -24.93 20.30
CA GLU C 41 -26.81 -23.64 20.50
C GLU C 41 -27.77 -23.71 21.66
N ASN C 42 -27.98 -22.57 22.28
CA ASN C 42 -29.01 -22.43 23.29
C ASN C 42 -29.52 -21.00 23.38
N ILE C 43 -30.37 -20.79 24.37
CA ILE C 43 -31.01 -19.50 24.62
C ILE C 43 -30.86 -19.21 26.10
N VAL C 44 -30.07 -18.20 26.41
CA VAL C 44 -29.78 -17.87 27.81
C VAL C 44 -30.91 -17.08 28.45
N SER C 45 -30.97 -17.24 29.77
CA SER C 45 -31.96 -16.53 30.56
C SER C 45 -31.75 -15.03 30.55
N ARG C 46 -32.82 -14.33 30.87
CA ARG C 46 -32.73 -12.89 31.07
C ARG C 46 -31.68 -12.59 32.14
N ALA C 47 -31.55 -13.48 33.12
CA ALA C 47 -30.61 -13.24 34.23
C ALA C 47 -29.17 -13.28 33.73
N VAL C 48 -28.89 -14.22 32.84
CA VAL C 48 -27.55 -14.31 32.24
C VAL C 48 -27.28 -13.06 31.40
N LEU C 49 -28.29 -12.60 30.70
CA LEU C 49 -28.16 -11.37 29.91
C LEU C 49 -27.81 -10.21 30.84
N ASP C 50 -28.49 -10.14 31.97
CA ASP C 50 -28.28 -9.04 32.91
C ASP C 50 -26.84 -9.08 33.42
N ALA C 51 -26.33 -10.30 33.59
CA ALA C 51 -24.96 -10.48 34.08
C ALA C 51 -23.97 -9.95 33.05
N GLN C 52 -24.20 -10.34 31.80
CA GLN C 52 -23.26 -9.99 30.73
C GLN C 52 -23.29 -8.50 30.47
N GLY C 53 -24.42 -7.91 30.82
CA GLY C 53 -24.67 -6.49 30.57
C GLY C 53 -24.47 -5.65 31.80
N SER C 54 -23.75 -6.22 32.75
CA SER C 54 -23.54 -5.57 34.06
C SER C 54 -22.33 -4.66 34.08
N VAL C 55 -22.30 -3.85 35.13
CA VAL C 55 -21.23 -2.87 35.31
C VAL C 55 -19.91 -3.56 35.64
N LEU C 56 -19.98 -4.88 35.75
CA LEU C 56 -18.79 -5.67 36.09
C LEU C 56 -17.74 -5.59 34.98
N THR C 57 -18.17 -5.09 33.84
CA THR C 57 -17.28 -4.94 32.68
C THR C 57 -16.20 -3.90 32.99
N ASN C 58 -16.52 -3.00 33.94
CA ASN C 58 -15.63 -1.87 34.25
C ASN C 58 -14.58 -2.27 35.29
N LYS C 59 -13.89 -3.32 35.02
CA LYS C 59 -12.90 -3.78 35.96
C LYS C 59 -11.79 -4.60 35.33
N TYR C 60 -10.65 -4.55 36.00
CA TYR C 60 -9.46 -5.31 35.60
C TYR C 60 -9.06 -5.07 34.16
N ALA C 61 -9.09 -3.80 33.77
CA ALA C 61 -8.73 -3.39 32.40
C ALA C 61 -7.34 -3.87 32.01
N GLU C 62 -6.48 -3.97 33.02
CA GLU C 62 -5.06 -4.31 32.83
C GLU C 62 -4.85 -5.79 33.13
N GLY C 63 -5.94 -6.41 33.57
CA GLY C 63 -5.92 -7.79 34.04
C GLY C 63 -6.06 -7.89 35.54
N TYR C 64 -5.79 -9.09 36.05
CA TYR C 64 -6.03 -9.42 37.46
C TYR C 64 -4.89 -8.90 38.33
N ASP C 77 -12.63 -12.69 44.79
CA ASP C 77 -13.59 -11.92 44.00
C ASP C 77 -14.95 -12.57 44.02
N GLU C 78 -15.95 -11.84 44.51
CA GLU C 78 -17.20 -12.47 44.93
C GLU C 78 -17.88 -13.29 43.84
N VAL C 79 -18.03 -12.72 42.65
CA VAL C 79 -18.73 -13.47 41.59
C VAL C 79 -17.94 -14.71 41.20
N GLU C 80 -16.62 -14.64 41.32
CA GLU C 80 -15.79 -15.78 40.93
C GLU C 80 -15.89 -16.85 42.00
N ALA C 81 -15.91 -16.39 43.25
CA ALA C 81 -16.04 -17.29 44.39
C ALA C 81 -17.35 -18.06 44.25
N LEU C 82 -18.40 -17.33 43.86
CA LEU C 82 -19.74 -17.90 43.70
C LEU C 82 -19.75 -18.92 42.57
N ALA C 83 -19.16 -18.56 41.44
CA ALA C 83 -19.11 -19.48 40.30
C ALA C 83 -18.38 -20.76 40.69
N ILE C 84 -17.26 -20.61 41.39
CA ILE C 84 -16.44 -21.74 41.79
C ILE C 84 -17.19 -22.66 42.74
N GLU C 85 -17.84 -22.08 43.72
CA GLU C 85 -18.45 -22.91 44.75
C GLU C 85 -19.65 -23.61 44.12
N ARG C 86 -20.28 -22.93 43.18
CA ARG C 86 -21.49 -23.48 42.56
C ARG C 86 -21.17 -24.65 41.63
N VAL C 87 -20.11 -24.48 40.85
CA VAL C 87 -19.75 -25.50 39.86
C VAL C 87 -19.16 -26.71 40.58
N LYS C 88 -18.50 -26.45 41.70
CA LYS C 88 -17.96 -27.54 42.52
C LYS C 88 -19.12 -28.39 43.04
N ARG C 89 -20.20 -27.73 43.45
CA ARG C 89 -21.35 -28.47 44.00
C ARG C 89 -22.08 -29.20 42.89
N LEU C 90 -22.14 -28.53 41.75
CA LEU C 90 -22.91 -29.02 40.61
C LEU C 90 -22.34 -30.36 40.14
N PHE C 91 -21.04 -30.44 40.13
CA PHE C 91 -20.37 -31.61 39.60
C PHE C 91 -19.64 -32.46 40.67
N ASN C 92 -19.88 -32.14 41.93
CA ASN C 92 -19.23 -32.86 43.00
C ASN C 92 -17.74 -32.88 42.87
N ALA C 93 -17.16 -31.75 42.57
CA ALA C 93 -15.75 -31.65 42.38
C ALA C 93 -15.02 -30.93 43.51
N GLY C 94 -13.80 -31.35 43.80
CA GLY C 94 -13.04 -30.76 44.90
C GLY C 94 -12.42 -29.43 44.54
N HIS C 95 -12.24 -29.23 43.24
CA HIS C 95 -11.55 -28.03 42.74
C HIS C 95 -12.07 -27.60 41.40
N ALA C 96 -12.12 -26.28 41.21
CA ALA C 96 -12.53 -25.70 39.93
C ALA C 96 -11.77 -24.45 39.57
N ASN C 97 -11.61 -24.24 38.26
CA ASN C 97 -11.12 -23.01 37.68
C ASN C 97 -12.16 -22.58 36.65
N VAL C 98 -12.65 -21.35 36.78
CA VAL C 98 -13.78 -20.88 35.97
C VAL C 98 -13.37 -19.72 35.07
N GLN C 99 -12.06 -19.59 34.89
CA GLN C 99 -11.48 -18.50 34.12
C GLN C 99 -11.39 -18.66 32.59
N PRO C 100 -11.21 -19.87 32.10
CA PRO C 100 -11.03 -19.97 30.64
C PRO C 100 -12.12 -19.27 29.84
N HIS C 101 -11.70 -18.66 28.74
CA HIS C 101 -12.61 -17.87 27.90
C HIS C 101 -13.34 -18.77 26.93
N SER C 102 -12.89 -20.02 26.89
CA SER C 102 -13.47 -21.00 25.99
C SER C 102 -13.18 -22.42 26.39
N GLY C 103 -13.92 -23.33 25.79
CA GLY C 103 -13.67 -24.75 25.96
C GLY C 103 -12.29 -25.14 25.47
N ALA C 104 -11.92 -24.61 24.32
CA ALA C 104 -10.64 -24.98 23.72
C ALA C 104 -9.51 -24.49 24.60
N GLN C 105 -9.77 -23.37 25.25
CA GLN C 105 -8.75 -22.73 26.06
C GLN C 105 -8.61 -23.52 27.36
N ALA C 106 -9.72 -24.08 27.81
CA ALA C 106 -9.72 -24.96 28.97
C ALA C 106 -8.93 -26.22 28.66
N ASN C 107 -9.15 -26.74 27.45
CA ASN C 107 -8.51 -27.98 27.02
C ASN C 107 -7.02 -27.75 26.93
N GLY C 108 -6.70 -26.57 26.45
CA GLY C 108 -5.31 -26.21 26.15
C GLY C 108 -4.53 -26.12 27.43
N ALA C 109 -5.21 -25.65 28.46
CA ALA C 109 -4.59 -25.40 29.76
C ALA C 109 -4.24 -26.72 30.41
N VAL C 110 -5.16 -27.67 30.26
CA VAL C 110 -5.03 -28.98 30.90
C VAL C 110 -3.91 -29.77 30.26
N MET C 111 -3.74 -29.59 28.96
CA MET C 111 -2.68 -30.28 28.22
C MET C 111 -1.31 -29.66 28.50
N LEU C 112 -1.29 -28.35 28.70
CA LEU C 112 -0.04 -27.64 28.95
C LEU C 112 0.40 -27.95 30.37
N ALA C 113 -0.55 -28.45 31.15
CA ALA C 113 -0.35 -28.73 32.57
C ALA C 113 0.05 -30.18 32.79
N LEU C 114 -0.53 -31.07 32.00
CA LEU C 114 -0.40 -32.51 32.24
C LEU C 114 0.36 -33.24 31.17
N ALA C 115 0.76 -32.52 30.13
CA ALA C 115 1.42 -33.13 28.98
C ALA C 115 2.72 -32.43 28.66
N LYS C 116 3.80 -33.21 28.78
CA LYS C 116 5.13 -32.73 28.41
C LYS C 116 5.19 -32.56 26.89
N PRO C 117 6.11 -31.71 26.43
CA PRO C 117 6.15 -31.54 24.99
C PRO C 117 6.58 -32.84 24.35
N GLY C 118 6.00 -33.11 23.20
CA GLY C 118 6.35 -34.27 22.39
C GLY C 118 5.77 -35.54 22.97
N ASP C 119 4.97 -35.36 24.02
CA ASP C 119 4.22 -36.48 24.59
C ASP C 119 3.25 -36.99 23.54
N THR C 120 2.78 -38.21 23.76
CA THR C 120 1.72 -38.78 22.92
C THR C 120 0.39 -38.66 23.64
N VAL C 121 -0.61 -38.19 22.90
CA VAL C 121 -1.94 -37.97 23.43
C VAL C 121 -2.98 -38.67 22.58
N LEU C 122 -3.82 -39.46 23.25
CA LEU C 122 -4.80 -40.29 22.56
C LEU C 122 -6.22 -39.79 22.82
N GLY C 123 -6.86 -39.33 21.76
CA GLY C 123 -8.18 -38.71 21.84
C GLY C 123 -9.16 -39.20 20.78
N MET C 124 -10.43 -38.90 21.03
CA MET C 124 -11.50 -39.34 20.13
C MET C 124 -11.67 -38.41 18.95
N SER C 125 -11.96 -39.04 17.82
CA SER C 125 -12.46 -38.33 16.65
C SER C 125 -13.51 -39.17 15.94
N LEU C 126 -14.58 -38.49 15.54
CA LEU C 126 -15.67 -39.10 14.76
C LEU C 126 -15.52 -38.79 13.29
N PHE C 145 2.79 -32.00 20.61
CA PHE C 145 2.08 -33.23 20.96
C PHE C 145 1.92 -34.16 19.79
N ASN C 146 2.15 -35.43 20.08
CA ASN C 146 1.87 -36.53 19.16
C ASN C 146 0.41 -36.96 19.32
N ALA C 147 -0.47 -36.29 18.59
CA ALA C 147 -1.90 -36.56 18.71
C ALA C 147 -2.32 -37.78 17.90
N LEU C 148 -2.77 -38.79 18.64
CA LEU C 148 -3.34 -39.99 18.04
C LEU C 148 -4.84 -40.02 18.27
N GLN C 149 -5.55 -40.57 17.30
CA GLN C 149 -6.99 -40.64 17.42
C GLN C 149 -7.49 -42.05 17.53
N TYR C 150 -8.59 -42.21 18.26
CA TYR C 150 -9.45 -43.38 18.21
C TYR C 150 -10.83 -42.93 17.80
N GLY C 151 -11.59 -43.86 17.24
CA GLY C 151 -12.95 -43.56 16.81
C GLY C 151 -13.94 -44.63 17.16
N VAL C 152 -14.90 -44.78 16.26
CA VAL C 152 -15.95 -45.78 16.42
C VAL C 152 -15.74 -46.90 15.44
N SER C 153 -16.35 -48.03 15.76
CA SER C 153 -16.34 -49.21 14.88
C SER C 153 -17.07 -48.93 13.59
N ARG C 154 -16.49 -49.39 12.49
CA ARG C 154 -17.09 -49.19 11.18
C ARG C 154 -18.40 -49.96 11.09
N ASP C 155 -18.51 -50.97 11.95
CA ASP C 155 -19.61 -51.93 11.87
C ASP C 155 -20.75 -51.66 12.86
N THR C 156 -20.43 -51.00 13.97
CA THR C 156 -21.45 -50.68 14.99
C THR C 156 -21.68 -49.20 15.22
N MET C 157 -20.71 -48.40 14.76
CA MET C 157 -20.75 -46.94 14.95
C MET C 157 -20.58 -46.58 16.43
N LEU C 158 -20.19 -47.59 17.20
CA LEU C 158 -19.91 -47.41 18.63
C LEU C 158 -18.43 -47.38 18.95
N ILE C 159 -18.11 -46.62 20.00
CA ILE C 159 -16.74 -46.55 20.49
C ILE C 159 -16.12 -47.91 20.62
N ASP C 160 -14.96 -47.97 19.98
CA ASP C 160 -14.10 -49.13 19.91
C ASP C 160 -13.15 -49.16 21.10
N TYR C 161 -13.60 -49.79 22.19
CA TYR C 161 -12.85 -49.72 23.44
C TYR C 161 -11.63 -50.60 23.33
N ASP C 162 -11.69 -51.51 22.37
CA ASP C 162 -10.63 -52.48 22.20
C ASP C 162 -9.55 -51.77 21.41
N GLN C 163 -10.00 -50.90 20.52
CA GLN C 163 -9.08 -50.11 19.71
C GLN C 163 -8.39 -49.12 20.63
N VAL C 164 -9.13 -48.68 21.63
CA VAL C 164 -8.64 -47.63 22.49
C VAL C 164 -7.51 -48.24 23.26
N GLU C 165 -7.84 -49.39 23.82
CA GLU C 165 -6.91 -50.12 24.67
C GLU C 165 -5.72 -50.57 23.84
N ALA C 166 -6.02 -51.17 22.71
CA ALA C 166 -4.97 -51.63 21.80
C ALA C 166 -4.00 -50.49 21.65
N LEU C 167 -4.56 -49.41 21.12
CA LEU C 167 -3.83 -48.19 20.75
C LEU C 167 -3.04 -47.62 21.93
N ALA C 168 -3.64 -47.74 23.10
CA ALA C 168 -3.05 -47.26 24.36
C ALA C 168 -1.81 -48.08 24.66
N GLN C 169 -2.03 -49.38 24.67
CA GLN C 169 -0.97 -50.35 24.96
C GLN C 169 0.13 -50.23 23.91
N GLN C 170 -0.29 -49.92 22.70
CA GLN C 170 0.60 -49.83 21.55
C GLN C 170 1.45 -48.55 21.54
N HIS C 171 0.88 -47.40 21.87
CA HIS C 171 1.64 -46.17 21.82
C HIS C 171 2.02 -45.51 23.11
N LYS C 172 1.52 -45.98 24.21
CA LYS C 172 1.93 -45.41 25.47
C LYS C 172 1.72 -43.91 25.49
N PRO C 173 0.46 -43.47 25.51
CA PRO C 173 0.16 -42.07 25.66
C PRO C 173 0.29 -41.65 27.11
N SER C 174 0.69 -40.41 27.32
CA SER C 174 0.82 -39.91 28.68
C SER C 174 -0.56 -39.46 29.12
N LEU C 175 -1.38 -39.20 28.12
CA LEU C 175 -2.73 -38.67 28.33
C LEU C 175 -3.73 -39.29 27.36
N ILE C 176 -4.83 -39.77 27.93
CA ILE C 176 -5.97 -40.20 27.15
C ILE C 176 -7.12 -39.24 27.39
N ILE C 177 -7.72 -38.82 26.29
CA ILE C 177 -8.86 -37.90 26.33
C ILE C 177 -10.12 -38.59 25.84
N ALA C 178 -11.14 -38.49 26.67
CA ALA C 178 -12.48 -38.96 26.32
C ALA C 178 -13.43 -37.79 26.24
N GLY C 179 -14.54 -38.05 25.57
CA GLY C 179 -15.48 -37.01 25.21
C GLY C 179 -15.00 -36.26 23.99
N PHE C 180 -15.12 -34.94 24.06
CA PHE C 180 -14.64 -34.05 23.02
C PHE C 180 -15.51 -34.08 21.77
N SER C 181 -15.90 -35.29 21.39
CA SER C 181 -16.71 -35.51 20.18
C SER C 181 -18.17 -35.46 20.50
N ALA C 182 -18.95 -34.99 19.52
CA ALA C 182 -20.41 -34.95 19.63
C ALA C 182 -21.00 -36.33 19.36
N TYR C 183 -20.78 -37.20 20.33
CA TYR C 183 -21.16 -38.62 20.28
C TYR C 183 -22.51 -38.82 20.97
N PRO C 184 -23.47 -39.50 20.30
CA PRO C 184 -24.83 -39.56 20.82
C PRO C 184 -25.13 -40.67 21.82
N ARG C 185 -24.10 -41.38 22.23
CA ARG C 185 -24.27 -42.46 23.21
C ARG C 185 -23.42 -42.22 24.46
N LYS C 186 -23.84 -42.86 25.54
CA LYS C 186 -23.10 -42.84 26.80
C LYS C 186 -21.63 -43.11 26.58
N LEU C 187 -20.82 -42.44 27.41
CA LEU C 187 -19.39 -42.71 27.54
C LEU C 187 -19.12 -43.41 28.85
N ASP C 188 -18.36 -44.50 28.77
CA ASP C 188 -17.98 -45.30 29.94
C ASP C 188 -16.68 -44.81 30.54
N PHE C 189 -16.78 -43.84 31.43
CA PHE C 189 -15.60 -43.17 31.96
C PHE C 189 -14.77 -44.11 32.81
N ALA C 190 -15.44 -45.01 33.51
CA ALA C 190 -14.76 -45.96 34.39
C ALA C 190 -13.84 -46.83 33.57
N ARG C 191 -14.32 -47.14 32.37
CA ARG C 191 -13.62 -48.05 31.46
C ARG C 191 -12.43 -47.34 30.86
N PHE C 192 -12.62 -46.06 30.60
CA PHE C 192 -11.56 -45.22 30.06
C PHE C 192 -10.47 -45.11 31.11
N ARG C 193 -10.90 -45.04 32.35
CA ARG C 193 -9.98 -44.82 33.46
C ARG C 193 -9.17 -46.09 33.67
N ALA C 194 -9.85 -47.20 33.46
CA ALA C 194 -9.23 -48.52 33.63
C ALA C 194 -8.11 -48.65 32.61
N ILE C 195 -8.47 -48.35 31.39
CA ILE C 195 -7.52 -48.43 30.27
C ILE C 195 -6.35 -47.51 30.54
N ALA C 196 -6.67 -46.34 31.08
CA ALA C 196 -5.65 -45.31 31.28
C ALA C 196 -4.66 -45.82 32.31
N ASP C 197 -5.19 -46.54 33.29
CA ASP C 197 -4.41 -46.96 34.46
C ASP C 197 -3.48 -48.05 34.00
N SER C 198 -3.87 -48.64 32.89
CA SER C 198 -3.27 -49.89 32.42
C SER C 198 -1.93 -49.58 31.84
N VAL C 199 -1.82 -48.34 31.38
CA VAL C 199 -0.64 -47.91 30.63
C VAL C 199 -0.01 -46.70 31.29
N GLY C 200 -0.46 -46.45 32.51
CA GLY C 200 0.10 -45.40 33.35
C GLY C 200 -0.20 -44.03 32.80
N ALA C 201 -1.28 -43.95 32.03
CA ALA C 201 -1.73 -42.67 31.45
C ALA C 201 -2.72 -41.94 32.37
N LYS C 202 -2.74 -40.63 32.22
CA LYS C 202 -3.78 -39.80 32.86
C LYS C 202 -5.00 -39.73 31.96
N LEU C 203 -6.16 -39.61 32.59
CA LEU C 203 -7.44 -39.48 31.88
C LEU C 203 -8.02 -38.07 32.00
N MET C 204 -8.21 -37.48 30.84
CA MET C 204 -8.90 -36.19 30.73
C MET C 204 -10.24 -36.40 30.05
N VAL C 205 -11.27 -35.76 30.60
CA VAL C 205 -12.59 -35.77 29.98
C VAL C 205 -13.03 -34.37 29.62
N ASP C 206 -13.32 -34.20 28.33
CA ASP C 206 -13.89 -32.96 27.81
C ASP C 206 -15.39 -33.19 27.67
N MET C 207 -16.15 -32.67 28.63
CA MET C 207 -17.59 -32.94 28.69
C MET C 207 -18.41 -31.84 28.06
N ALA C 208 -17.77 -31.04 27.22
CA ALA C 208 -18.40 -29.83 26.68
C ALA C 208 -19.75 -30.12 26.05
N HIS C 209 -19.85 -31.28 25.40
CA HIS C 209 -21.02 -31.59 24.57
C HIS C 209 -22.18 -32.10 25.40
N ILE C 210 -21.89 -32.47 26.65
CA ILE C 210 -22.88 -33.13 27.51
C ILE C 210 -22.91 -32.63 28.97
N ALA C 211 -22.32 -31.47 29.20
CA ALA C 211 -22.14 -30.97 30.56
C ALA C 211 -23.48 -30.82 31.28
N GLY C 212 -24.48 -30.35 30.56
CA GLY C 212 -25.79 -30.08 31.16
C GLY C 212 -26.48 -31.37 31.52
N VAL C 213 -26.19 -32.39 30.74
CA VAL C 213 -26.81 -33.70 30.93
C VAL C 213 -26.22 -34.32 32.19
N ILE C 214 -24.90 -34.22 32.27
CA ILE C 214 -24.18 -34.69 33.45
C ILE C 214 -24.65 -33.94 34.69
N ALA C 215 -24.79 -32.62 34.54
CA ALA C 215 -25.14 -31.76 35.68
C ALA C 215 -26.50 -32.12 36.26
N ALA C 216 -27.38 -32.66 35.41
CA ALA C 216 -28.76 -33.01 35.82
C ALA C 216 -28.78 -34.44 36.36
N GLY C 217 -27.61 -35.05 36.32
CA GLY C 217 -27.41 -36.44 36.78
C GLY C 217 -27.96 -37.49 35.84
N ARG C 218 -28.00 -37.14 34.56
CA ARG C 218 -28.60 -38.00 33.53
C ARG C 218 -27.54 -38.63 32.65
N HIS C 219 -26.31 -38.46 33.07
CA HIS C 219 -25.15 -39.15 32.48
C HIS C 219 -24.09 -39.29 33.56
N ALA C 220 -23.37 -40.40 33.53
CA ALA C 220 -22.30 -40.66 34.49
C ALA C 220 -21.38 -39.45 34.55
N ASN C 221 -20.98 -39.11 35.77
CA ASN C 221 -20.12 -37.95 36.03
C ASN C 221 -18.62 -38.30 35.93
N PRO C 222 -17.91 -37.67 34.99
CA PRO C 222 -16.53 -38.05 34.73
C PRO C 222 -15.58 -37.60 35.83
N VAL C 223 -16.09 -36.76 36.71
CA VAL C 223 -15.25 -36.20 37.79
C VAL C 223 -14.82 -37.36 38.70
N GLU C 224 -15.69 -38.35 38.78
CA GLU C 224 -15.46 -39.53 39.64
C GLU C 224 -14.40 -40.47 39.08
N HIS C 225 -13.99 -40.23 37.84
CA HIS C 225 -13.17 -41.21 37.12
C HIS C 225 -11.94 -40.64 36.41
N ALA C 226 -12.03 -39.37 36.07
CA ALA C 226 -10.98 -38.69 35.33
C ALA C 226 -10.09 -37.92 36.28
N HIS C 227 -8.84 -37.74 35.87
CA HIS C 227 -7.90 -36.95 36.66
C HIS C 227 -8.33 -35.51 36.58
N VAL C 228 -8.91 -35.17 35.43
CA VAL C 228 -9.32 -33.80 35.14
C VAL C 228 -10.45 -33.77 34.11
N VAL C 229 -11.28 -32.75 34.25
CA VAL C 229 -12.45 -32.57 33.41
C VAL C 229 -12.56 -31.13 32.93
N THR C 230 -12.76 -30.99 31.63
CA THR C 230 -12.94 -29.67 31.03
C THR C 230 -14.34 -29.57 30.48
N SER C 231 -14.78 -28.33 30.32
CA SER C 231 -16.10 -28.06 29.78
C SER C 231 -16.26 -26.65 29.28
N THR C 232 -17.35 -26.48 28.54
CA THR C 232 -17.84 -25.17 28.15
C THR C 232 -18.91 -24.78 29.14
N THR C 233 -19.21 -23.48 29.17
CA THR C 233 -20.28 -22.98 30.03
C THR C 233 -21.54 -22.69 29.25
N HIS C 234 -21.45 -22.71 27.92
CA HIS C 234 -22.65 -22.52 27.12
C HIS C 234 -23.22 -23.88 26.74
N LYS C 235 -23.79 -23.98 25.56
CA LYS C 235 -24.37 -25.25 25.09
C LYS C 235 -25.41 -25.74 26.08
N THR C 236 -25.27 -26.99 26.53
CA THR C 236 -26.33 -27.59 27.37
C THR C 236 -26.34 -27.02 28.80
N LEU C 237 -25.33 -26.21 29.13
CA LEU C 237 -25.30 -25.50 30.44
C LEU C 237 -25.93 -24.11 30.34
N ARG C 238 -26.16 -23.68 29.11
CA ARG C 238 -27.05 -22.56 28.83
C ARG C 238 -26.55 -21.26 29.45
N GLY C 239 -25.23 -21.17 29.54
CA GLY C 239 -24.55 -19.96 30.00
C GLY C 239 -23.84 -19.16 28.92
N PRO C 240 -23.00 -18.21 29.34
CA PRO C 240 -22.16 -17.51 28.39
C PRO C 240 -21.13 -18.43 27.77
N ARG C 241 -20.63 -18.02 26.64
CA ARG C 241 -19.49 -18.73 26.08
C ARG C 241 -18.34 -18.62 27.06
N GLY C 242 -17.65 -19.73 27.23
CA GLY C 242 -16.56 -19.81 28.18
C GLY C 242 -16.27 -21.23 28.57
N GLY C 243 -15.26 -21.41 29.39
CA GLY C 243 -14.88 -22.74 29.85
C GLY C 243 -14.64 -22.81 31.33
N PHE C 244 -14.49 -24.04 31.79
CA PHE C 244 -14.01 -24.32 33.13
C PHE C 244 -13.29 -25.65 33.20
N VAL C 245 -12.64 -25.82 34.33
CA VAL C 245 -11.86 -27.03 34.60
C VAL C 245 -12.15 -27.53 36.01
N LEU C 246 -12.30 -28.84 36.11
CA LEU C 246 -12.58 -29.52 37.37
C LEU C 246 -11.57 -30.64 37.64
N THR C 247 -11.28 -30.83 38.92
CA THR C 247 -10.43 -31.94 39.37
C THR C 247 -10.61 -32.17 40.86
N ASN C 248 -10.35 -33.41 41.26
CA ASN C 248 -10.43 -33.80 42.68
C ASN C 248 -9.05 -33.78 43.30
N ASP C 249 -8.07 -33.61 42.42
CA ASP C 249 -6.64 -33.64 42.80
C ASP C 249 -6.07 -32.23 42.96
N GLU C 250 -5.67 -31.91 44.18
CA GLU C 250 -5.23 -30.56 44.51
C GLU C 250 -3.94 -30.21 43.80
N GLU C 251 -3.13 -31.23 43.56
CA GLU C 251 -1.82 -31.03 42.93
C GLU C 251 -2.05 -30.61 41.49
N ILE C 252 -3.10 -31.18 40.93
CA ILE C 252 -3.44 -30.91 39.53
C ILE C 252 -4.10 -29.55 39.44
N ALA C 253 -4.93 -29.27 40.43
CA ALA C 253 -5.68 -28.02 40.45
C ALA C 253 -4.71 -26.86 40.40
N LYS C 254 -3.60 -27.00 41.11
CA LYS C 254 -2.62 -25.92 41.23
C LYS C 254 -1.94 -25.70 39.89
N LYS C 255 -1.64 -26.81 39.24
CA LYS C 255 -0.97 -26.76 37.94
C LYS C 255 -1.89 -26.07 36.96
N ILE C 256 -3.17 -26.37 37.12
CA ILE C 256 -4.19 -25.86 36.20
C ILE C 256 -4.29 -24.36 36.38
N ASN C 257 -4.29 -23.94 37.63
CA ASN C 257 -4.46 -22.54 37.95
C ASN C 257 -3.34 -21.75 37.31
N SER C 258 -2.17 -22.35 37.34
CA SER C 258 -1.00 -21.73 36.78
C SER C 258 -0.92 -21.85 35.30
N ALA C 259 -1.70 -22.74 34.72
CA ALA C 259 -1.64 -22.94 33.30
C ALA C 259 -2.68 -22.11 32.63
N VAL C 260 -3.67 -21.70 33.40
CA VAL C 260 -4.62 -20.66 33.09
C VAL C 260 -4.27 -19.44 33.99
N GLY C 267 -8.92 -11.24 29.38
CA GLY C 267 -9.62 -11.42 30.64
C GLY C 267 -8.89 -10.82 31.82
N PRO C 268 -9.48 -10.93 33.02
CA PRO C 268 -10.74 -11.63 33.18
C PRO C 268 -11.95 -10.75 32.92
N LEU C 269 -12.98 -11.39 32.42
CA LEU C 269 -14.23 -10.72 32.11
C LEU C 269 -15.20 -10.98 33.25
N MET C 270 -15.24 -10.08 34.21
CA MET C 270 -15.97 -10.35 35.44
C MET C 270 -17.46 -10.46 35.20
N HIS C 271 -17.93 -9.74 34.19
CA HIS C 271 -19.35 -9.77 33.83
C HIS C 271 -19.69 -11.13 33.25
N VAL C 272 -18.72 -11.70 32.56
CA VAL C 272 -18.88 -13.04 31.99
C VAL C 272 -18.82 -14.09 33.10
N ILE C 273 -17.91 -13.90 34.04
CA ILE C 273 -17.81 -14.80 35.20
C ILE C 273 -19.11 -14.75 36.00
N ALA C 274 -19.69 -13.56 36.08
CA ALA C 274 -20.97 -13.39 36.75
C ALA C 274 -22.03 -14.22 36.01
N GLY C 275 -21.95 -14.20 34.69
CA GLY C 275 -22.89 -14.95 33.86
C GLY C 275 -22.76 -16.45 34.08
N LYS C 276 -21.53 -16.88 34.28
CA LYS C 276 -21.21 -18.29 34.54
C LYS C 276 -21.81 -18.67 35.89
N ALA C 277 -21.67 -17.78 36.84
CA ALA C 277 -22.18 -18.02 38.20
C ALA C 277 -23.70 -18.18 38.13
N VAL C 278 -24.31 -17.31 37.33
CA VAL C 278 -25.76 -17.31 37.20
C VAL C 278 -26.19 -18.64 36.58
N ALA C 279 -25.48 -19.05 35.55
CA ALA C 279 -25.86 -20.28 34.84
C ALA C 279 -25.64 -21.51 35.73
N PHE C 280 -24.57 -21.51 36.50
CA PHE C 280 -24.28 -22.64 37.37
C PHE C 280 -25.37 -22.70 38.43
N GLY C 281 -25.81 -21.52 38.86
CA GLY C 281 -26.86 -21.44 39.87
C GLY C 281 -28.14 -22.03 39.33
N GLU C 282 -28.42 -21.71 38.07
CA GLU C 282 -29.63 -22.21 37.43
C GLU C 282 -29.57 -23.72 37.32
N ALA C 283 -28.38 -24.24 37.09
CA ALA C 283 -28.22 -25.69 36.79
C ALA C 283 -28.40 -26.50 38.07
N LEU C 284 -28.25 -25.82 39.19
CA LEU C 284 -28.36 -26.43 40.52
C LEU C 284 -29.83 -26.62 40.92
N THR C 285 -30.71 -25.97 40.17
CA THR C 285 -32.16 -25.97 40.49
C THR C 285 -32.94 -27.14 39.90
N ASP C 286 -34.05 -27.46 40.55
CA ASP C 286 -34.92 -28.54 40.07
C ASP C 286 -35.41 -28.24 38.66
N ASP C 287 -35.64 -26.96 38.38
CA ASP C 287 -36.13 -26.58 37.06
C ASP C 287 -35.17 -27.01 35.97
N PHE C 288 -33.88 -27.05 36.30
CA PHE C 288 -32.91 -27.44 35.29
C PHE C 288 -32.97 -28.95 35.06
N LYS C 289 -33.22 -29.69 36.12
CA LYS C 289 -33.34 -31.14 35.97
C LYS C 289 -34.52 -31.45 35.06
N THR C 290 -35.55 -30.64 35.19
CA THR C 290 -36.79 -30.84 34.42
C THR C 290 -36.53 -30.47 32.97
N TYR C 291 -35.69 -29.46 32.82
CA TYR C 291 -35.29 -29.00 31.49
C TYR C 291 -34.57 -30.14 30.76
N ILE C 292 -33.58 -30.73 31.42
CA ILE C 292 -32.74 -31.75 30.78
C ILE C 292 -33.60 -32.99 30.48
N ASP C 293 -34.57 -33.21 31.34
CA ASP C 293 -35.45 -34.39 31.20
C ASP C 293 -36.18 -34.23 29.88
N ARG C 294 -36.59 -33.00 29.63
CA ARG C 294 -37.39 -32.67 28.44
C ARG C 294 -36.49 -32.68 27.22
N VAL C 295 -35.27 -32.19 27.40
CA VAL C 295 -34.29 -32.18 26.31
C VAL C 295 -34.11 -33.61 25.79
N LEU C 296 -34.05 -34.52 26.72
CA LEU C 296 -33.75 -35.93 26.42
C LEU C 296 -34.95 -36.59 25.78
N ALA C 297 -36.12 -36.29 26.33
CA ALA C 297 -37.35 -36.89 25.85
C ALA C 297 -37.64 -36.35 24.48
N ASN C 298 -37.28 -35.09 24.27
CA ASN C 298 -37.56 -34.41 23.02
C ASN C 298 -36.71 -35.01 21.91
N ALA C 299 -35.50 -35.42 22.26
CA ALA C 299 -34.56 -35.97 21.27
C ALA C 299 -35.06 -37.34 20.84
N GLN C 300 -35.69 -38.04 21.77
CA GLN C 300 -36.19 -39.39 21.49
C GLN C 300 -37.36 -39.25 20.54
N ALA C 301 -38.17 -38.24 20.80
CA ALA C 301 -39.39 -38.00 20.03
C ALA C 301 -39.04 -37.62 18.60
N LEU C 302 -38.05 -36.74 18.47
CA LEU C 302 -37.62 -36.25 17.17
C LEU C 302 -36.94 -37.36 16.40
N GLY C 303 -36.11 -38.11 17.10
CA GLY C 303 -35.35 -39.17 16.48
C GLY C 303 -36.28 -40.23 15.94
N ASP C 304 -37.30 -40.55 16.73
CA ASP C 304 -38.22 -41.63 16.35
C ASP C 304 -38.98 -41.26 15.10
N VAL C 305 -39.27 -39.97 14.99
CA VAL C 305 -40.05 -39.46 13.87
C VAL C 305 -39.20 -39.50 12.60
N LEU C 306 -37.93 -39.13 12.74
CA LEU C 306 -37.03 -39.11 11.60
C LEU C 306 -36.80 -40.52 11.09
N LYS C 307 -36.67 -41.45 12.03
CA LYS C 307 -36.42 -42.85 11.68
C LYS C 307 -37.64 -43.42 10.96
N ALA C 308 -38.81 -43.14 11.50
CA ALA C 308 -40.05 -43.64 10.93
C ALA C 308 -40.20 -43.10 9.52
N GLY C 309 -39.45 -42.04 9.28
CA GLY C 309 -39.60 -41.24 8.06
C GLY C 309 -38.66 -41.70 6.96
N GLY C 310 -37.82 -42.66 7.31
CA GLY C 310 -36.97 -43.31 6.31
C GLY C 310 -35.53 -42.87 6.24
N VAL C 311 -35.10 -42.11 7.22
CA VAL C 311 -33.65 -41.91 7.39
C VAL C 311 -33.13 -42.71 8.55
N ASP C 312 -31.81 -42.79 8.58
CA ASP C 312 -31.12 -43.53 9.63
C ASP C 312 -30.47 -42.58 10.61
N LEU C 313 -30.24 -43.11 11.80
CA LEU C 313 -29.50 -42.41 12.85
C LEU C 313 -28.22 -43.15 13.15
N VAL C 314 -27.12 -42.41 13.19
CA VAL C 314 -25.83 -42.98 13.56
C VAL C 314 -25.93 -43.51 14.99
N THR C 315 -25.65 -44.80 15.12
CA THR C 315 -25.76 -45.61 16.35
C THR C 315 -27.19 -46.08 16.59
N GLY C 316 -28.07 -45.65 15.71
CA GLY C 316 -29.46 -46.12 15.68
C GLY C 316 -30.37 -45.37 16.63
N GLY C 317 -29.80 -44.35 17.24
CA GLY C 317 -30.54 -43.54 18.20
C GLY C 317 -29.63 -42.62 18.98
N THR C 318 -30.07 -42.28 20.18
CA THR C 318 -29.30 -41.40 21.05
C THR C 318 -29.56 -41.67 22.54
N ASP C 319 -28.55 -41.45 23.34
CA ASP C 319 -28.68 -41.45 24.78
C ASP C 319 -28.75 -40.02 25.34
N ASN C 320 -28.64 -39.03 24.49
CA ASN C 320 -28.60 -37.64 24.95
C ASN C 320 -29.45 -36.69 24.13
N HIS C 321 -28.97 -35.48 23.94
CA HIS C 321 -29.69 -34.46 23.17
C HIS C 321 -29.36 -34.40 21.66
N LEU C 322 -28.39 -35.18 21.29
CA LEU C 322 -27.85 -35.18 19.97
C LEU C 322 -28.43 -36.26 19.08
N LEU C 323 -28.68 -35.88 17.84
CA LEU C 323 -29.05 -36.82 16.79
C LEU C 323 -28.13 -36.62 15.58
N LEU C 324 -27.49 -37.71 15.18
CA LEU C 324 -26.66 -37.71 13.98
C LEU C 324 -27.43 -38.40 12.88
N VAL C 325 -27.97 -37.60 11.99
CA VAL C 325 -28.81 -38.13 10.92
C VAL C 325 -27.94 -38.60 9.76
N ASP C 326 -28.26 -39.82 9.33
CA ASP C 326 -27.60 -40.48 8.20
C ASP C 326 -28.59 -40.42 7.04
N LEU C 327 -28.24 -39.63 6.02
CA LEU C 327 -29.17 -39.26 4.95
C LEU C 327 -29.11 -40.23 3.77
N ARG C 328 -28.23 -41.20 3.88
CA ARG C 328 -27.96 -42.09 2.74
C ARG C 328 -29.20 -42.80 2.22
N PRO C 329 -30.11 -43.23 3.11
CA PRO C 329 -31.26 -43.97 2.61
C PRO C 329 -32.15 -43.17 1.68
N LYS C 330 -31.99 -41.86 1.71
CA LYS C 330 -32.80 -40.95 0.87
C LYS C 330 -31.96 -40.40 -0.25
N GLY C 331 -30.69 -40.80 -0.22
CA GLY C 331 -29.70 -40.38 -1.21
C GLY C 331 -29.43 -38.89 -1.19
N LEU C 332 -29.61 -38.31 0.00
CA LEU C 332 -29.37 -36.88 0.19
C LEU C 332 -27.98 -36.59 0.75
N LYS C 333 -27.61 -35.33 0.58
CA LYS C 333 -26.28 -34.84 0.97
C LYS C 333 -26.38 -33.76 2.03
N GLY C 334 -25.47 -33.83 2.98
CA GLY C 334 -25.52 -32.96 4.16
C GLY C 334 -25.60 -31.48 3.86
N ALA C 335 -24.78 -31.03 2.93
CA ALA C 335 -24.69 -29.60 2.61
C ALA C 335 -26.01 -29.13 2.03
N GLN C 336 -26.54 -29.91 1.10
CA GLN C 336 -27.77 -29.52 0.39
C GLN C 336 -28.94 -29.52 1.36
N VAL C 337 -28.90 -30.44 2.31
CA VAL C 337 -29.99 -30.56 3.28
C VAL C 337 -29.92 -29.41 4.28
N GLU C 338 -28.70 -29.10 4.70
CA GLU C 338 -28.47 -28.02 5.67
C GLU C 338 -28.99 -26.73 5.08
N GLN C 339 -28.66 -26.54 3.82
CA GLN C 339 -29.01 -25.31 3.10
C GLN C 339 -30.50 -25.17 2.91
N ALA C 340 -31.13 -26.27 2.55
CA ALA C 340 -32.58 -26.29 2.29
C ALA C 340 -33.35 -26.05 3.57
N LEU C 341 -32.88 -26.68 4.64
CA LEU C 341 -33.56 -26.57 5.93
C LEU C 341 -33.50 -25.13 6.40
N GLU C 342 -32.33 -24.53 6.24
CA GLU C 342 -32.13 -23.16 6.72
C GLU C 342 -33.07 -22.21 5.99
N ARG C 343 -33.30 -22.48 4.71
CA ARG C 343 -34.21 -21.65 3.91
C ARG C 343 -35.62 -21.84 4.43
N ALA C 344 -35.83 -23.01 5.01
CA ALA C 344 -37.15 -23.45 5.49
C ALA C 344 -37.33 -23.05 6.94
N GLY C 345 -36.32 -22.36 7.46
CA GLY C 345 -36.40 -21.73 8.79
C GLY C 345 -35.95 -22.64 9.92
N ILE C 346 -35.19 -23.66 9.55
CA ILE C 346 -34.67 -24.67 10.48
C ILE C 346 -33.16 -24.76 10.34
N THR C 347 -32.46 -24.36 11.39
CA THR C 347 -30.98 -24.34 11.36
C THR C 347 -30.37 -25.57 12.01
N CYS C 348 -29.44 -26.16 11.28
CA CYS C 348 -28.63 -27.29 11.75
C CYS C 348 -27.24 -27.23 11.13
N ASN C 349 -26.44 -28.26 11.36
CA ASN C 349 -25.15 -28.36 10.69
C ASN C 349 -25.09 -29.65 9.88
N LYS C 350 -24.53 -29.55 8.71
CA LYS C 350 -24.08 -30.75 8.00
C LYS C 350 -23.04 -31.42 8.85
N ASN C 351 -22.94 -32.72 8.67
CA ASN C 351 -22.10 -33.54 9.51
C ASN C 351 -21.62 -34.78 8.78
N GLY C 352 -20.31 -34.90 8.67
CA GLY C 352 -19.69 -36.10 8.13
C GLY C 352 -19.90 -37.25 9.09
N ILE C 353 -20.61 -38.27 8.62
CA ILE C 353 -20.85 -39.48 9.44
C ILE C 353 -19.56 -40.29 9.54
N PRO C 354 -19.44 -41.17 10.55
CA PRO C 354 -18.22 -41.97 10.55
C PRO C 354 -18.07 -42.77 9.27
N PHE C 355 -16.86 -42.75 8.73
CA PHE C 355 -16.54 -43.47 7.48
C PHE C 355 -17.43 -43.00 6.34
N ASP C 356 -17.73 -41.71 6.35
CA ASP C 356 -18.60 -41.08 5.35
C ASP C 356 -18.07 -41.31 3.93
N PRO C 357 -18.96 -41.67 3.00
CA PRO C 357 -18.51 -41.92 1.63
C PRO C 357 -18.38 -40.65 0.82
N GLU C 358 -18.76 -39.55 1.43
CA GLU C 358 -18.70 -38.24 0.75
C GLU C 358 -17.51 -37.44 1.21
N LYS C 359 -17.04 -36.57 0.33
CA LYS C 359 -16.02 -35.63 0.73
C LYS C 359 -16.61 -34.66 1.74
N PRO C 360 -15.75 -34.05 2.54
CA PRO C 360 -16.07 -33.34 3.77
C PRO C 360 -16.92 -32.11 3.53
N THR C 361 -16.97 -31.66 2.28
CA THR C 361 -17.67 -30.42 1.96
C THR C 361 -19.08 -30.75 1.53
N ILE C 362 -19.33 -32.04 1.44
CA ILE C 362 -20.63 -32.56 1.04
C ILE C 362 -21.30 -33.23 2.22
N THR C 363 -20.67 -34.31 2.64
CA THR C 363 -21.13 -35.19 3.75
C THR C 363 -22.45 -35.88 3.48
N SER C 364 -22.72 -36.85 4.33
CA SER C 364 -23.89 -37.72 4.21
C SER C 364 -24.85 -37.54 5.36
N GLY C 365 -24.63 -36.48 6.14
CA GLY C 365 -25.41 -36.31 7.36
C GLY C 365 -25.65 -34.90 7.81
N ILE C 366 -26.55 -34.79 8.77
CA ILE C 366 -26.72 -33.56 9.54
C ILE C 366 -26.75 -33.89 11.02
N ARG C 367 -26.36 -32.90 11.81
CA ARG C 367 -26.42 -33.02 13.27
C ARG C 367 -27.49 -32.10 13.81
N LEU C 368 -28.35 -32.69 14.63
CA LEU C 368 -29.41 -31.98 15.34
C LEU C 368 -29.24 -32.11 16.84
N GLY C 369 -29.76 -31.11 17.53
CA GLY C 369 -29.90 -31.18 18.98
C GLY C 369 -31.13 -30.43 19.45
N THR C 370 -31.70 -30.92 20.55
CA THR C 370 -32.93 -30.35 21.13
C THR C 370 -32.80 -29.27 22.22
N PRO C 371 -31.57 -28.87 22.63
CA PRO C 371 -31.55 -27.91 23.76
C PRO C 371 -32.27 -26.57 23.53
N ALA C 372 -32.05 -25.96 22.37
CA ALA C 372 -32.57 -24.60 22.13
C ALA C 372 -34.09 -24.62 22.07
N GLY C 373 -34.60 -25.60 21.35
CA GLY C 373 -36.03 -25.73 21.15
C GLY C 373 -36.70 -26.08 22.47
N THR C 374 -36.00 -26.82 23.31
CA THR C 374 -36.58 -27.20 24.59
C THR C 374 -36.65 -25.97 25.47
N THR C 375 -35.63 -25.12 25.35
CA THR C 375 -35.57 -23.93 26.20
C THR C 375 -36.76 -23.01 25.93
N ARG C 376 -37.18 -22.92 24.69
CA ARG C 376 -38.26 -21.98 24.34
C ARG C 376 -39.61 -22.58 24.69
N GLY C 377 -39.59 -23.86 25.07
CA GLY C 377 -40.79 -24.49 25.64
C GLY C 377 -41.35 -25.69 24.89
N PHE C 378 -40.70 -26.05 23.79
CA PHE C 378 -41.16 -27.18 22.98
C PHE C 378 -41.21 -28.44 23.82
N GLY C 379 -42.26 -29.21 23.60
CA GLY C 379 -42.38 -30.53 24.20
C GLY C 379 -42.28 -31.58 23.12
N ALA C 380 -42.58 -32.81 23.47
CA ALA C 380 -42.42 -33.93 22.54
C ALA C 380 -43.27 -33.69 21.31
N ALA C 381 -44.47 -33.15 21.53
CA ALA C 381 -45.42 -32.97 20.45
C ALA C 381 -44.90 -31.95 19.44
N GLU C 382 -44.21 -30.94 19.97
CA GLU C 382 -43.70 -29.86 19.12
C GLU C 382 -42.51 -30.37 18.31
N PHE C 383 -41.70 -31.19 18.93
CA PHE C 383 -40.53 -31.76 18.25
C PHE C 383 -40.93 -32.77 17.20
N ARG C 384 -42.05 -33.44 17.41
CA ARG C 384 -42.57 -34.36 16.39
C ARG C 384 -42.99 -33.55 15.18
N GLU C 385 -43.59 -32.40 15.44
CA GLU C 385 -44.03 -31.51 14.37
C GLU C 385 -42.81 -31.06 13.58
N VAL C 386 -41.74 -30.73 14.30
CA VAL C 386 -40.53 -30.24 13.65
C VAL C 386 -40.00 -31.35 12.76
N GLY C 387 -40.07 -32.57 13.30
CA GLY C 387 -39.55 -33.74 12.61
C GLY C 387 -40.28 -33.96 11.31
N ARG C 388 -41.58 -33.74 11.34
CA ARG C 388 -42.43 -33.99 10.17
C ARG C 388 -42.11 -32.97 9.10
N LEU C 389 -41.82 -31.76 9.56
CA LEU C 389 -41.53 -30.64 8.67
C LEU C 389 -40.19 -30.88 8.00
N ILE C 390 -39.26 -31.42 8.79
CA ILE C 390 -37.94 -31.75 8.27
C ILE C 390 -38.09 -32.79 7.17
N LEU C 391 -38.95 -33.76 7.41
CA LEU C 391 -39.17 -34.85 6.45
C LEU C 391 -39.83 -34.34 5.18
N GLU C 392 -40.64 -33.30 5.32
CA GLU C 392 -41.31 -32.69 4.15
C GLU C 392 -40.25 -32.11 3.24
N VAL C 393 -39.22 -31.54 3.86
CA VAL C 393 -38.11 -30.95 3.10
C VAL C 393 -37.26 -32.05 2.48
N PHE C 394 -36.99 -33.11 3.23
CA PHE C 394 -36.22 -34.25 2.71
C PHE C 394 -36.89 -34.75 1.43
N GLU C 395 -38.22 -34.86 1.50
CA GLU C 395 -38.92 -35.49 0.39
C GLU C 395 -38.88 -34.64 -0.86
N ALA C 396 -38.90 -33.33 -0.67
CA ALA C 396 -38.82 -32.41 -1.81
C ALA C 396 -37.43 -32.50 -2.46
N LEU C 397 -36.42 -32.74 -1.64
CA LEU C 397 -35.03 -32.71 -2.11
C LEU C 397 -34.74 -33.97 -2.91
N ARG C 398 -35.63 -34.93 -2.77
CA ARG C 398 -35.46 -36.25 -3.40
C ARG C 398 -35.58 -36.10 -4.90
N THR C 399 -36.38 -35.14 -5.30
CA THR C 399 -36.55 -34.84 -6.72
C THR C 399 -35.77 -33.58 -7.11
N ASN C 400 -35.69 -32.64 -6.19
CA ASN C 400 -35.02 -31.36 -6.42
C ASN C 400 -33.95 -31.04 -5.39
N PRO C 401 -32.83 -31.77 -5.42
CA PRO C 401 -31.72 -31.66 -4.47
C PRO C 401 -31.19 -30.25 -4.30
N GLU C 402 -31.43 -29.40 -5.29
CA GLU C 402 -30.88 -28.05 -5.28
C GLU C 402 -31.81 -27.10 -4.57
N GLY C 403 -32.99 -27.61 -4.23
CA GLY C 403 -33.98 -26.89 -3.45
C GLY C 403 -35.35 -26.90 -4.09
N ASP C 404 -36.36 -26.78 -3.25
CA ASP C 404 -37.74 -26.63 -3.70
C ASP C 404 -38.41 -25.47 -2.98
N HIS C 405 -38.36 -24.33 -3.62
CA HIS C 405 -38.78 -23.08 -2.99
C HIS C 405 -40.17 -23.16 -2.37
N ALA C 406 -41.06 -23.84 -3.08
CA ALA C 406 -42.48 -23.83 -2.69
C ALA C 406 -42.62 -24.57 -1.37
N THR C 407 -41.85 -25.64 -1.25
CA THR C 407 -41.94 -26.49 -0.08
C THR C 407 -41.27 -25.81 1.10
N GLU C 408 -40.09 -25.29 0.81
CA GLU C 408 -39.30 -24.61 1.84
C GLU C 408 -40.09 -23.47 2.46
N GLN C 409 -40.82 -22.74 1.61
CA GLN C 409 -41.54 -21.56 2.06
C GLN C 409 -42.78 -21.93 2.86
N ARG C 410 -43.43 -23.01 2.44
CA ARG C 410 -44.58 -23.50 3.16
C ARG C 410 -44.17 -23.97 4.54
N VAL C 411 -43.03 -24.65 4.59
CA VAL C 411 -42.47 -25.13 5.85
C VAL C 411 -42.09 -23.94 6.74
N ARG C 412 -41.48 -22.93 6.13
CA ARG C 412 -41.02 -21.79 6.91
C ARG C 412 -42.19 -21.11 7.62
N ARG C 413 -43.33 -21.13 6.96
CA ARG C 413 -44.51 -20.43 7.49
C ARG C 413 -45.02 -21.19 8.68
N GLU C 414 -44.90 -22.51 8.59
CA GLU C 414 -45.41 -23.39 9.64
C GLU C 414 -44.49 -23.27 10.83
N ILE C 415 -43.22 -23.03 10.52
CA ILE C 415 -42.19 -22.90 11.57
C ILE C 415 -42.46 -21.60 12.33
N PHE C 416 -42.78 -20.57 11.57
CA PHE C 416 -43.07 -19.26 12.15
C PHE C 416 -44.18 -19.38 13.16
N ALA C 417 -45.24 -20.05 12.72
CA ALA C 417 -46.45 -20.25 13.54
C ALA C 417 -46.16 -21.03 14.80
N LEU C 418 -45.27 -22.00 14.68
CA LEU C 418 -44.92 -22.86 15.81
C LEU C 418 -44.20 -21.99 16.82
N CYS C 419 -43.25 -21.22 16.31
CA CYS C 419 -42.40 -20.41 17.17
C CYS C 419 -43.23 -19.35 17.88
N GLU C 420 -44.27 -18.93 17.18
CA GLU C 420 -45.12 -17.85 17.65
C GLU C 420 -45.85 -18.31 18.90
N ARG C 421 -45.97 -19.63 19.00
CA ARG C 421 -46.72 -20.26 20.11
C ARG C 421 -45.82 -20.36 21.33
N PHE C 422 -44.54 -20.18 21.07
CA PHE C 422 -43.49 -20.38 22.08
C PHE C 422 -42.49 -19.24 22.06
N PRO C 423 -42.96 -18.04 22.42
CA PRO C 423 -42.14 -16.84 22.34
C PRO C 423 -40.98 -16.83 23.30
N ILE C 424 -39.92 -16.20 22.85
CA ILE C 424 -38.73 -15.99 23.65
C ILE C 424 -38.56 -14.52 24.00
N TYR C 425 -37.92 -14.31 25.14
CA TYR C 425 -37.63 -12.97 25.66
C TYR C 425 -38.87 -12.10 25.58
N ALA D 5 16.86 20.19 3.72
CA ALA D 5 17.08 19.23 4.85
C ALA D 5 16.72 17.82 4.41
N ASN D 6 16.03 17.75 3.29
CA ASN D 6 15.56 16.48 2.70
C ASN D 6 16.56 15.95 1.67
N PRO D 7 17.14 14.77 1.92
CA PRO D 7 18.22 14.25 1.07
C PRO D 7 17.77 13.96 -0.36
N PHE D 8 16.48 13.77 -0.52
CA PHE D 8 15.92 13.55 -1.85
C PHE D 8 16.31 14.76 -2.67
N PHE D 9 16.36 15.88 -1.96
CA PHE D 9 16.59 17.17 -2.60
C PHE D 9 18.03 17.61 -2.42
N SER D 10 18.67 17.11 -1.38
CA SER D 10 19.97 17.66 -0.94
C SER D 10 21.16 16.84 -1.43
N GLN D 11 20.97 15.54 -1.56
CA GLN D 11 22.08 14.65 -1.89
C GLN D 11 22.30 14.45 -3.37
N SER D 12 23.56 14.42 -3.73
CA SER D 12 23.96 14.24 -5.12
C SER D 12 23.84 12.80 -5.57
N LEU D 13 23.87 12.64 -6.88
CA LEU D 13 23.87 11.31 -7.48
C LEU D 13 25.07 10.57 -6.92
N ALA D 14 26.18 11.28 -6.85
CA ALA D 14 27.43 10.64 -6.42
C ALA D 14 27.29 10.04 -5.02
N GLU D 15 26.51 10.70 -4.18
CA GLU D 15 26.35 10.31 -2.78
C GLU D 15 25.34 9.19 -2.63
N ARG D 16 24.49 9.03 -3.63
CA ARG D 16 23.30 8.16 -3.51
C ARG D 16 23.33 6.90 -4.36
N ASP D 17 24.05 6.95 -5.46
CA ASP D 17 24.01 5.88 -6.44
C ASP D 17 25.38 5.55 -6.98
N ALA D 18 26.05 4.63 -6.29
CA ALA D 18 27.46 4.33 -6.55
C ALA D 18 27.63 3.80 -7.97
N SER D 19 26.69 2.97 -8.38
CA SER D 19 26.82 2.25 -9.66
C SER D 19 26.69 3.22 -10.82
N VAL D 20 25.71 4.11 -10.73
CA VAL D 20 25.48 5.07 -11.80
C VAL D 20 26.62 6.07 -11.80
N ARG D 21 27.06 6.42 -10.61
CA ARG D 21 28.19 7.35 -10.45
C ARG D 21 29.41 6.78 -11.16
N GLY D 22 29.65 5.52 -10.87
CA GLY D 22 30.76 4.78 -11.46
C GLY D 22 30.71 4.81 -12.98
N ALA D 23 29.50 4.62 -13.50
CA ALA D 23 29.30 4.58 -14.95
C ALA D 23 29.58 5.95 -15.57
N ILE D 24 29.15 6.98 -14.87
CA ILE D 24 29.30 8.35 -15.36
C ILE D 24 30.78 8.70 -15.39
N LEU D 25 31.50 8.23 -14.38
CA LEU D 25 32.94 8.50 -14.25
C LEU D 25 33.72 7.80 -15.35
N LYS D 26 33.27 6.62 -15.72
CA LYS D 26 33.95 5.86 -16.78
C LYS D 26 33.75 6.56 -18.10
N GLU D 27 32.59 7.16 -18.24
CA GLU D 27 32.25 7.87 -19.47
C GLU D 27 33.07 9.15 -19.53
N LEU D 28 33.19 9.81 -18.39
CA LEU D 28 33.98 11.03 -18.31
C LEU D 28 35.40 10.72 -18.74
N GLU D 29 35.89 9.58 -18.27
CA GLU D 29 37.29 9.18 -18.54
C GLU D 29 37.46 8.88 -20.01
N ARG D 30 36.41 8.32 -20.63
CA ARG D 30 36.44 8.03 -22.07
C ARG D 30 36.65 9.33 -22.83
N GLN D 31 35.92 10.34 -22.38
CA GLN D 31 35.86 11.63 -23.07
C GLN D 31 37.14 12.41 -22.82
N GLN D 32 37.69 12.21 -21.63
CA GLN D 32 38.87 12.97 -21.19
C GLN D 32 40.14 12.44 -21.86
N SER D 33 40.22 11.12 -22.00
CA SER D 33 41.52 10.47 -22.25
C SER D 33 41.70 9.95 -23.66
N GLN D 34 40.63 10.02 -24.45
CA GLN D 34 40.72 9.64 -25.85
C GLN D 34 40.43 10.81 -26.76
N VAL D 35 40.98 10.72 -27.97
CA VAL D 35 40.72 11.72 -29.00
C VAL D 35 39.53 11.28 -29.84
N GLU D 36 38.51 12.13 -29.79
CA GLU D 36 37.24 11.91 -30.49
C GLU D 36 37.27 12.60 -31.83
N LEU D 37 37.28 11.78 -32.88
CA LEU D 37 37.31 12.28 -34.27
C LEU D 37 36.03 11.98 -35.03
N ILE D 38 35.04 11.41 -34.35
CA ILE D 38 33.73 11.25 -34.97
C ILE D 38 33.18 12.63 -35.28
N ALA D 39 32.83 12.83 -36.54
CA ALA D 39 32.62 14.19 -37.07
C ALA D 39 31.39 14.84 -36.49
N SER D 40 30.47 14.02 -36.00
CA SER D 40 29.18 14.47 -35.51
C SER D 40 29.19 14.68 -34.01
N GLU D 41 30.30 14.30 -33.38
CA GLU D 41 30.41 14.38 -31.92
C GLU D 41 30.91 15.74 -31.50
N ASN D 42 30.56 16.11 -30.29
CA ASN D 42 31.11 17.31 -29.66
C ASN D 42 31.06 17.19 -28.15
N ILE D 43 31.48 18.25 -27.50
CA ILE D 43 31.53 18.34 -26.04
C ILE D 43 30.82 19.62 -25.65
N VAL D 44 29.71 19.47 -24.94
CA VAL D 44 28.89 20.64 -24.58
C VAL D 44 29.45 21.41 -23.39
N SER D 45 29.09 22.68 -23.34
CA SER D 45 29.50 23.55 -22.23
C SER D 45 28.88 23.11 -20.92
N ARG D 46 29.52 23.53 -19.84
CA ARG D 46 28.97 23.33 -18.50
C ARG D 46 27.58 23.97 -18.44
N ALA D 47 27.41 25.05 -19.18
CA ALA D 47 26.14 25.77 -19.17
C ALA D 47 25.03 24.92 -19.79
N VAL D 48 25.36 24.24 -20.88
CA VAL D 48 24.38 23.35 -21.52
C VAL D 48 24.06 22.20 -20.57
N LEU D 49 25.07 21.75 -19.83
CA LEU D 49 24.85 20.65 -18.87
C LEU D 49 23.86 21.11 -17.79
N ASP D 50 24.06 22.35 -17.36
CA ASP D 50 23.23 22.92 -16.29
C ASP D 50 21.77 23.01 -16.75
N ALA D 51 21.61 23.29 -18.04
CA ALA D 51 20.26 23.44 -18.63
C ALA D 51 19.59 22.09 -18.64
N GLN D 52 20.34 21.09 -19.09
CA GLN D 52 19.76 19.75 -19.26
C GLN D 52 19.42 19.15 -17.91
N GLY D 53 20.17 19.58 -16.91
CA GLY D 53 20.03 19.08 -15.54
C GLY D 53 19.17 19.99 -14.68
N SER D 54 18.40 20.83 -15.35
CA SER D 54 17.59 21.85 -14.65
C SER D 54 16.23 21.33 -14.24
N VAL D 55 15.59 22.10 -13.36
CA VAL D 55 14.27 21.73 -12.84
C VAL D 55 13.19 21.85 -13.91
N LEU D 56 13.58 22.29 -15.09
CA LEU D 56 12.61 22.45 -16.19
C LEU D 56 12.05 21.09 -16.61
N THR D 57 12.69 20.02 -16.14
CA THR D 57 12.24 18.66 -16.44
C THR D 57 10.88 18.42 -15.80
N ASN D 58 10.62 19.16 -14.71
CA ASN D 58 9.37 18.94 -13.98
C ASN D 58 8.22 19.72 -14.56
N LYS D 59 7.99 19.52 -15.81
CA LYS D 59 6.90 20.21 -16.48
C LYS D 59 6.37 19.49 -17.70
N TYR D 60 5.12 19.75 -17.99
CA TYR D 60 4.43 19.20 -19.18
C TYR D 60 4.50 17.68 -19.25
N ALA D 61 4.20 17.05 -18.12
CA ALA D 61 4.18 15.58 -17.99
C ALA D 61 3.29 14.90 -19.04
N ASP D 77 6.51 29.21 -23.20
CA ASP D 77 7.54 29.21 -22.18
C ASP D 77 8.68 30.14 -22.56
N GLU D 78 9.21 30.80 -21.54
CA GLU D 78 10.26 31.79 -21.74
C GLU D 78 11.46 31.19 -22.45
N VAL D 79 11.85 29.98 -22.05
CA VAL D 79 13.07 29.40 -22.64
C VAL D 79 12.86 29.11 -24.11
N GLU D 80 11.62 28.85 -24.48
CA GLU D 80 11.31 28.52 -25.89
C GLU D 80 11.37 29.80 -26.67
N ALA D 81 10.90 30.87 -26.05
CA ALA D 81 10.88 32.18 -26.70
C ALA D 81 12.32 32.61 -26.95
N LEU D 82 13.18 32.30 -25.99
CA LEU D 82 14.59 32.69 -26.06
C LEU D 82 15.27 31.89 -27.16
N ALA D 83 14.92 30.61 -27.22
CA ALA D 83 15.55 29.72 -28.21
C ALA D 83 15.17 30.20 -29.60
N ILE D 84 13.90 30.55 -29.73
CA ILE D 84 13.36 30.96 -31.03
C ILE D 84 14.00 32.25 -31.49
N GLU D 85 14.07 33.22 -30.60
CA GLU D 85 14.55 34.54 -30.99
C GLU D 85 16.04 34.43 -31.33
N ARG D 86 16.71 33.55 -30.62
CA ARG D 86 18.16 33.42 -30.78
C ARG D 86 18.51 32.73 -32.08
N VAL D 87 17.76 31.68 -32.41
CA VAL D 87 18.06 30.90 -33.62
C VAL D 87 17.69 31.73 -34.85
N LYS D 88 16.65 32.53 -34.71
CA LYS D 88 16.19 33.39 -35.84
C LYS D 88 17.27 34.41 -36.14
N ARG D 89 17.90 34.87 -35.07
CA ARG D 89 18.93 35.90 -35.18
C ARG D 89 20.17 35.26 -35.76
N LEU D 90 20.43 34.05 -35.29
CA LEU D 90 21.66 33.33 -35.63
C LEU D 90 21.72 33.05 -37.13
N PHE D 91 20.57 32.74 -37.71
CA PHE D 91 20.50 32.27 -39.10
C PHE D 91 19.73 33.23 -39.98
N ASN D 92 19.43 34.38 -39.41
CA ASN D 92 18.73 35.44 -40.13
C ASN D 92 17.44 34.93 -40.75
N ALA D 93 16.68 34.20 -39.94
CA ALA D 93 15.41 33.59 -40.37
C ALA D 93 14.21 34.30 -39.76
N GLY D 94 13.14 34.34 -40.55
CA GLY D 94 11.91 35.04 -40.14
C GLY D 94 11.08 34.23 -39.18
N HIS D 95 11.27 32.91 -39.24
CA HIS D 95 10.48 31.98 -38.44
C HIS D 95 11.26 30.75 -38.03
N ALA D 96 10.99 30.30 -36.81
CA ALA D 96 11.64 29.11 -36.27
C ALA D 96 10.70 28.25 -35.45
N ASN D 97 10.99 26.96 -35.49
CA ASN D 97 10.39 26.00 -34.60
C ASN D 97 11.50 25.17 -33.96
N VAL D 98 11.55 25.14 -32.64
CA VAL D 98 12.67 24.56 -31.90
C VAL D 98 12.25 23.33 -31.09
N GLN D 99 11.10 22.80 -31.47
CA GLN D 99 10.49 21.69 -30.77
C GLN D 99 10.94 20.27 -31.14
N PRO D 100 11.31 20.02 -32.38
CA PRO D 100 11.66 18.63 -32.70
C PRO D 100 12.72 18.02 -31.80
N HIS D 101 12.50 16.77 -31.47
CA HIS D 101 13.34 16.03 -30.58
C HIS D 101 14.56 15.55 -31.26
N SER D 102 14.60 15.70 -32.55
CA SER D 102 15.73 15.28 -33.37
C SER D 102 15.72 15.90 -34.75
N GLY D 103 16.87 15.79 -35.39
CA GLY D 103 17.03 16.24 -36.78
C GLY D 103 16.13 15.47 -37.72
N ALA D 104 16.08 14.16 -37.54
CA ALA D 104 15.22 13.32 -38.32
C ALA D 104 13.77 13.72 -38.15
N GLN D 105 13.39 14.06 -36.95
CA GLN D 105 12.03 14.45 -36.70
C GLN D 105 11.71 15.81 -37.31
N ALA D 106 12.69 16.71 -37.32
CA ALA D 106 12.53 17.95 -38.03
C ALA D 106 12.31 17.70 -39.52
N ASN D 107 13.09 16.78 -40.05
CA ASN D 107 13.05 16.52 -41.50
C ASN D 107 11.71 15.93 -41.85
N GLY D 108 11.21 15.14 -40.92
CA GLY D 108 9.99 14.38 -41.12
C GLY D 108 8.81 15.32 -41.13
N ALA D 109 8.89 16.32 -40.27
CA ALA D 109 7.81 17.28 -40.09
C ALA D 109 7.69 18.11 -41.34
N VAL D 110 8.84 18.39 -41.93
CA VAL D 110 8.90 19.29 -43.08
C VAL D 110 8.31 18.61 -44.28
N MET D 111 8.73 17.37 -44.47
CA MET D 111 8.21 16.55 -45.57
C MET D 111 6.70 16.34 -45.44
N LEU D 112 6.24 16.09 -44.22
CA LEU D 112 4.82 15.86 -43.96
C LEU D 112 4.00 17.12 -44.23
N ALA D 113 4.72 18.24 -44.33
CA ALA D 113 4.11 19.55 -44.43
C ALA D 113 4.19 20.11 -45.84
N LEU D 114 5.22 19.69 -46.56
CA LEU D 114 5.55 20.27 -47.86
C LEU D 114 5.33 19.28 -48.99
N ALA D 115 5.02 18.06 -48.59
CA ALA D 115 4.84 16.97 -49.55
C ALA D 115 3.58 16.16 -49.29
N LYS D 116 3.04 15.64 -50.38
CA LYS D 116 1.90 14.74 -50.34
C LYS D 116 2.35 13.29 -50.49
N PRO D 117 1.57 12.36 -49.93
CA PRO D 117 1.89 10.97 -50.15
C PRO D 117 1.87 10.68 -51.62
N GLY D 118 2.91 10.01 -52.10
CA GLY D 118 3.00 9.58 -53.48
C GLY D 118 3.85 10.56 -54.27
N ASP D 119 4.18 11.67 -53.60
CA ASP D 119 5.06 12.69 -54.20
C ASP D 119 6.44 12.13 -54.42
N THR D 120 7.12 12.72 -55.40
CA THR D 120 8.52 12.38 -55.67
C THR D 120 9.43 13.40 -55.04
N VAL D 121 10.32 12.88 -54.20
CA VAL D 121 11.30 13.70 -53.48
C VAL D 121 12.72 13.32 -53.85
N LEU D 122 13.45 14.33 -54.28
CA LEU D 122 14.83 14.19 -54.75
C LEU D 122 15.83 14.66 -53.71
N GLY D 123 16.62 13.72 -53.21
CA GLY D 123 17.59 14.00 -52.14
C GLY D 123 18.97 13.43 -52.38
N MET D 124 19.94 13.95 -51.64
CA MET D 124 21.34 13.53 -51.78
C MET D 124 21.66 12.23 -51.04
N SER D 125 22.59 11.52 -51.64
CA SER D 125 23.16 10.31 -51.05
C SER D 125 24.60 10.11 -51.50
N LEU D 126 25.45 9.93 -50.51
CA LEU D 126 26.90 9.88 -50.71
C LEU D 126 27.44 8.44 -50.63
N PHE D 145 6.16 8.50 -50.08
CA PHE D 145 7.06 9.29 -50.91
C PHE D 145 7.94 8.42 -51.77
N ASN D 146 8.04 8.80 -53.04
CA ASN D 146 8.95 8.16 -53.98
C ASN D 146 10.31 8.85 -53.90
N ALA D 147 11.17 8.29 -53.05
CA ALA D 147 12.48 8.87 -52.76
C ALA D 147 13.48 8.55 -53.84
N LEU D 148 13.93 9.61 -54.52
CA LEU D 148 14.97 9.51 -55.54
C LEU D 148 16.24 10.14 -55.02
N GLN D 149 17.36 9.54 -55.42
CA GLN D 149 18.67 9.97 -54.96
C GLN D 149 19.56 10.50 -56.06
N TYR D 150 20.26 11.58 -55.72
CA TYR D 150 21.38 12.07 -56.54
C TYR D 150 22.64 11.95 -55.70
N GLY D 151 23.76 11.92 -56.38
CA GLY D 151 25.04 11.82 -55.68
C GLY D 151 26.12 12.64 -56.31
N VAL D 152 27.33 12.11 -56.21
CA VAL D 152 28.51 12.77 -56.76
C VAL D 152 29.02 12.02 -57.97
N SER D 153 29.83 12.71 -58.74
CA SER D 153 30.48 12.15 -59.92
C SER D 153 31.54 11.10 -59.63
N ARG D 154 31.54 10.01 -60.40
CA ARG D 154 32.45 8.94 -60.21
C ARG D 154 33.86 9.40 -60.42
N ASP D 155 34.00 10.45 -61.21
CA ASP D 155 35.29 10.88 -61.68
C ASP D 155 35.89 12.07 -60.93
N THR D 156 35.04 12.87 -60.29
CA THR D 156 35.48 14.01 -59.53
C THR D 156 35.11 13.96 -58.04
N MET D 157 34.16 13.11 -57.70
CA MET D 157 33.70 12.95 -56.31
C MET D 157 32.93 14.19 -55.86
N LEU D 158 32.64 15.05 -56.83
CA LEU D 158 31.85 16.27 -56.57
C LEU D 158 30.40 16.14 -57.03
N ILE D 159 29.54 16.86 -56.34
CA ILE D 159 28.09 16.89 -56.65
C ILE D 159 27.76 17.09 -58.12
N ASP D 160 26.85 16.22 -58.58
CA ASP D 160 26.34 16.21 -59.97
C ASP D 160 25.24 17.23 -60.20
N TYR D 161 25.61 18.46 -60.51
CA TYR D 161 24.60 19.51 -60.59
C TYR D 161 23.83 19.41 -61.90
N ASP D 162 24.58 19.17 -62.96
CA ASP D 162 23.98 19.14 -64.29
C ASP D 162 23.08 17.93 -64.23
N GLN D 163 23.57 16.95 -63.47
CA GLN D 163 22.91 15.65 -63.33
C GLN D 163 21.79 15.67 -62.29
N VAL D 164 21.85 16.63 -61.39
CA VAL D 164 20.78 16.81 -60.40
C VAL D 164 19.60 17.42 -61.10
N GLU D 165 19.94 18.42 -61.89
CA GLU D 165 18.97 19.11 -62.73
C GLU D 165 18.41 18.12 -63.71
N ALA D 166 19.32 17.52 -64.44
CA ALA D 166 18.96 16.54 -65.45
C ALA D 166 17.81 15.75 -64.86
N LEU D 167 18.06 15.27 -63.65
CA LEU D 167 17.20 14.27 -63.03
C LEU D 167 15.93 14.84 -62.40
N ALA D 168 15.97 16.13 -62.08
CA ALA D 168 14.82 16.84 -61.52
C ALA D 168 13.83 17.05 -62.65
N GLN D 169 14.41 17.47 -63.75
CA GLN D 169 13.71 17.72 -65.01
C GLN D 169 12.93 16.48 -65.38
N GLN D 170 13.67 15.39 -65.32
CA GLN D 170 13.16 14.05 -65.63
C GLN D 170 11.99 13.63 -64.76
N HIS D 171 12.27 13.46 -63.48
CA HIS D 171 11.33 12.85 -62.53
C HIS D 171 10.32 13.81 -61.90
N LYS D 172 10.50 15.11 -62.15
CA LYS D 172 9.55 16.10 -61.66
C LYS D 172 9.24 15.96 -60.17
N PRO D 173 10.24 16.16 -59.32
CA PRO D 173 10.00 16.05 -57.89
C PRO D 173 9.30 17.28 -57.37
N SER D 174 8.49 17.08 -56.33
CA SER D 174 7.74 18.16 -55.70
C SER D 174 8.65 18.85 -54.70
N LEU D 175 9.66 18.10 -54.31
CA LEU D 175 10.59 18.55 -53.27
C LEU D 175 12.01 18.11 -53.60
N ILE D 176 12.91 19.08 -53.58
CA ILE D 176 14.34 18.81 -53.67
C ILE D 176 15.00 19.10 -52.32
N ILE D 177 15.81 18.16 -51.89
CA ILE D 177 16.54 18.25 -50.63
C ILE D 177 18.03 18.30 -50.86
N ALA D 178 18.63 19.37 -50.35
CA ALA D 178 20.07 19.56 -50.40
C ALA D 178 20.64 19.42 -49.00
N GLY D 179 21.90 19.05 -48.95
CA GLY D 179 22.57 18.75 -47.69
C GLY D 179 22.32 17.31 -47.31
N PHE D 180 22.08 17.09 -46.03
CA PHE D 180 21.73 15.77 -45.49
C PHE D 180 22.93 14.86 -45.39
N SER D 181 23.73 14.87 -46.45
CA SER D 181 24.95 14.04 -46.51
C SER D 181 26.14 14.75 -45.92
N ALA D 182 27.02 13.95 -45.32
CA ALA D 182 28.28 14.43 -44.75
C ALA D 182 29.31 14.64 -45.86
N TYR D 183 29.07 15.72 -46.58
CA TYR D 183 29.83 16.10 -47.77
C TYR D 183 30.89 17.15 -47.42
N PRO D 184 32.14 16.94 -47.84
CA PRO D 184 33.21 17.81 -47.31
C PRO D 184 33.45 19.10 -48.09
N ARG D 185 32.59 19.38 -49.05
CA ARG D 185 32.74 20.59 -49.86
C ARG D 185 31.49 21.47 -49.77
N LYS D 186 31.69 22.74 -50.09
CA LYS D 186 30.59 23.72 -50.13
C LYS D 186 29.43 23.20 -50.94
N LEU D 187 28.25 23.60 -50.50
CA LEU D 187 27.00 23.38 -51.23
C LEU D 187 26.48 24.68 -51.82
N ASP D 188 26.11 24.63 -53.10
CA ASP D 188 25.62 25.81 -53.82
C ASP D 188 24.11 25.93 -53.77
N PHE D 189 23.63 26.53 -52.70
CA PHE D 189 22.19 26.55 -52.41
C PHE D 189 21.45 27.32 -53.48
N ALA D 190 22.09 28.36 -53.99
CA ALA D 190 21.47 29.21 -55.02
C ALA D 190 21.20 28.37 -56.26
N ARG D 191 22.19 27.53 -56.60
CA ARG D 191 22.09 26.68 -57.78
C ARG D 191 21.01 25.65 -57.56
N PHE D 192 20.91 25.20 -56.31
CA PHE D 192 19.91 24.19 -55.96
C PHE D 192 18.53 24.80 -56.11
N ARG D 193 18.45 26.07 -55.76
CA ARG D 193 17.16 26.77 -55.74
C ARG D 193 16.74 27.05 -57.17
N ALA D 194 17.74 27.30 -57.99
CA ALA D 194 17.51 27.59 -59.41
C ALA D 194 16.94 26.34 -60.07
N ILE D 195 17.56 25.22 -59.75
CA ILE D 195 17.14 23.94 -60.32
C ILE D 195 15.73 23.66 -59.86
N ALA D 196 15.47 24.03 -58.61
CA ALA D 196 14.19 23.75 -57.98
C ALA D 196 13.11 24.51 -58.73
N ASP D 197 13.41 25.78 -58.93
CA ASP D 197 12.49 26.73 -59.56
C ASP D 197 12.14 26.23 -60.95
N SER D 198 13.12 25.61 -61.57
CA SER D 198 13.05 25.19 -62.98
C SER D 198 11.97 24.15 -63.21
N VAL D 199 11.61 23.47 -62.13
CA VAL D 199 10.72 22.31 -62.24
C VAL D 199 9.56 22.39 -61.27
N GLY D 200 9.37 23.57 -60.71
CA GLY D 200 8.24 23.86 -59.83
C GLY D 200 8.29 23.08 -58.54
N ALA D 201 9.50 22.91 -58.02
CA ALA D 201 9.71 22.21 -56.77
C ALA D 201 10.16 23.16 -55.68
N LYS D 202 9.83 22.80 -54.45
CA LYS D 202 10.36 23.52 -53.29
C LYS D 202 11.72 22.96 -52.95
N LEU D 203 12.53 23.82 -52.36
CA LEU D 203 13.87 23.45 -51.90
C LEU D 203 13.92 23.39 -50.39
N MET D 204 14.29 22.21 -49.90
CA MET D 204 14.57 21.99 -48.49
C MET D 204 16.06 21.75 -48.31
N VAL D 205 16.60 22.36 -47.26
CA VAL D 205 17.99 22.14 -46.90
C VAL D 205 18.12 21.59 -45.49
N ASP D 206 18.76 20.45 -45.40
CA ASP D 206 19.13 19.84 -44.13
C ASP D 206 20.57 20.18 -43.85
N MET D 207 20.78 21.15 -42.98
CA MET D 207 22.12 21.68 -42.72
C MET D 207 22.72 21.06 -41.46
N ALA D 208 22.17 19.92 -41.09
CA ALA D 208 22.56 19.28 -39.83
C ALA D 208 24.07 19.09 -39.69
N HIS D 209 24.75 18.80 -40.80
CA HIS D 209 26.18 18.43 -40.71
C HIS D 209 27.07 19.65 -40.68
N ILE D 210 26.50 20.80 -41.01
CA ILE D 210 27.28 22.03 -41.17
C ILE D 210 26.70 23.28 -40.51
N ALA D 211 25.76 23.06 -39.59
CA ALA D 211 24.97 24.17 -39.03
C ALA D 211 25.87 25.21 -38.35
N GLY D 212 26.85 24.73 -37.61
CA GLY D 212 27.76 25.61 -36.86
C GLY D 212 28.64 26.41 -37.78
N VAL D 213 28.99 25.80 -38.90
CA VAL D 213 29.85 26.45 -39.89
C VAL D 213 29.08 27.59 -40.51
N ILE D 214 27.80 27.34 -40.75
CA ILE D 214 26.90 28.32 -41.35
C ILE D 214 26.66 29.45 -40.34
N ALA D 215 26.49 29.04 -39.09
CA ALA D 215 26.18 30.00 -38.02
C ALA D 215 27.29 31.02 -37.83
N ALA D 216 28.51 30.61 -38.13
CA ALA D 216 29.71 31.45 -37.94
C ALA D 216 29.96 32.28 -39.20
N GLY D 217 29.11 32.05 -40.19
CA GLY D 217 29.20 32.75 -41.47
C GLY D 217 30.33 32.23 -42.33
N ARG D 218 30.68 30.97 -42.12
CA ARG D 218 31.82 30.36 -42.81
C ARG D 218 31.37 29.41 -43.91
N HIS D 219 30.07 29.41 -44.11
CA HIS D 219 29.44 28.71 -45.23
C HIS D 219 28.17 29.46 -45.60
N ALA D 220 27.88 29.49 -46.89
CA ALA D 220 26.66 30.11 -47.40
C ALA D 220 25.46 29.67 -46.57
N ASN D 221 24.59 30.63 -46.29
CA ASN D 221 23.38 30.39 -45.50
C ASN D 221 22.19 29.97 -46.36
N PRO D 222 21.68 28.75 -46.14
CA PRO D 222 20.63 28.20 -47.01
C PRO D 222 19.29 28.87 -46.79
N VAL D 223 19.21 29.61 -45.69
CA VAL D 223 17.96 30.27 -45.31
C VAL D 223 17.57 31.28 -46.41
N GLU D 224 18.60 31.84 -47.02
CA GLU D 224 18.46 32.85 -48.07
C GLU D 224 17.98 32.27 -49.39
N HIS D 225 17.96 30.95 -49.52
CA HIS D 225 17.68 30.28 -50.78
C HIS D 225 16.66 29.13 -50.74
N ALA D 226 16.48 28.54 -49.58
CA ALA D 226 15.58 27.40 -49.43
C ALA D 226 14.24 27.88 -48.90
N HIS D 227 13.20 27.13 -49.23
CA HIS D 227 11.85 27.43 -48.75
C HIS D 227 11.80 27.07 -47.28
N VAL D 228 12.67 26.13 -46.95
CA VAL D 228 12.70 25.59 -45.59
C VAL D 228 14.05 24.96 -45.28
N VAL D 229 14.46 25.15 -44.03
CA VAL D 229 15.73 24.64 -43.57
C VAL D 229 15.55 23.87 -42.27
N THR D 230 16.16 22.71 -42.22
CA THR D 230 16.15 21.89 -41.02
C THR D 230 17.56 21.71 -40.50
N SER D 231 17.64 21.38 -39.22
CA SER D 231 18.94 21.13 -38.58
C SER D 231 18.83 20.40 -37.27
N THR D 232 19.99 19.93 -36.84
CA THR D 232 20.19 19.37 -35.50
C THR D 232 20.74 20.48 -34.61
N THR D 233 20.69 20.27 -33.30
CA THR D 233 21.19 21.27 -32.36
C THR D 233 22.49 20.84 -31.74
N HIS D 234 22.86 19.59 -31.97
CA HIS D 234 24.14 19.09 -31.50
C HIS D 234 25.19 19.22 -32.60
N LYS D 235 26.14 18.32 -32.63
CA LYS D 235 27.21 18.35 -33.65
C LYS D 235 27.96 19.70 -33.61
N THR D 236 28.02 20.38 -34.75
CA THR D 236 28.83 21.61 -34.82
C THR D 236 28.16 22.81 -34.14
N LEU D 237 26.92 22.63 -33.69
CA LEU D 237 26.24 23.67 -32.88
C LEU D 237 26.45 23.42 -31.40
N ARG D 238 26.97 22.24 -31.08
CA ARG D 238 27.52 21.98 -29.76
C ARG D 238 26.44 22.11 -28.68
N GLY D 239 25.22 21.80 -29.06
CA GLY D 239 24.11 21.74 -28.11
C GLY D 239 23.62 20.35 -27.73
N PRO D 240 22.44 20.29 -27.11
CA PRO D 240 21.84 18.99 -26.89
C PRO D 240 21.37 18.35 -28.18
N ARG D 241 21.07 17.07 -28.10
CA ARG D 241 20.44 16.40 -29.22
C ARG D 241 19.08 17.05 -29.41
N GLY D 242 18.74 17.30 -30.65
CA GLY D 242 17.46 17.90 -30.98
C GLY D 242 17.43 18.49 -32.36
N GLY D 243 16.29 19.02 -32.74
CA GLY D 243 16.16 19.63 -34.04
C GLY D 243 15.47 20.96 -34.03
N PHE D 244 15.54 21.61 -35.17
CA PHE D 244 14.77 22.81 -35.42
C PHE D 244 14.50 22.99 -36.89
N VAL D 245 13.56 23.89 -37.15
CA VAL D 245 13.15 24.22 -38.50
C VAL D 245 13.08 25.73 -38.68
N LEU D 246 13.61 26.19 -39.82
CA LEU D 246 13.64 27.61 -40.18
C LEU D 246 12.99 27.86 -41.53
N THR D 247 12.33 29.02 -41.60
CA THR D 247 11.76 29.51 -42.86
C THR D 247 11.51 31.01 -42.81
N ASN D 248 11.50 31.60 -43.99
CA ASN D 248 11.22 33.04 -44.12
C ASN D 248 9.77 33.23 -44.51
N ASP D 249 9.13 32.10 -44.79
CA ASP D 249 7.75 32.09 -45.28
C ASP D 249 6.75 31.77 -44.18
N GLU D 250 5.88 32.73 -43.92
CA GLU D 250 4.99 32.64 -42.76
C GLU D 250 4.02 31.48 -42.92
N GLU D 251 3.58 31.26 -44.16
CA GLU D 251 2.56 30.25 -44.41
C GLU D 251 3.16 28.87 -44.32
N ILE D 252 4.46 28.81 -44.58
CA ILE D 252 5.19 27.55 -44.47
C ILE D 252 5.39 27.27 -43.00
N ALA D 253 5.67 28.34 -42.26
CA ALA D 253 5.88 28.28 -40.82
C ALA D 253 4.68 27.69 -40.10
N LYS D 254 3.49 28.17 -40.46
CA LYS D 254 2.25 27.64 -39.87
C LYS D 254 2.08 26.15 -40.13
N LYS D 255 2.45 25.72 -41.33
CA LYS D 255 2.33 24.32 -41.71
C LYS D 255 3.34 23.49 -40.95
N ILE D 256 4.46 24.10 -40.69
CA ILE D 256 5.55 23.43 -39.99
C ILE D 256 5.11 23.23 -38.56
N ASN D 257 4.56 24.28 -37.99
CA ASN D 257 4.15 24.25 -36.59
C ASN D 257 3.10 23.19 -36.38
N SER D 258 2.25 23.03 -37.38
CA SER D 258 1.15 22.07 -37.30
C SER D 258 1.68 20.66 -37.42
N ALA D 259 2.70 20.49 -38.25
CA ALA D 259 3.22 19.17 -38.62
C ALA D 259 4.16 18.64 -37.55
N VAL D 260 4.69 19.56 -36.77
CA VAL D 260 5.53 19.21 -35.62
C VAL D 260 4.66 18.94 -34.40
N GLY D 267 7.69 14.83 -25.86
CA GLY D 267 8.01 16.21 -25.52
C GLY D 267 6.78 16.96 -25.04
N PRO D 268 6.95 18.27 -24.80
CA PRO D 268 8.24 18.92 -24.99
C PRO D 268 9.10 18.84 -23.76
N LEU D 269 10.40 18.79 -24.01
CA LEU D 269 11.40 18.68 -22.95
C LEU D 269 11.97 20.05 -22.71
N MET D 270 11.40 20.76 -21.74
CA MET D 270 11.72 22.18 -21.57
C MET D 270 13.17 22.40 -21.18
N HIS D 271 13.71 21.44 -20.42
CA HIS D 271 15.12 21.48 -20.07
C HIS D 271 16.04 21.32 -21.26
N VAL D 272 15.58 20.53 -22.19
CA VAL D 272 16.30 20.36 -23.45
C VAL D 272 16.17 21.64 -24.28
N ILE D 273 15.00 22.24 -24.27
CA ILE D 273 14.79 23.48 -25.02
C ILE D 273 15.66 24.57 -24.42
N ALA D 274 15.81 24.52 -23.09
CA ALA D 274 16.67 25.48 -22.41
C ALA D 274 18.10 25.29 -22.89
N GLY D 275 18.46 24.04 -23.11
CA GLY D 275 19.80 23.69 -23.56
C GLY D 275 20.04 24.22 -24.96
N LYS D 276 19.00 24.17 -25.78
CA LYS D 276 19.07 24.69 -27.15
C LYS D 276 19.25 26.19 -27.08
N ALA D 277 18.53 26.82 -26.17
CA ALA D 277 18.62 28.27 -26.03
C ALA D 277 20.04 28.66 -25.67
N VAL D 278 20.60 27.90 -24.74
CA VAL D 278 21.98 28.16 -24.25
C VAL D 278 22.97 28.04 -25.39
N ALA D 279 22.81 26.98 -26.18
CA ALA D 279 23.75 26.71 -27.28
C ALA D 279 23.61 27.75 -28.38
N PHE D 280 22.38 28.15 -28.67
CA PHE D 280 22.15 29.17 -29.70
C PHE D 280 22.78 30.48 -29.23
N GLY D 281 22.63 30.73 -27.94
CA GLY D 281 23.23 31.92 -27.36
C GLY D 281 24.74 31.91 -27.50
N GLU D 282 25.34 30.74 -27.26
CA GLU D 282 26.79 30.60 -27.37
C GLU D 282 27.25 30.85 -28.80
N ALA D 283 26.42 30.45 -29.75
CA ALA D 283 26.81 30.46 -31.16
C ALA D 283 26.76 31.88 -31.69
N LEU D 284 26.03 32.72 -30.97
CA LEU D 284 25.83 34.13 -31.35
C LEU D 284 27.05 34.94 -30.97
N THR D 285 27.91 34.34 -30.16
CA THR D 285 29.08 35.05 -29.60
C THR D 285 30.30 34.97 -30.49
N ASP D 286 31.16 35.96 -30.33
CA ASP D 286 32.42 36.00 -31.10
C ASP D 286 33.25 34.76 -30.80
N ASP D 287 33.15 34.27 -29.57
CA ASP D 287 33.96 33.11 -29.17
C ASP D 287 33.64 31.91 -30.05
N PHE D 288 32.39 31.86 -30.50
CA PHE D 288 31.94 30.74 -31.36
C PHE D 288 32.51 30.86 -32.77
N LYS D 289 32.67 32.11 -33.20
CA LYS D 289 33.25 32.38 -34.51
C LYS D 289 34.71 31.93 -34.51
N THR D 290 35.38 32.16 -33.39
CA THR D 290 36.78 31.79 -33.25
C THR D 290 36.90 30.27 -33.20
N TYR D 291 35.95 29.66 -32.51
CA TYR D 291 35.88 28.20 -32.40
C TYR D 291 35.83 27.59 -33.80
N ILE D 292 34.85 28.03 -34.56
CA ILE D 292 34.64 27.51 -35.93
C ILE D 292 35.88 27.77 -36.79
N ASP D 293 36.48 28.94 -36.60
CA ASP D 293 37.69 29.26 -37.36
C ASP D 293 38.77 28.19 -37.11
N ARG D 294 38.87 27.79 -35.85
CA ARG D 294 39.89 26.81 -35.44
C ARG D 294 39.48 25.41 -35.92
N VAL D 295 38.18 25.15 -35.93
CA VAL D 295 37.67 23.85 -36.41
C VAL D 295 38.11 23.67 -37.85
N LEU D 296 37.91 24.72 -38.62
CA LEU D 296 38.18 24.69 -40.07
C LEU D 296 39.67 24.56 -40.32
N ALA D 297 40.45 25.34 -39.57
CA ALA D 297 41.90 25.37 -39.75
C ALA D 297 42.49 24.04 -39.32
N ASN D 298 41.84 23.44 -38.34
CA ASN D 298 42.35 22.20 -37.76
C ASN D 298 42.12 21.07 -38.74
N ALA D 299 41.05 21.19 -39.52
CA ALA D 299 40.71 20.14 -40.49
C ALA D 299 41.70 20.20 -41.64
N GLN D 300 42.14 21.40 -41.96
CA GLN D 300 43.15 21.57 -43.03
C GLN D 300 44.47 20.98 -42.59
N ALA D 301 44.79 21.22 -41.33
CA ALA D 301 46.08 20.80 -40.78
C ALA D 301 46.15 19.28 -40.77
N LEU D 302 45.04 18.67 -40.38
CA LEU D 302 44.96 17.22 -40.18
C LEU D 302 44.94 16.55 -41.55
N GLY D 303 44.18 17.15 -42.44
CA GLY D 303 44.01 16.65 -43.80
C GLY D 303 45.34 16.65 -44.53
N ASP D 304 46.07 17.75 -44.39
CA ASP D 304 47.36 17.85 -45.07
C ASP D 304 48.31 16.78 -44.57
N VAL D 305 48.26 16.51 -43.27
CA VAL D 305 49.19 15.55 -42.69
C VAL D 305 48.89 14.14 -43.21
N LEU D 306 47.60 13.83 -43.31
CA LEU D 306 47.18 12.50 -43.75
C LEU D 306 47.53 12.32 -45.22
N LYS D 307 47.30 13.33 -46.02
CA LYS D 307 47.69 13.27 -47.41
C LYS D 307 49.17 13.11 -47.57
N ALA D 308 49.96 13.83 -46.81
CA ALA D 308 51.41 13.77 -46.95
C ALA D 308 51.89 12.37 -46.59
N GLY D 309 51.06 11.70 -45.80
CA GLY D 309 51.38 10.41 -45.20
C GLY D 309 50.98 9.26 -46.09
N GLY D 310 50.41 9.62 -47.23
CA GLY D 310 50.15 8.65 -48.30
C GLY D 310 48.75 8.06 -48.37
N VAL D 311 47.78 8.69 -47.74
CA VAL D 311 46.38 8.36 -48.06
C VAL D 311 45.74 9.48 -48.84
N ASP D 312 44.58 9.15 -49.38
CA ASP D 312 43.81 10.10 -50.17
C ASP D 312 42.65 10.63 -49.36
N LEU D 313 42.15 11.77 -49.80
CA LEU D 313 40.93 12.37 -49.28
C LEU D 313 39.91 12.46 -50.39
N VAL D 314 38.69 12.03 -50.10
CA VAL D 314 37.59 12.18 -51.05
C VAL D 314 37.36 13.67 -51.32
N THR D 315 37.40 14.00 -52.62
CA THR D 315 37.34 15.37 -53.18
C THR D 315 38.66 16.11 -53.06
N GLY D 316 39.63 15.44 -52.47
CA GLY D 316 41.02 15.91 -52.41
C GLY D 316 41.29 16.87 -51.27
N GLY D 317 40.27 17.07 -50.47
CA GLY D 317 40.39 17.86 -49.26
C GLY D 317 39.06 18.16 -48.64
N THR D 318 38.96 19.34 -48.04
CA THR D 318 37.73 19.76 -47.40
C THR D 318 37.54 21.27 -47.38
N ASP D 319 36.28 21.68 -47.37
CA ASP D 319 35.88 23.07 -47.18
C ASP D 319 35.33 23.29 -45.78
N ASN D 320 35.23 22.22 -45.02
CA ASN D 320 34.63 22.30 -43.69
C ASN D 320 35.39 21.52 -42.64
N HIS D 321 34.64 20.94 -41.70
CA HIS D 321 35.25 20.23 -40.57
C HIS D 321 35.47 18.76 -40.86
N LEU D 322 34.97 18.34 -42.00
CA LEU D 322 34.91 16.90 -42.34
C LEU D 322 36.06 16.46 -43.21
N LEU D 323 36.61 15.31 -42.87
CA LEU D 323 37.58 14.64 -43.74
C LEU D 323 37.11 13.23 -44.06
N LEU D 324 36.99 12.96 -45.35
CA LEU D 324 36.62 11.63 -45.84
C LEU D 324 37.89 10.96 -46.37
N VAL D 325 38.45 10.09 -45.56
CA VAL D 325 39.71 9.44 -45.86
C VAL D 325 39.51 8.20 -46.73
N ASP D 326 40.28 8.18 -47.81
CA ASP D 326 40.33 7.05 -48.76
C ASP D 326 41.59 6.24 -48.50
N LEU D 327 41.40 5.02 -48.02
CA LEU D 327 42.49 4.20 -47.46
C LEU D 327 43.16 3.34 -48.53
N ARG D 328 42.56 3.39 -49.70
CA ARG D 328 42.96 2.52 -50.81
C ARG D 328 44.45 2.52 -51.13
N PRO D 329 45.10 3.68 -51.06
CA PRO D 329 46.53 3.72 -51.42
C PRO D 329 47.40 2.90 -50.49
N LYS D 330 46.84 2.53 -49.35
CA LYS D 330 47.59 1.75 -48.35
C LYS D 330 47.04 0.34 -48.24
N GLY D 331 46.03 0.10 -49.06
CA GLY D 331 45.36 -1.20 -49.13
C GLY D 331 44.66 -1.57 -47.85
N LEU D 332 44.30 -0.54 -47.09
CA LEU D 332 43.55 -0.74 -45.83
C LEU D 332 42.05 -0.69 -46.00
N LYS D 333 41.39 -1.23 -44.97
CA LYS D 333 39.93 -1.37 -44.93
C LYS D 333 39.34 -0.57 -43.79
N GLY D 334 38.18 0.00 -44.03
CA GLY D 334 37.54 0.93 -43.09
C GLY D 334 37.27 0.33 -41.73
N ALA D 335 36.69 -0.86 -41.73
CA ALA D 335 36.31 -1.51 -40.47
C ALA D 335 37.55 -1.82 -39.66
N GLN D 336 38.58 -2.32 -40.35
CA GLN D 336 39.80 -2.75 -39.67
C GLN D 336 40.53 -1.54 -39.10
N VAL D 337 40.46 -0.44 -39.83
CA VAL D 337 41.12 0.79 -39.40
C VAL D 337 40.39 1.43 -38.22
N GLU D 338 39.08 1.48 -38.31
CA GLU D 338 38.27 2.03 -37.21
C GLU D 338 38.55 1.28 -35.92
N GLN D 339 38.65 -0.02 -36.04
CA GLN D 339 38.84 -0.89 -34.87
C GLN D 339 40.20 -0.66 -34.25
N ALA D 340 41.21 -0.56 -35.11
CA ALA D 340 42.59 -0.43 -34.64
C ALA D 340 42.80 0.93 -33.99
N LEU D 341 42.22 1.94 -34.63
CA LEU D 341 42.32 3.32 -34.12
C LEU D 341 41.68 3.41 -32.73
N GLU D 342 40.51 2.80 -32.59
CA GLU D 342 39.82 2.81 -31.31
C GLU D 342 40.65 2.14 -30.21
N ARG D 343 41.35 1.06 -30.55
CA ARG D 343 42.19 0.39 -29.55
C ARG D 343 43.32 1.33 -29.14
N ALA D 344 43.62 2.24 -30.05
CA ALA D 344 44.76 3.17 -29.93
C ALA D 344 44.31 4.49 -29.33
N GLY D 345 43.03 4.55 -29.00
CA GLY D 345 42.46 5.69 -28.26
C GLY D 345 41.93 6.82 -29.12
N ILE D 346 41.71 6.49 -30.39
CA ILE D 346 41.20 7.43 -31.38
C ILE D 346 39.92 6.91 -32.00
N THR D 347 38.82 7.61 -31.75
CA THR D 347 37.53 7.18 -32.27
C THR D 347 37.12 7.91 -33.54
N CYS D 348 36.72 7.09 -34.50
CA CYS D 348 36.12 7.56 -35.75
C CYS D 348 35.09 6.58 -36.26
N ASN D 349 34.63 6.82 -37.47
CA ASN D 349 33.66 5.95 -38.15
C ASN D 349 34.25 5.43 -39.44
N LYS D 350 34.12 4.13 -39.66
CA LYS D 350 34.36 3.60 -41.01
C LYS D 350 33.36 4.28 -41.91
N ASN D 351 33.71 4.38 -43.18
CA ASN D 351 32.90 5.12 -44.13
C ASN D 351 33.10 4.63 -45.54
N GLY D 352 31.99 4.22 -46.15
CA GLY D 352 32.00 3.82 -47.54
C GLY D 352 32.17 5.06 -48.40
N ILE D 353 33.24 5.05 -49.19
CA ILE D 353 33.53 6.14 -50.13
C ILE D 353 32.55 6.06 -51.31
N PRO D 354 32.37 7.17 -52.05
CA PRO D 354 31.49 7.03 -53.20
C PRO D 354 32.01 5.96 -54.15
N PHE D 355 31.09 5.13 -54.64
CA PHE D 355 31.44 4.02 -55.53
C PHE D 355 32.49 3.09 -54.92
N ASP D 356 32.39 2.90 -53.61
CA ASP D 356 33.32 2.04 -52.87
C ASP D 356 33.37 0.64 -53.49
N PRO D 357 34.58 0.10 -53.67
CA PRO D 357 34.72 -1.24 -54.24
C PRO D 357 34.52 -2.31 -53.19
N GLU D 358 34.38 -1.91 -51.95
CA GLU D 358 34.22 -2.87 -50.86
C GLU D 358 32.76 -2.97 -50.45
N LYS D 359 32.37 -4.13 -49.91
CA LYS D 359 31.02 -4.22 -49.37
C LYS D 359 30.94 -3.37 -48.11
N PRO D 360 29.71 -2.97 -47.78
CA PRO D 360 29.38 -1.92 -46.83
C PRO D 360 29.83 -2.21 -45.40
N THR D 361 30.08 -3.47 -45.08
CA THR D 361 30.49 -3.85 -43.75
C THR D 361 31.98 -3.78 -43.66
N ILE D 362 32.60 -3.41 -44.78
CA ILE D 362 34.04 -3.33 -44.86
C ILE D 362 34.51 -1.89 -45.12
N THR D 363 34.19 -1.42 -46.32
CA THR D 363 34.44 -0.04 -46.77
C THR D 363 35.88 0.23 -47.03
N SER D 364 36.14 1.30 -47.76
CA SER D 364 37.50 1.69 -48.07
C SER D 364 37.88 3.01 -47.40
N GLY D 365 37.11 3.44 -46.43
CA GLY D 365 37.38 4.73 -45.83
C GLY D 365 37.02 4.88 -44.37
N ILE D 366 37.51 5.98 -43.81
CA ILE D 366 37.03 6.44 -42.51
C ILE D 366 36.64 7.91 -42.61
N ARG D 367 35.73 8.31 -41.75
CA ARG D 367 35.32 9.70 -41.67
C ARG D 367 35.80 10.30 -40.36
N LEU D 368 36.48 11.43 -40.49
CA LEU D 368 36.99 12.21 -39.37
C LEU D 368 36.41 13.62 -39.35
N GLY D 369 36.32 14.16 -38.14
CA GLY D 369 35.94 15.56 -37.95
C GLY D 369 36.67 16.17 -36.77
N THR D 370 36.97 17.47 -36.90
CA THR D 370 37.70 18.22 -35.87
C THR D 370 36.88 18.96 -34.77
N PRO D 371 35.53 18.96 -34.83
CA PRO D 371 34.83 19.76 -33.80
C PRO D 371 35.12 19.42 -32.32
N ALA D 372 35.18 18.14 -31.98
CA ALA D 372 35.31 17.73 -30.58
C ALA D 372 36.68 18.08 -30.04
N GLY D 373 37.70 17.77 -30.84
CA GLY D 373 39.07 18.00 -30.44
C GLY D 373 39.34 19.49 -30.34
N THR D 374 38.65 20.25 -31.17
CA THR D 374 38.85 21.70 -31.18
C THR D 374 38.24 22.28 -29.92
N THR D 375 37.12 21.71 -29.52
CA THR D 375 36.43 22.20 -28.33
C THR D 375 37.30 22.04 -27.09
N ARG D 376 38.09 20.98 -27.06
CA ARG D 376 38.91 20.72 -25.85
C ARG D 376 40.18 21.55 -25.87
N GLY D 377 40.38 22.25 -26.97
CA GLY D 377 41.51 23.21 -27.05
C GLY D 377 42.59 22.92 -28.08
N PHE D 378 42.41 21.84 -28.82
CA PHE D 378 43.41 21.49 -29.81
C PHE D 378 43.51 22.58 -30.87
N GLY D 379 44.74 22.91 -31.20
CA GLY D 379 45.07 23.73 -32.36
C GLY D 379 45.77 22.91 -33.41
N ALA D 380 46.34 23.59 -34.38
CA ALA D 380 46.91 22.93 -35.57
C ALA D 380 48.00 21.95 -35.19
N ALA D 381 48.82 22.33 -34.23
CA ALA D 381 49.96 21.51 -33.82
C ALA D 381 49.44 20.19 -33.26
N GLU D 382 48.37 20.29 -32.49
CA GLU D 382 47.82 19.11 -31.83
C GLU D 382 47.19 18.17 -32.83
N PHE D 383 46.49 18.74 -33.79
CA PHE D 383 45.85 17.92 -34.84
C PHE D 383 46.89 17.31 -35.76
N ARG D 384 48.04 17.95 -35.88
CA ARG D 384 49.13 17.38 -36.71
C ARG D 384 49.74 16.18 -35.99
N GLU D 385 49.76 16.28 -34.67
CA GLU D 385 50.26 15.21 -33.83
C GLU D 385 49.30 14.03 -33.94
N VAL D 386 48.00 14.34 -33.89
CA VAL D 386 47.00 13.28 -34.01
C VAL D 386 47.17 12.59 -35.36
N GLY D 387 47.47 13.38 -36.38
CA GLY D 387 47.66 12.85 -37.72
C GLY D 387 48.84 11.89 -37.75
N ARG D 388 49.90 12.32 -37.11
CA ARG D 388 51.14 11.55 -37.08
C ARG D 388 50.84 10.17 -36.50
N LEU D 389 50.01 10.18 -35.46
CA LEU D 389 49.73 8.98 -34.68
C LEU D 389 48.83 8.05 -35.46
N ILE D 390 47.91 8.66 -36.19
CA ILE D 390 46.99 7.90 -37.04
C ILE D 390 47.81 7.15 -38.09
N LEU D 391 48.72 7.90 -38.70
CA LEU D 391 49.59 7.34 -39.76
C LEU D 391 50.45 6.19 -39.24
N GLU D 392 50.85 6.30 -37.98
CA GLU D 392 51.58 5.23 -37.29
C GLU D 392 50.78 3.94 -37.25
N VAL D 393 49.50 4.07 -36.92
CA VAL D 393 48.61 2.91 -36.87
C VAL D 393 48.40 2.35 -38.28
N PHE D 394 48.25 3.24 -39.25
CA PHE D 394 48.06 2.83 -40.64
C PHE D 394 49.21 1.95 -41.08
N GLU D 395 50.41 2.35 -40.67
CA GLU D 395 51.61 1.68 -41.16
C GLU D 395 51.75 0.30 -40.56
N ALA D 396 51.36 0.20 -39.29
CA ALA D 396 51.37 -1.09 -38.61
C ALA D 396 50.40 -2.05 -39.29
N LEU D 397 49.27 -1.52 -39.74
CA LEU D 397 48.20 -2.34 -40.32
C LEU D 397 48.58 -2.87 -41.69
N ARG D 398 49.55 -2.20 -42.30
CA ARG D 398 49.97 -2.59 -43.65
C ARG D 398 50.64 -3.95 -43.64
N THR D 399 51.29 -4.27 -42.54
CA THR D 399 51.93 -5.58 -42.39
C THR D 399 51.19 -6.48 -41.42
N ASN D 400 50.09 -5.97 -40.88
CA ASN D 400 49.32 -6.67 -39.87
C ASN D 400 47.90 -6.14 -39.80
N PRO D 401 47.09 -6.40 -40.84
CA PRO D 401 45.78 -5.80 -40.97
C PRO D 401 44.88 -6.12 -39.79
N GLU D 402 45.19 -7.22 -39.12
CA GLU D 402 44.40 -7.63 -37.97
C GLU D 402 44.69 -6.75 -36.75
N GLY D 403 45.80 -6.03 -36.82
CA GLY D 403 46.19 -5.13 -35.74
C GLY D 403 47.57 -5.42 -35.17
N ASP D 404 48.24 -4.36 -34.73
CA ASP D 404 49.49 -4.50 -33.99
C ASP D 404 49.38 -3.95 -32.58
N HIS D 405 49.29 -4.84 -31.63
CA HIS D 405 49.00 -4.47 -30.28
C HIS D 405 49.99 -3.48 -29.74
N ALA D 406 51.23 -3.74 -30.06
CA ALA D 406 52.33 -2.98 -29.46
C ALA D 406 52.19 -1.52 -29.88
N THR D 407 51.85 -1.33 -31.14
CA THR D 407 51.80 0.01 -31.73
C THR D 407 50.59 0.76 -31.18
N GLU D 408 49.49 0.03 -31.10
CA GLU D 408 48.23 0.58 -30.62
C GLU D 408 48.37 1.07 -29.20
N GLN D 409 49.11 0.32 -28.39
CA GLN D 409 49.26 0.65 -26.97
C GLN D 409 50.10 1.90 -26.81
N ARG D 410 51.13 1.99 -27.62
CA ARG D 410 52.04 3.12 -27.53
C ARG D 410 51.28 4.36 -27.88
N VAL D 411 50.57 4.26 -28.99
CA VAL D 411 49.75 5.35 -29.50
C VAL D 411 48.71 5.76 -28.47
N ARG D 412 48.11 4.77 -27.82
CA ARG D 412 47.06 5.04 -26.84
C ARG D 412 47.62 5.89 -25.71
N ARG D 413 48.85 5.58 -25.33
CA ARG D 413 49.47 6.26 -24.20
C ARG D 413 49.86 7.68 -24.58
N GLU D 414 50.24 7.86 -25.84
CA GLU D 414 50.65 9.19 -26.30
C GLU D 414 49.41 10.05 -26.42
N ILE D 415 48.31 9.38 -26.72
CA ILE D 415 47.02 10.06 -26.90
C ILE D 415 46.57 10.53 -25.53
N PHE D 416 46.82 9.68 -24.54
CA PHE D 416 46.43 9.98 -23.16
C PHE D 416 47.18 11.21 -22.69
N ALA D 417 48.45 11.26 -23.07
CA ALA D 417 49.35 12.33 -22.62
C ALA D 417 48.95 13.65 -23.26
N LEU D 418 48.56 13.58 -24.52
CA LEU D 418 48.15 14.76 -25.28
C LEU D 418 46.87 15.29 -24.67
N CYS D 419 45.97 14.37 -24.34
CA CYS D 419 44.65 14.77 -23.84
C CYS D 419 44.75 15.41 -22.46
N GLU D 420 45.77 15.02 -21.72
CA GLU D 420 45.85 15.46 -20.32
C GLU D 420 46.35 16.89 -20.30
N ARG D 421 46.83 17.32 -21.46
CA ARG D 421 47.36 18.68 -21.64
C ARG D 421 46.24 19.61 -22.03
N PHE D 422 45.11 18.98 -22.35
CA PHE D 422 43.90 19.69 -22.80
C PHE D 422 42.65 19.15 -22.11
N PRO D 423 42.57 19.34 -20.79
CA PRO D 423 41.50 18.73 -20.01
C PRO D 423 40.14 19.33 -20.27
N ILE D 424 39.15 18.47 -20.15
CA ILE D 424 37.74 18.88 -20.27
C ILE D 424 37.06 18.82 -18.90
N TYR D 425 36.05 19.67 -18.76
CA TYR D 425 35.23 19.75 -17.55
C TYR D 425 36.09 19.82 -16.29
C1 GOL E . 11.32 10.59 -1.16
O1 GOL E . 10.74 9.30 -1.14
C2 GOL E . 10.38 11.61 -0.52
O2 GOL E . 9.13 11.62 -1.16
C3 GOL E . 11.03 12.99 -0.62
O3 GOL E . 10.33 13.91 0.18
C1 GOL F . -20.22 11.50 29.86
O1 GOL F . -20.00 12.25 31.02
C2 GOL F . -19.35 12.09 28.75
O2 GOL F . -18.00 11.89 29.07
C3 GOL F . -19.69 11.43 27.43
O3 GOL F . -18.75 11.83 26.45
C1 GOL G . -36.08 -23.13 32.08
O1 GOL G . -35.72 -24.33 32.74
C2 GOL G . -36.94 -23.46 30.87
O2 GOL G . -36.23 -24.31 30.02
C3 GOL G . -37.33 -22.18 30.14
O3 GOL G . -38.36 -22.48 29.22
C1 GOL H . 34.59 27.63 -26.67
O1 GOL H . 34.37 28.35 -27.87
C2 GOL H . 35.89 26.84 -26.80
O2 GOL H . 35.83 26.04 -27.95
C3 GOL H . 36.10 25.98 -25.56
O3 GOL H . 37.41 25.42 -25.57
#